data_13PK
#
_entry.id   13PK
#
_cell.length_a   113.213
_cell.length_b   115.959
_cell.length_c   171.327
_cell.angle_alpha   90.00
_cell.angle_beta   90.00
_cell.angle_gamma   90.00
#
_symmetry.space_group_name_H-M   'P 21 21 21'
#
loop_
_entity.id
_entity.type
_entity.pdbx_description
1 polymer '3-PHOSPHOGLYCERATE KINASE'
2 non-polymer 'MAGNESIUM ION'
3 non-polymer 'PHOSPHATE ION'
4 non-polymer "ADENOSINE-5'-DIPHOSPHATE"
5 non-polymer '3-PHOSPHOGLYCERIC ACID'
6 water water
#
_entity_poly.entity_id   1
_entity_poly.type   'polypeptide(L)'
_entity_poly.pdbx_seq_one_letter_code
;EKKSINECDLKGKKVLIRVDFNVPVKNGKITNDYRIRSALPTLKKVLTEGGSCVLMSHLGRPKGIPMAQAGKIRSTGGVP
GFQQKATLKPVAKRLSELLLRPVTFAPDCLNAADVVSKMSPGDVVLLENVRFYKEEGSKKAKDREAMAKILASYGDVYIS
DAFGTAHRDSATMTGIPKILGNGAAGYLMEKEISYFAKVLGNPPRPLVAIVGGAKVSDKIQLLDNMLQRIDYLLIGGAMA
YTFLKAQGYSIGKSKCEESKLEFARSLLKKAEDRKVQVILPIDHVCHTEFKAVDSPLITEDQNIPEGHMALDIGPKTIEK
YVQTIGKCKSAIWNGPMGVFEMVPYSKGTFAIAKAMGRGTHEHGLMSIIGGGDSASAAELSGEAKRMSHVSTGGGASLEL
LEGKTLPGVTVLDDK
;
_entity_poly.pdbx_strand_id   A,B,C,D
#
# COMPACT_ATOMS: atom_id res chain seq x y z
N GLU A 1 -14.75 23.19 35.24
CA GLU A 1 -15.47 22.58 34.09
C GLU A 1 -16.35 23.66 33.43
N LYS A 2 -16.66 23.45 32.16
CA LYS A 2 -17.46 24.39 31.39
C LYS A 2 -18.96 24.30 31.60
N LYS A 3 -19.56 25.48 31.52
CA LYS A 3 -20.99 25.68 31.63
C LYS A 3 -21.71 24.96 30.48
N SER A 4 -22.94 24.49 30.72
CA SER A 4 -23.70 23.79 29.70
C SER A 4 -24.90 24.62 29.24
N ILE A 5 -25.53 24.23 28.13
CA ILE A 5 -26.72 24.95 27.64
C ILE A 5 -27.74 24.94 28.75
N ASN A 6 -27.72 23.85 29.50
CA ASN A 6 -28.63 23.68 30.62
C ASN A 6 -28.65 24.85 31.58
N GLU A 7 -27.50 25.48 31.76
CA GLU A 7 -27.39 26.60 32.66
C GLU A 7 -27.76 27.94 32.02
N CYS A 8 -28.08 27.92 30.73
CA CYS A 8 -28.40 29.16 30.05
C CYS A 8 -29.88 29.48 29.98
N ASP A 9 -30.20 30.78 29.92
CA ASP A 9 -31.60 31.20 29.77
C ASP A 9 -31.74 31.34 28.28
N LEU A 10 -32.56 30.49 27.69
CA LEU A 10 -32.72 30.51 26.24
C LEU A 10 -34.04 31.08 25.76
N LYS A 11 -35.06 31.05 26.62
CA LYS A 11 -36.40 31.52 26.25
C LYS A 11 -36.35 32.84 25.54
N GLY A 12 -36.93 32.89 24.35
CA GLY A 12 -36.95 34.11 23.58
C GLY A 12 -35.61 34.72 23.20
N LYS A 13 -34.54 33.94 23.25
CA LYS A 13 -33.20 34.43 22.89
C LYS A 13 -32.66 33.86 21.58
N LYS A 14 -31.87 34.66 20.86
CA LYS A 14 -31.25 34.22 19.62
C LYS A 14 -29.91 33.59 20.00
N VAL A 15 -29.85 32.27 19.89
CA VAL A 15 -28.67 31.55 20.27
C VAL A 15 -27.73 31.30 19.10
N LEU A 16 -26.51 31.75 19.24
CA LEU A 16 -25.49 31.56 18.23
C LEU A 16 -24.90 30.20 18.55
N ILE A 17 -25.05 29.23 17.67
CA ILE A 17 -24.50 27.92 17.95
C ILE A 17 -23.47 27.59 16.89
N ARG A 18 -22.26 27.22 17.33
CA ARG A 18 -21.21 26.85 16.39
C ARG A 18 -21.26 25.34 16.41
N VAL A 19 -21.68 24.77 15.28
CA VAL A 19 -21.81 23.34 15.13
C VAL A 19 -20.77 22.83 14.17
N ASP A 20 -20.62 21.52 14.11
CA ASP A 20 -19.69 20.93 13.17
C ASP A 20 -20.51 20.20 12.10
N PHE A 21 -20.79 20.92 11.02
CA PHE A 21 -21.59 20.36 9.94
C PHE A 21 -20.68 20.04 8.76
N ASN A 22 -19.42 19.78 9.06
CA ASN A 22 -18.46 19.43 8.04
C ASN A 22 -18.66 17.95 7.69
N VAL A 23 -19.77 17.66 7.05
CA VAL A 23 -20.11 16.33 6.68
C VAL A 23 -19.49 15.95 5.34
N PRO A 24 -19.30 14.66 5.12
CA PRO A 24 -18.73 14.14 3.88
C PRO A 24 -19.68 14.44 2.72
N VAL A 25 -19.20 15.06 1.64
CA VAL A 25 -20.07 15.37 0.51
C VAL A 25 -19.47 14.84 -0.78
N LYS A 26 -20.30 14.35 -1.69
CA LYS A 26 -19.83 13.84 -2.98
C LYS A 26 -20.82 14.29 -4.03
N ASN A 27 -20.33 14.99 -5.04
CA ASN A 27 -21.20 15.49 -6.10
C ASN A 27 -22.29 16.36 -5.49
N GLY A 28 -21.88 17.18 -4.53
CA GLY A 28 -22.81 18.08 -3.87
C GLY A 28 -23.87 17.42 -2.99
N LYS A 29 -23.68 16.18 -2.61
CA LYS A 29 -24.64 15.53 -1.78
C LYS A 29 -23.96 15.02 -0.52
N ILE A 30 -24.67 15.06 0.60
CA ILE A 30 -24.13 14.58 1.87
C ILE A 30 -24.14 13.06 1.81
N THR A 31 -22.99 12.43 2.06
CA THR A 31 -22.90 10.98 2.00
C THR A 31 -23.01 10.37 3.40
N ASN A 32 -22.86 11.23 4.40
CA ASN A 32 -22.98 10.81 5.78
C ASN A 32 -23.30 12.05 6.63
N ASP A 33 -24.44 12.04 7.30
CA ASP A 33 -24.86 13.18 8.10
C ASP A 33 -24.77 12.93 9.60
N TYR A 34 -23.85 12.07 10.01
CA TYR A 34 -23.64 11.76 11.42
C TYR A 34 -23.28 13.01 12.21
N ARG A 35 -22.55 13.94 11.62
CA ARG A 35 -22.21 15.13 12.34
C ARG A 35 -23.41 16.01 12.57
N ILE A 36 -24.39 15.95 11.66
CA ILE A 36 -25.61 16.75 11.79
C ILE A 36 -26.52 16.11 12.80
N ARG A 37 -26.70 14.80 12.68
CA ARG A 37 -27.51 14.06 13.63
C ARG A 37 -26.99 14.26 15.05
N SER A 38 -25.68 14.29 15.21
CA SER A 38 -25.11 14.48 16.51
C SER A 38 -25.38 15.86 17.11
N ALA A 39 -25.70 16.84 16.28
CA ALA A 39 -25.95 18.18 16.76
C ALA A 39 -27.42 18.38 17.06
N LEU A 40 -28.26 17.42 16.70
CA LEU A 40 -29.70 17.55 16.93
C LEU A 40 -30.13 17.89 18.35
N PRO A 41 -29.59 17.20 19.35
CA PRO A 41 -29.95 17.45 20.76
C PRO A 41 -29.84 18.92 21.24
N THR A 42 -28.71 19.56 20.97
CA THR A 42 -28.54 20.95 21.35
C THR A 42 -29.58 21.82 20.65
N LEU A 43 -29.85 21.59 19.37
CA LEU A 43 -30.84 22.39 18.65
C LEU A 43 -32.23 22.13 19.20
N LYS A 44 -32.49 20.87 19.55
CA LYS A 44 -33.79 20.52 20.11
C LYS A 44 -33.96 21.29 21.41
N LYS A 45 -32.89 21.32 22.22
CA LYS A 45 -32.90 22.01 23.51
C LYS A 45 -33.31 23.47 23.34
N VAL A 46 -32.61 24.22 22.52
CA VAL A 46 -32.94 25.61 22.30
C VAL A 46 -34.36 25.78 21.79
N LEU A 47 -34.79 24.95 20.85
CA LEU A 47 -36.15 25.08 20.34
C LEU A 47 -37.17 24.81 21.41
N THR A 48 -36.91 23.79 22.22
CA THR A 48 -37.79 23.41 23.32
C THR A 48 -37.84 24.52 24.38
N GLU A 49 -36.71 25.18 24.61
CA GLU A 49 -36.63 26.24 25.59
C GLU A 49 -37.19 27.53 25.11
N GLY A 50 -37.64 27.58 23.86
CA GLY A 50 -38.21 28.82 23.35
C GLY A 50 -37.30 29.81 22.68
N GLY A 51 -36.14 29.35 22.23
CA GLY A 51 -35.23 30.26 21.56
C GLY A 51 -35.24 30.07 20.05
N SER A 52 -34.28 30.68 19.36
CA SER A 52 -34.17 30.56 17.93
C SER A 52 -32.69 30.27 17.68
N CYS A 53 -32.39 29.59 16.58
CA CYS A 53 -31.01 29.24 16.31
C CYS A 53 -30.45 29.87 15.08
N VAL A 54 -29.24 30.38 15.20
CA VAL A 54 -28.51 30.93 14.06
C VAL A 54 -27.20 30.14 14.17
N LEU A 55 -27.11 29.16 13.31
CA LEU A 55 -26.00 28.24 13.27
C LEU A 55 -24.87 28.69 12.38
N MET A 56 -23.65 28.39 12.82
CA MET A 56 -22.47 28.74 12.08
C MET A 56 -21.64 27.47 11.97
N SER A 57 -21.07 27.24 10.80
CA SER A 57 -20.22 26.09 10.60
C SER A 57 -19.41 26.26 9.33
N HIS A 58 -18.56 25.29 9.08
CA HIS A 58 -17.72 25.29 7.89
C HIS A 58 -17.90 23.92 7.22
N LEU A 59 -17.58 23.87 5.94
CA LEU A 59 -17.63 22.63 5.19
C LEU A 59 -16.34 22.66 4.41
N GLY A 60 -15.59 21.57 4.50
CA GLY A 60 -14.35 21.46 3.77
C GLY A 60 -13.28 22.44 4.19
N ARG A 61 -12.46 22.81 3.23
CA ARG A 61 -11.39 23.75 3.46
C ARG A 61 -11.37 24.65 2.24
N PRO A 62 -12.36 25.52 2.13
CA PRO A 62 -12.44 26.43 1.00
C PRO A 62 -11.32 27.44 1.12
N LYS A 63 -10.89 27.99 -0.01
CA LYS A 63 -9.79 28.97 -0.01
C LYS A 63 -10.02 30.16 0.87
N GLY A 64 -11.25 30.64 0.89
CA GLY A 64 -11.58 31.78 1.70
C GLY A 64 -11.21 33.03 0.95
N ILE A 65 -11.74 34.16 1.39
CA ILE A 65 -11.46 35.42 0.78
C ILE A 65 -11.37 36.46 1.91
N PRO A 66 -10.54 37.51 1.75
CA PRO A 66 -10.45 38.52 2.81
C PRO A 66 -11.73 39.32 2.84
N MET A 67 -12.20 39.65 4.03
CA MET A 67 -13.42 40.41 4.24
C MET A 67 -13.47 41.66 3.39
N ALA A 68 -12.32 42.29 3.26
CA ALA A 68 -12.21 43.51 2.46
C ALA A 68 -12.66 43.25 1.01
N GLN A 69 -12.14 42.19 0.42
CA GLN A 69 -12.47 41.86 -0.96
C GLN A 69 -13.93 41.50 -1.16
N ALA A 70 -14.62 41.21 -0.07
CA ALA A 70 -16.04 40.81 -0.09
C ALA A 70 -16.99 41.87 -0.60
N GLY A 71 -16.86 43.07 -0.03
CA GLY A 71 -17.69 44.18 -0.40
C GLY A 71 -17.89 44.31 -1.90
N LYS A 72 -16.81 44.21 -2.65
CA LYS A 72 -16.86 44.30 -4.10
C LYS A 72 -17.76 43.20 -4.67
N ILE A 73 -17.55 41.97 -4.20
CA ILE A 73 -18.31 40.82 -4.66
C ILE A 73 -19.78 41.04 -4.39
N ARG A 74 -20.12 41.45 -3.17
CA ARG A 74 -21.51 41.69 -2.78
C ARG A 74 -22.20 42.73 -3.63
N SER A 75 -21.42 43.68 -4.12
CA SER A 75 -21.94 44.72 -4.99
C SER A 75 -22.40 44.04 -6.31
N THR A 76 -21.59 43.07 -6.76
CA THR A 76 -21.85 42.29 -7.95
C THR A 76 -23.07 41.40 -7.70
N GLY A 77 -23.33 41.10 -6.43
CA GLY A 77 -24.46 40.25 -6.07
C GLY A 77 -24.03 38.81 -5.83
N GLY A 78 -22.72 38.56 -5.90
CA GLY A 78 -22.19 37.22 -5.68
C GLY A 78 -21.91 36.90 -4.22
N VAL A 79 -21.41 35.70 -3.95
CA VAL A 79 -21.13 35.31 -2.58
C VAL A 79 -19.65 35.26 -2.36
N PRO A 80 -19.15 36.09 -1.45
CA PRO A 80 -17.73 36.17 -1.11
C PRO A 80 -17.10 34.82 -0.78
N GLY A 81 -16.08 34.44 -1.53
CA GLY A 81 -15.38 33.19 -1.27
C GLY A 81 -16.10 31.91 -1.58
N PHE A 82 -17.23 32.03 -2.25
CA PHE A 82 -18.06 30.88 -2.58
C PHE A 82 -17.35 29.83 -3.39
N GLN A 83 -17.54 28.57 -3.00
CA GLN A 83 -16.97 27.42 -3.67
C GLN A 83 -18.05 26.37 -3.60
N GLN A 84 -18.67 26.14 -4.73
CA GLN A 84 -19.76 25.19 -4.87
C GLN A 84 -19.65 23.90 -4.05
N LYS A 85 -18.46 23.33 -4.00
CA LYS A 85 -18.26 22.06 -3.29
C LYS A 85 -18.27 22.20 -1.78
N ALA A 86 -18.21 23.44 -1.31
CA ALA A 86 -18.20 23.71 0.11
C ALA A 86 -19.38 24.50 0.65
N THR A 87 -20.51 24.51 -0.08
CA THR A 87 -21.72 25.20 0.37
C THR A 87 -22.36 24.41 1.48
N LEU A 88 -22.93 25.11 2.45
CA LEU A 88 -23.63 24.44 3.55
C LEU A 88 -25.09 24.26 3.17
N LYS A 89 -25.43 24.68 1.97
CA LYS A 89 -26.80 24.58 1.49
C LYS A 89 -27.40 23.18 1.68
N PRO A 90 -26.76 22.14 1.13
CA PRO A 90 -27.34 20.81 1.33
C PRO A 90 -27.54 20.48 2.80
N VAL A 91 -26.67 21.02 3.65
CA VAL A 91 -26.76 20.79 5.08
C VAL A 91 -28.00 21.48 5.66
N ALA A 92 -28.30 22.67 5.14
CA ALA A 92 -29.48 23.41 5.59
C ALA A 92 -30.72 22.56 5.27
N LYS A 93 -30.75 22.01 4.07
CA LYS A 93 -31.85 21.21 3.60
C LYS A 93 -32.03 19.99 4.48
N ARG A 94 -30.93 19.30 4.71
CA ARG A 94 -30.99 18.11 5.51
C ARG A 94 -31.47 18.40 6.89
N LEU A 95 -30.82 19.37 7.53
CA LEU A 95 -31.17 19.80 8.88
C LEU A 95 -32.69 20.09 8.95
N SER A 96 -33.22 20.77 7.94
CA SER A 96 -34.63 21.08 7.92
C SER A 96 -35.48 19.83 7.93
N GLU A 97 -35.00 18.80 7.26
CA GLU A 97 -35.71 17.54 7.19
C GLU A 97 -35.71 16.80 8.52
N LEU A 98 -34.58 16.78 9.20
CA LEU A 98 -34.45 16.11 10.47
C LEU A 98 -35.21 16.82 11.60
N LEU A 99 -35.07 18.14 11.63
CA LEU A 99 -35.69 19.00 12.63
C LEU A 99 -37.21 19.11 12.46
N LEU A 100 -37.69 18.75 11.28
CA LEU A 100 -39.11 18.79 10.94
C LEU A 100 -39.65 20.22 10.94
N ARG A 101 -38.80 21.18 10.60
CA ARG A 101 -39.20 22.57 10.53
C ARG A 101 -38.28 23.24 9.54
N PRO A 102 -38.65 24.42 9.03
CA PRO A 102 -37.82 25.12 8.07
C PRO A 102 -36.51 25.56 8.67
N VAL A 103 -35.49 25.62 7.82
CA VAL A 103 -34.18 26.10 8.19
C VAL A 103 -33.87 27.08 7.09
N THR A 104 -33.77 28.35 7.41
CA THR A 104 -33.50 29.30 6.38
C THR A 104 -32.01 29.42 6.26
N PHE A 105 -31.54 29.26 5.03
CA PHE A 105 -30.12 29.29 4.70
C PHE A 105 -29.62 30.66 4.22
N ALA A 106 -28.86 31.35 5.06
CA ALA A 106 -28.34 32.65 4.69
C ALA A 106 -27.05 32.45 3.87
N PRO A 107 -27.12 32.69 2.57
CA PRO A 107 -26.03 32.54 1.60
C PRO A 107 -24.69 33.19 1.89
N ASP A 108 -24.65 34.07 2.88
CA ASP A 108 -23.43 34.80 3.22
C ASP A 108 -23.47 35.03 4.73
N CYS A 109 -22.54 34.43 5.47
CA CYS A 109 -22.55 34.57 6.93
C CYS A 109 -22.30 35.98 7.43
N LEU A 110 -21.63 36.82 6.63
CA LEU A 110 -21.36 38.19 7.08
C LEU A 110 -22.34 39.20 6.52
N ASN A 111 -23.42 38.71 5.91
CA ASN A 111 -24.43 39.58 5.33
C ASN A 111 -25.79 39.00 5.55
N ALA A 112 -26.03 38.56 6.78
CA ALA A 112 -27.30 37.92 7.14
C ALA A 112 -28.13 38.70 8.15
N ALA A 113 -27.76 39.96 8.39
CA ALA A 113 -28.47 40.81 9.35
C ALA A 113 -29.96 40.77 9.09
N ASP A 114 -30.35 40.98 7.83
CA ASP A 114 -31.74 40.96 7.41
C ASP A 114 -32.54 39.73 7.89
N VAL A 115 -32.06 38.56 7.53
CA VAL A 115 -32.70 37.32 7.90
C VAL A 115 -32.69 37.18 9.42
N VAL A 116 -31.55 37.46 10.03
CA VAL A 116 -31.43 37.28 11.46
C VAL A 116 -32.43 38.13 12.17
N SER A 117 -32.51 39.39 11.78
CA SER A 117 -33.42 40.31 12.43
C SER A 117 -34.86 39.84 12.39
N LYS A 118 -35.27 39.22 11.30
CA LYS A 118 -36.65 38.75 11.19
C LYS A 118 -36.93 37.47 11.97
N MET A 119 -35.93 36.94 12.67
CA MET A 119 -36.12 35.71 13.40
C MET A 119 -37.04 35.84 14.59
N SER A 120 -37.67 34.73 14.94
CA SER A 120 -38.59 34.64 16.06
C SER A 120 -38.33 33.31 16.70
N PRO A 121 -38.75 33.14 17.97
CA PRO A 121 -38.51 31.86 18.62
C PRO A 121 -39.01 30.73 17.75
N GLY A 122 -38.21 29.69 17.68
CA GLY A 122 -38.60 28.53 16.89
C GLY A 122 -37.92 28.53 15.55
N ASP A 123 -37.35 29.65 15.18
CA ASP A 123 -36.69 29.77 13.90
C ASP A 123 -35.31 29.21 13.95
N VAL A 124 -34.86 28.65 12.83
CA VAL A 124 -33.53 28.09 12.70
C VAL A 124 -32.94 28.70 11.43
N VAL A 125 -31.76 29.29 11.52
CA VAL A 125 -31.10 29.89 10.36
C VAL A 125 -29.70 29.31 10.31
N LEU A 126 -29.27 28.86 9.14
CA LEU A 126 -27.94 28.33 9.01
C LEU A 126 -27.21 29.30 8.09
N LEU A 127 -26.06 29.76 8.55
CA LEU A 127 -25.29 30.70 7.76
C LEU A 127 -24.40 29.91 6.83
N GLU A 128 -24.05 30.52 5.71
CA GLU A 128 -23.18 29.89 4.75
C GLU A 128 -21.81 29.62 5.40
N ASN A 129 -21.05 28.72 4.78
CA ASN A 129 -19.70 28.32 5.21
C ASN A 129 -18.91 29.54 5.72
N VAL A 130 -18.60 29.56 7.03
CA VAL A 130 -17.84 30.67 7.63
C VAL A 130 -16.43 30.73 7.06
N ARG A 131 -15.96 29.60 6.54
CA ARG A 131 -14.63 29.56 5.98
C ARG A 131 -14.59 30.18 4.59
N PHE A 132 -15.68 30.77 4.16
CA PHE A 132 -15.69 31.43 2.87
C PHE A 132 -14.88 32.71 3.03
N TYR A 133 -14.64 33.10 4.29
CA TYR A 133 -13.84 34.29 4.66
C TYR A 133 -12.55 33.85 5.35
N LYS A 134 -11.42 34.37 4.88
CA LYS A 134 -10.14 34.01 5.47
C LYS A 134 -10.00 34.39 6.94
N GLU A 135 -10.69 35.43 7.36
CA GLU A 135 -10.57 35.86 8.74
C GLU A 135 -11.05 34.83 9.73
N GLU A 136 -11.98 33.98 9.31
CA GLU A 136 -12.49 32.96 10.22
C GLU A 136 -11.34 32.18 10.83
N GLY A 137 -10.43 31.74 9.98
CA GLY A 137 -9.30 30.98 10.44
C GLY A 137 -7.96 31.72 10.50
N SER A 138 -7.98 33.05 10.43
CA SER A 138 -6.74 33.82 10.52
C SER A 138 -6.01 33.59 11.85
N LYS A 139 -4.69 33.67 11.80
CA LYS A 139 -3.85 33.48 12.96
C LYS A 139 -3.79 34.81 13.67
N LYS A 140 -4.16 35.86 12.95
CA LYS A 140 -4.16 37.19 13.51
C LYS A 140 -5.47 37.40 14.24
N ALA A 141 -5.40 37.40 15.57
CA ALA A 141 -6.56 37.61 16.41
C ALA A 141 -7.34 38.85 15.99
N LYS A 142 -6.63 39.90 15.57
CA LYS A 142 -7.26 41.13 15.13
C LYS A 142 -8.24 40.78 14.02
N ASP A 143 -7.78 39.96 13.09
CA ASP A 143 -8.58 39.51 11.95
C ASP A 143 -9.79 38.68 12.38
N ARG A 144 -9.54 37.72 13.25
CA ARG A 144 -10.61 36.88 13.74
C ARG A 144 -11.68 37.72 14.43
N GLU A 145 -11.25 38.61 15.30
CA GLU A 145 -12.19 39.45 16.02
C GLU A 145 -13.01 40.36 15.10
N ALA A 146 -12.41 40.79 14.01
CA ALA A 146 -13.11 41.66 13.07
C ALA A 146 -14.38 40.96 12.61
N MET A 147 -14.19 39.74 12.11
CA MET A 147 -15.27 38.91 11.60
C MET A 147 -16.21 38.52 12.73
N ALA A 148 -15.64 38.09 13.85
CA ALA A 148 -16.44 37.69 15.02
C ALA A 148 -17.34 38.80 15.51
N LYS A 149 -16.89 40.04 15.38
CA LYS A 149 -17.67 41.18 15.81
C LYS A 149 -19.02 41.18 15.11
N ILE A 150 -18.99 40.91 13.82
CA ILE A 150 -20.19 40.88 13.00
C ILE A 150 -21.11 39.73 13.38
N LEU A 151 -20.54 38.53 13.43
CA LEU A 151 -21.28 37.36 13.78
C LEU A 151 -21.90 37.51 15.15
N ALA A 152 -21.11 38.03 16.09
CA ALA A 152 -21.58 38.23 17.45
C ALA A 152 -22.81 39.15 17.52
N SER A 153 -22.97 40.02 16.53
CA SER A 153 -24.10 40.93 16.53
C SER A 153 -25.38 40.16 16.19
N TYR A 154 -25.23 38.94 15.67
CA TYR A 154 -26.37 38.14 15.31
C TYR A 154 -27.20 37.62 16.47
N GLY A 155 -26.57 37.27 17.59
CA GLY A 155 -27.36 36.73 18.68
C GLY A 155 -27.03 37.20 20.06
N ASP A 156 -27.78 36.66 21.02
CA ASP A 156 -27.61 36.99 22.42
C ASP A 156 -26.66 36.03 23.12
N VAL A 157 -27.04 34.76 23.21
CA VAL A 157 -26.19 33.77 23.87
C VAL A 157 -25.41 32.91 22.87
N TYR A 158 -24.17 32.53 23.22
CA TYR A 158 -23.38 31.68 22.36
C TYR A 158 -23.14 30.33 23.04
N ILE A 159 -23.19 29.27 22.24
CA ILE A 159 -22.93 27.94 22.74
C ILE A 159 -22.14 27.21 21.67
N SER A 160 -21.14 26.46 22.09
CA SER A 160 -20.34 25.73 21.15
C SER A 160 -20.66 24.27 21.28
N ASP A 161 -20.98 23.64 20.16
CA ASP A 161 -21.29 22.22 20.11
C ASP A 161 -20.37 21.57 19.05
N ALA A 162 -19.43 22.34 18.53
CA ALA A 162 -18.50 21.86 17.51
C ALA A 162 -17.19 21.17 18.01
N PHE A 163 -17.33 20.14 18.84
CA PHE A 163 -16.17 19.37 19.27
C PHE A 163 -15.86 18.84 17.89
N GLY A 164 -14.64 18.98 17.42
CA GLY A 164 -14.39 18.50 16.08
C GLY A 164 -13.67 19.63 15.42
N THR A 165 -13.93 20.82 15.96
CA THR A 165 -13.28 22.02 15.51
C THR A 165 -12.84 22.73 16.78
N ALA A 166 -12.98 22.02 17.90
CA ALA A 166 -12.59 22.56 19.21
C ALA A 166 -11.07 22.81 19.26
N HIS A 167 -10.33 22.08 18.44
CA HIS A 167 -8.90 22.23 18.36
C HIS A 167 -8.55 23.42 17.49
N ARG A 168 -9.56 23.97 16.82
CA ARG A 168 -9.35 25.14 15.97
C ARG A 168 -9.66 26.42 16.73
N ASP A 169 -8.62 27.15 17.07
CA ASP A 169 -8.78 28.43 17.74
C ASP A 169 -9.20 29.35 16.57
N SER A 170 -10.50 29.50 16.36
CA SER A 170 -10.99 30.30 15.26
C SER A 170 -11.98 31.39 15.61
N ALA A 171 -12.36 32.15 14.59
CA ALA A 171 -13.31 33.23 14.75
C ALA A 171 -14.65 32.77 15.36
N THR A 172 -15.24 31.73 14.81
CA THR A 172 -16.52 31.26 15.30
C THR A 172 -16.35 30.43 16.57
N MET A 173 -15.23 29.73 16.70
CA MET A 173 -14.99 28.88 17.87
C MET A 173 -14.63 29.65 19.13
N THR A 174 -13.62 30.51 19.03
CA THR A 174 -13.15 31.24 20.19
C THR A 174 -13.38 32.73 20.11
N GLY A 175 -13.38 33.28 18.90
CA GLY A 175 -13.59 34.71 18.72
C GLY A 175 -14.98 35.25 19.11
N ILE A 176 -16.04 34.53 18.76
CA ILE A 176 -17.37 34.99 19.11
C ILE A 176 -17.61 34.96 20.61
N PRO A 177 -17.36 33.81 21.26
CA PRO A 177 -17.59 33.81 22.72
C PRO A 177 -16.79 34.94 23.39
N LYS A 178 -15.60 35.19 22.85
CA LYS A 178 -14.73 36.24 23.36
C LYS A 178 -15.48 37.55 23.24
N ILE A 179 -15.81 37.94 22.02
CA ILE A 179 -16.49 39.20 21.77
C ILE A 179 -17.88 39.29 22.33
N LEU A 180 -18.57 38.16 22.44
CA LEU A 180 -19.93 38.17 22.97
C LEU A 180 -19.92 38.21 24.50
N GLY A 181 -18.83 37.69 25.07
CA GLY A 181 -18.67 37.63 26.50
C GLY A 181 -19.35 36.45 27.19
N ASN A 182 -19.74 35.44 26.42
CA ASN A 182 -20.37 34.28 27.02
C ASN A 182 -20.25 33.11 26.05
N GLY A 183 -20.42 31.91 26.58
CA GLY A 183 -20.32 30.71 25.77
C GLY A 183 -20.43 29.50 26.65
N ALA A 184 -21.33 28.61 26.30
CA ALA A 184 -21.52 27.39 27.06
C ALA A 184 -21.27 26.28 26.05
N ALA A 185 -21.21 25.04 26.54
CA ALA A 185 -20.97 23.86 25.71
C ALA A 185 -22.31 23.18 25.39
N GLY A 186 -22.51 22.80 24.14
CA GLY A 186 -23.72 22.11 23.80
C GLY A 186 -23.65 20.70 24.35
N TYR A 187 -24.69 19.93 24.13
CA TYR A 187 -24.68 18.56 24.63
C TYR A 187 -23.63 17.69 23.97
N LEU A 188 -23.44 17.84 22.66
CA LEU A 188 -22.46 17.05 21.94
C LEU A 188 -21.06 17.39 22.44
N MET A 189 -20.76 18.68 22.61
CA MET A 189 -19.46 19.10 23.12
C MET A 189 -19.25 18.41 24.47
N GLU A 190 -20.21 18.60 25.38
CA GLU A 190 -20.17 17.98 26.70
C GLU A 190 -19.91 16.47 26.58
N LYS A 191 -20.74 15.80 25.79
CA LYS A 191 -20.62 14.36 25.59
C LYS A 191 -19.22 13.93 25.16
N GLU A 192 -18.72 14.48 24.06
CA GLU A 192 -17.41 14.13 23.54
C GLU A 192 -16.36 14.35 24.60
N ILE A 193 -16.33 15.58 25.13
CA ILE A 193 -15.35 15.93 26.15
C ILE A 193 -15.37 14.98 27.33
N SER A 194 -16.58 14.60 27.76
CA SER A 194 -16.74 13.69 28.89
C SER A 194 -16.24 12.31 28.59
N TYR A 195 -16.67 11.74 27.47
CA TYR A 195 -16.25 10.41 27.15
C TYR A 195 -14.74 10.37 27.05
N PHE A 196 -14.18 11.31 26.30
CA PHE A 196 -12.74 11.32 26.17
C PHE A 196 -12.10 11.51 27.53
N ALA A 197 -12.64 12.45 28.30
CA ALA A 197 -12.10 12.74 29.62
C ALA A 197 -12.00 11.46 30.43
N LYS A 198 -13.14 10.84 30.71
CA LYS A 198 -13.15 9.64 31.51
C LYS A 198 -12.22 8.58 30.95
N VAL A 199 -12.13 8.50 29.64
CA VAL A 199 -11.30 7.50 29.01
C VAL A 199 -9.79 7.77 28.91
N LEU A 200 -9.40 9.02 28.63
CA LEU A 200 -8.00 9.37 28.49
C LEU A 200 -7.29 9.43 29.79
N GLY A 201 -8.03 9.45 30.87
CA GLY A 201 -7.44 9.48 32.19
C GLY A 201 -6.85 8.14 32.60
N ASN A 202 -7.70 7.12 32.68
CA ASN A 202 -7.28 5.78 33.08
C ASN A 202 -7.43 4.79 31.93
N PRO A 203 -6.76 5.04 30.81
CA PRO A 203 -6.92 4.09 29.69
C PRO A 203 -6.37 2.69 29.98
N PRO A 204 -7.11 1.63 29.57
CA PRO A 204 -6.62 0.29 29.80
C PRO A 204 -5.51 0.15 28.79
N ARG A 205 -4.30 -0.18 29.22
CA ARG A 205 -3.21 -0.34 28.29
C ARG A 205 -3.12 -1.80 27.98
N PRO A 206 -2.50 -2.18 26.84
CA PRO A 206 -1.84 -1.35 25.83
C PRO A 206 -2.86 -0.47 25.17
N LEU A 207 -2.40 0.71 24.75
CA LEU A 207 -3.21 1.71 24.06
C LEU A 207 -2.65 1.89 22.66
N VAL A 208 -3.42 1.49 21.66
CA VAL A 208 -2.99 1.65 20.29
C VAL A 208 -3.73 2.78 19.62
N ALA A 209 -2.97 3.62 18.95
CA ALA A 209 -3.54 4.72 18.21
C ALA A 209 -3.42 4.32 16.76
N ILE A 210 -4.54 4.19 16.07
CA ILE A 210 -4.54 3.85 14.66
C ILE A 210 -4.87 5.16 13.95
N VAL A 211 -3.94 5.69 13.18
CA VAL A 211 -4.19 6.92 12.45
C VAL A 211 -3.97 6.77 10.94
N GLY A 212 -4.96 7.19 10.17
CA GLY A 212 -4.90 7.09 8.73
C GLY A 212 -5.56 8.29 8.06
N GLY A 213 -6.23 8.04 6.94
CA GLY A 213 -6.89 9.09 6.20
C GLY A 213 -5.96 10.00 5.40
N ALA A 214 -6.31 11.27 5.31
CA ALA A 214 -5.51 12.24 4.59
C ALA A 214 -5.20 13.42 5.54
N LYS A 215 -5.13 14.64 5.03
CA LYS A 215 -4.79 15.80 5.87
C LYS A 215 -3.46 15.52 6.57
N VAL A 216 -2.58 14.85 5.85
CA VAL A 216 -1.28 14.45 6.38
C VAL A 216 -0.46 15.55 7.06
N SER A 217 -0.27 16.68 6.38
CA SER A 217 0.53 17.74 6.96
C SER A 217 0.08 18.18 8.35
N ASP A 218 -1.23 18.20 8.59
CA ASP A 218 -1.73 18.66 9.88
C ASP A 218 -1.73 17.51 10.84
N LYS A 219 -2.27 16.39 10.40
CA LYS A 219 -2.40 15.20 11.23
C LYS A 219 -1.05 14.65 11.68
N ILE A 220 -0.03 14.79 10.84
CA ILE A 220 1.31 14.30 11.15
C ILE A 220 1.90 15.08 12.32
N GLN A 221 1.50 16.32 12.45
CA GLN A 221 1.99 17.16 13.51
C GLN A 221 1.36 16.85 14.86
N LEU A 222 0.31 16.05 14.86
CA LEU A 222 -0.35 15.70 16.11
C LEU A 222 0.25 14.45 16.71
N LEU A 223 0.94 13.69 15.88
CA LEU A 223 1.55 12.45 16.31
C LEU A 223 2.64 12.60 17.36
N ASP A 224 3.50 13.61 17.21
CA ASP A 224 4.57 13.82 18.18
C ASP A 224 4.01 13.93 19.58
N ASN A 225 2.99 14.77 19.74
CA ASN A 225 2.37 14.98 21.05
C ASN A 225 1.44 13.89 21.59
N MET A 226 1.40 12.72 20.97
CA MET A 226 0.56 11.65 21.47
C MET A 226 1.37 10.40 21.77
N LEU A 227 2.68 10.48 21.54
CA LEU A 227 3.60 9.36 21.77
C LEU A 227 3.74 9.00 23.25
N GLN A 228 3.54 10.00 24.09
CA GLN A 228 3.64 9.82 25.53
C GLN A 228 2.45 9.02 26.05
N ARG A 229 1.33 9.11 25.37
CA ARG A 229 0.12 8.43 25.80
C ARG A 229 -0.01 7.04 25.27
N ILE A 230 0.38 6.86 24.02
CA ILE A 230 0.21 5.57 23.33
C ILE A 230 1.31 4.54 23.49
N ASP A 231 0.94 3.29 23.22
CA ASP A 231 1.86 2.15 23.29
C ASP A 231 2.16 1.63 21.89
N TYR A 232 1.14 1.70 21.03
CA TYR A 232 1.26 1.28 19.64
C TYR A 232 0.74 2.39 18.76
N LEU A 233 1.35 2.56 17.60
CA LEU A 233 0.92 3.58 16.66
C LEU A 233 0.84 2.91 15.31
N LEU A 234 -0.37 2.57 14.89
CA LEU A 234 -0.59 1.94 13.59
C LEU A 234 -0.82 3.04 12.58
N ILE A 235 -0.10 3.03 11.47
CA ILE A 235 -0.29 4.08 10.48
C ILE A 235 -0.75 3.59 9.12
N GLY A 236 -1.90 4.08 8.65
CA GLY A 236 -2.41 3.67 7.35
C GLY A 236 -2.80 4.87 6.52
N GLY A 237 -3.67 4.67 5.53
CA GLY A 237 -4.11 5.77 4.68
C GLY A 237 -2.97 6.51 4.01
N ALA A 238 -3.20 7.77 3.70
CA ALA A 238 -2.18 8.57 3.03
C ALA A 238 -0.99 8.87 3.94
N MET A 239 -1.27 8.92 5.22
CA MET A 239 -0.28 9.20 6.27
C MET A 239 0.98 8.33 6.16
N ALA A 240 0.78 7.07 5.82
CA ALA A 240 1.86 6.10 5.69
C ALA A 240 2.95 6.46 4.68
N TYR A 241 2.56 6.88 3.49
CA TYR A 241 3.53 7.19 2.45
C TYR A 241 4.62 8.18 2.84
N THR A 242 4.29 9.22 3.60
CA THR A 242 5.33 10.15 4.01
C THR A 242 6.33 9.39 4.91
N PHE A 243 5.83 8.57 5.85
CA PHE A 243 6.71 7.79 6.71
C PHE A 243 7.56 6.79 5.93
N LEU A 244 6.92 6.01 5.07
CA LEU A 244 7.64 5.03 4.29
C LEU A 244 8.75 5.67 3.44
N LYS A 245 8.48 6.81 2.83
CA LYS A 245 9.48 7.48 2.00
C LYS A 245 10.62 7.97 2.87
N ALA A 246 10.28 8.51 4.03
CA ALA A 246 11.29 9.00 4.96
C ALA A 246 12.20 7.82 5.36
N GLN A 247 11.64 6.62 5.38
CA GLN A 247 12.40 5.43 5.73
C GLN A 247 13.25 4.95 4.55
N GLY A 248 12.94 5.46 3.36
CA GLY A 248 13.67 5.10 2.15
C GLY A 248 13.01 4.14 1.18
N TYR A 249 11.69 3.97 1.26
CA TYR A 249 10.99 3.07 0.35
C TYR A 249 10.42 3.81 -0.84
N SER A 250 10.03 3.04 -1.85
CA SER A 250 9.45 3.60 -3.05
C SER A 250 7.99 3.82 -2.73
N ILE A 251 7.55 5.04 -3.00
CA ILE A 251 6.20 5.49 -2.75
C ILE A 251 5.33 5.60 -4.01
N GLY A 252 5.99 5.50 -5.17
CA GLY A 252 5.29 5.61 -6.44
C GLY A 252 4.60 6.96 -6.54
N LYS A 253 3.38 6.95 -7.08
CA LYS A 253 2.58 8.17 -7.19
C LYS A 253 1.65 8.34 -5.98
N SER A 254 2.04 7.75 -4.86
CA SER A 254 1.22 7.85 -3.66
C SER A 254 1.33 9.21 -3.00
N LYS A 255 0.26 9.59 -2.31
CA LYS A 255 0.16 10.85 -1.59
C LYS A 255 1.32 10.96 -0.59
N CYS A 256 2.05 12.07 -0.60
CA CYS A 256 3.18 12.23 0.31
C CYS A 256 3.47 13.68 0.64
N GLU A 257 3.87 13.93 1.87
CA GLU A 257 4.24 15.28 2.30
C GLU A 257 5.77 15.35 2.16
N GLU A 258 6.22 15.62 0.94
CA GLU A 258 7.65 15.72 0.64
C GLU A 258 8.39 16.65 1.57
N SER A 259 7.69 17.65 2.07
CA SER A 259 8.27 18.61 3.02
C SER A 259 8.16 18.15 4.47
N LYS A 260 7.90 16.87 4.69
CA LYS A 260 7.75 16.37 6.05
C LYS A 260 8.64 15.16 6.28
N LEU A 261 9.39 14.74 5.26
CA LEU A 261 10.24 13.56 5.39
C LEU A 261 11.18 13.52 6.60
N GLU A 262 11.87 14.63 6.88
CA GLU A 262 12.76 14.68 8.05
C GLU A 262 11.91 14.66 9.31
N PHE A 263 10.76 15.34 9.26
CA PHE A 263 9.86 15.38 10.38
C PHE A 263 9.45 13.96 10.71
N ALA A 264 9.12 13.21 9.67
CA ALA A 264 8.68 11.82 9.82
C ALA A 264 9.76 11.02 10.52
N ARG A 265 10.99 11.21 10.07
CA ARG A 265 12.13 10.50 10.65
C ARG A 265 12.36 10.80 12.11
N SER A 266 12.26 12.07 12.47
CA SER A 266 12.46 12.52 13.84
C SER A 266 11.35 11.95 14.73
N LEU A 267 10.13 11.96 14.21
CA LEU A 267 8.98 11.46 14.93
C LEU A 267 9.16 9.96 15.21
N LEU A 268 9.78 9.24 14.28
CA LEU A 268 10.01 7.82 14.47
C LEU A 268 11.05 7.65 15.57
N LYS A 269 11.99 8.57 15.64
CA LYS A 269 13.02 8.54 16.67
C LYS A 269 12.34 8.69 18.01
N LYS A 270 11.60 9.78 18.16
CA LYS A 270 10.89 10.07 19.40
C LYS A 270 10.01 8.89 19.79
N ALA A 271 9.30 8.32 18.82
CA ALA A 271 8.42 7.19 19.09
C ALA A 271 9.21 6.11 19.81
N GLU A 272 10.39 5.75 19.32
CA GLU A 272 11.23 4.73 19.97
C GLU A 272 11.58 5.20 21.38
N ASP A 273 12.04 6.44 21.48
CA ASP A 273 12.43 7.01 22.75
C ASP A 273 11.31 7.00 23.77
N ARG A 274 10.08 7.24 23.31
CA ARG A 274 8.89 7.28 24.19
C ARG A 274 8.23 5.93 24.39
N LYS A 275 8.89 4.88 23.95
CA LYS A 275 8.38 3.54 24.08
C LYS A 275 7.07 3.32 23.38
N VAL A 276 7.05 3.68 22.10
CA VAL A 276 5.87 3.51 21.26
C VAL A 276 6.28 2.65 20.07
N GLN A 277 5.60 1.53 19.90
CA GLN A 277 5.89 0.65 18.78
C GLN A 277 5.07 1.16 17.60
N VAL A 278 5.72 1.88 16.68
CA VAL A 278 5.05 2.39 15.51
C VAL A 278 5.13 1.31 14.45
N ILE A 279 4.01 1.05 13.79
CA ILE A 279 3.96 0.05 12.73
C ILE A 279 3.38 0.72 11.46
N LEU A 280 4.06 0.51 10.34
CA LEU A 280 3.67 1.05 9.07
C LEU A 280 3.28 -0.08 8.17
N PRO A 281 2.72 0.24 7.00
CA PRO A 281 2.32 -0.81 6.06
C PRO A 281 3.48 -1.71 5.62
N ILE A 282 3.17 -2.99 5.55
CA ILE A 282 4.08 -4.04 5.14
C ILE A 282 3.93 -4.24 3.63
N ASP A 283 2.68 -4.14 3.17
CA ASP A 283 2.37 -4.27 1.77
C ASP A 283 1.27 -3.27 1.45
N HIS A 284 0.94 -3.12 0.18
CA HIS A 284 -0.07 -2.17 -0.22
C HIS A 284 -0.98 -2.70 -1.31
N VAL A 285 -2.08 -2.00 -1.52
CA VAL A 285 -3.02 -2.29 -2.60
C VAL A 285 -2.84 -1.03 -3.43
N CYS A 286 -2.52 -1.20 -4.71
CA CYS A 286 -2.26 -0.07 -5.57
C CYS A 286 -2.92 -0.18 -6.92
N HIS A 287 -2.76 0.91 -7.65
CA HIS A 287 -3.28 1.01 -8.98
C HIS A 287 -2.61 2.17 -9.63
N THR A 288 -2.66 2.18 -10.96
CA THR A 288 -2.05 3.21 -11.77
C THR A 288 -2.80 4.53 -11.71
N GLU A 289 -4.04 4.44 -11.29
CA GLU A 289 -4.85 5.63 -11.20
C GLU A 289 -5.84 5.50 -10.05
N PHE A 290 -6.29 6.64 -9.56
CA PHE A 290 -7.24 6.73 -8.46
C PHE A 290 -8.61 6.31 -8.98
N LYS A 291 -8.74 5.04 -9.31
CA LYS A 291 -9.97 4.48 -9.83
C LYS A 291 -10.04 3.09 -9.30
N ALA A 292 -11.25 2.65 -8.99
CA ALA A 292 -11.48 1.33 -8.48
C ALA A 292 -11.28 0.33 -9.59
N VAL A 293 -10.82 -0.86 -9.23
CA VAL A 293 -10.62 -1.88 -10.22
C VAL A 293 -10.66 -3.19 -9.47
N ASP A 294 -11.46 -4.13 -9.97
CA ASP A 294 -11.56 -5.42 -9.33
C ASP A 294 -10.13 -5.94 -9.45
N SER A 295 -9.61 -6.50 -8.38
CA SER A 295 -8.25 -7.04 -8.43
C SER A 295 -7.12 -6.05 -8.81
N PRO A 296 -6.84 -5.07 -7.96
CA PRO A 296 -5.77 -4.11 -8.24
C PRO A 296 -4.42 -4.71 -7.82
N LEU A 297 -3.33 -3.99 -8.02
CA LEU A 297 -2.01 -4.51 -7.67
C LEU A 297 -1.76 -4.59 -6.17
N ILE A 298 -1.39 -5.76 -5.67
CA ILE A 298 -1.06 -5.89 -4.27
C ILE A 298 0.43 -6.26 -4.13
N THR A 299 1.19 -5.31 -3.61
CA THR A 299 2.62 -5.45 -3.41
C THR A 299 3.02 -6.46 -2.35
N GLU A 300 4.32 -6.77 -2.32
CA GLU A 300 4.92 -7.72 -1.38
C GLU A 300 5.75 -6.93 -0.39
N ASP A 301 6.30 -5.83 -0.88
CA ASP A 301 7.14 -4.94 -0.10
C ASP A 301 6.39 -3.70 0.34
N GLN A 302 7.13 -2.85 1.02
CA GLN A 302 6.62 -1.57 1.48
C GLN A 302 6.82 -0.65 0.27
N ASN A 303 7.56 -1.13 -0.72
CA ASN A 303 7.83 -0.35 -1.91
C ASN A 303 6.65 -0.41 -2.86
N ILE A 304 6.40 0.73 -3.48
CA ILE A 304 5.32 0.91 -4.43
C ILE A 304 5.93 1.22 -5.80
N PRO A 305 5.53 0.47 -6.85
CA PRO A 305 6.03 0.66 -8.22
C PRO A 305 5.82 2.11 -8.68
N GLU A 306 6.83 2.67 -9.35
CA GLU A 306 6.80 4.07 -9.79
C GLU A 306 5.51 4.53 -10.46
N GLY A 307 4.90 3.65 -11.24
CA GLY A 307 3.66 4.04 -11.91
C GLY A 307 2.37 3.87 -11.12
N HIS A 308 2.48 3.35 -9.90
CA HIS A 308 1.32 3.09 -9.07
C HIS A 308 1.20 4.00 -7.87
N MET A 309 0.00 3.99 -7.32
CA MET A 309 -0.32 4.75 -6.10
C MET A 309 -0.99 3.75 -5.16
N ALA A 310 -0.52 3.70 -3.92
CA ALA A 310 -1.11 2.78 -2.96
C ALA A 310 -2.40 3.42 -2.51
N LEU A 311 -3.47 2.65 -2.57
CA LEU A 311 -4.78 3.15 -2.20
C LEU A 311 -5.38 2.47 -0.97
N ASP A 312 -4.74 1.43 -0.46
CA ASP A 312 -5.22 0.73 0.74
C ASP A 312 -4.06 -0.07 1.29
N ILE A 313 -4.15 -0.43 2.56
CA ILE A 313 -3.11 -1.25 3.17
C ILE A 313 -3.33 -2.68 2.65
N GLY A 314 -2.23 -3.43 2.48
CA GLY A 314 -2.30 -4.80 1.97
C GLY A 314 -2.71 -5.82 3.00
N PRO A 315 -2.99 -7.05 2.59
CA PRO A 315 -3.41 -8.15 3.48
C PRO A 315 -2.46 -8.44 4.63
N LYS A 316 -1.16 -8.41 4.36
CA LYS A 316 -0.21 -8.68 5.44
C LYS A 316 -0.27 -7.59 6.48
N THR A 317 -0.51 -6.36 6.04
CA THR A 317 -0.59 -5.21 6.93
C THR A 317 -1.89 -5.33 7.75
N ILE A 318 -2.97 -5.71 7.08
CA ILE A 318 -4.23 -5.87 7.77
C ILE A 318 -4.09 -6.88 8.89
N GLU A 319 -3.33 -7.94 8.61
CA GLU A 319 -3.09 -8.99 9.59
C GLU A 319 -2.36 -8.49 10.82
N LYS A 320 -1.22 -7.82 10.60
CA LYS A 320 -0.45 -7.28 11.71
C LYS A 320 -1.27 -6.27 12.50
N TYR A 321 -1.93 -5.32 11.82
CA TYR A 321 -2.76 -4.31 12.50
C TYR A 321 -3.85 -4.92 13.31
N VAL A 322 -4.57 -5.86 12.72
CA VAL A 322 -5.67 -6.52 13.43
C VAL A 322 -5.07 -7.28 14.62
N GLN A 323 -3.95 -7.95 14.38
CA GLN A 323 -3.28 -8.70 15.40
C GLN A 323 -2.88 -7.80 16.57
N THR A 324 -2.19 -6.69 16.30
CA THR A 324 -1.80 -5.80 17.39
C THR A 324 -2.98 -5.17 18.10
N ILE A 325 -4.07 -4.89 17.38
CA ILE A 325 -5.26 -4.31 18.03
C ILE A 325 -5.74 -5.34 19.03
N GLY A 326 -5.56 -6.61 18.69
CA GLY A 326 -5.95 -7.69 19.57
C GLY A 326 -5.08 -7.71 20.81
N LYS A 327 -3.88 -7.16 20.74
CA LYS A 327 -2.98 -7.13 21.90
C LYS A 327 -3.26 -5.96 22.85
N CYS A 328 -4.22 -5.11 22.48
CA CYS A 328 -4.52 -3.92 23.27
C CYS A 328 -5.77 -3.96 24.09
N LYS A 329 -5.88 -3.00 25.00
CA LYS A 329 -7.04 -2.90 25.86
C LYS A 329 -7.75 -1.57 25.58
N SER A 330 -7.06 -0.71 24.84
CA SER A 330 -7.59 0.60 24.44
C SER A 330 -7.20 0.82 23.00
N ALA A 331 -8.13 1.37 22.22
CA ALA A 331 -7.85 1.64 20.82
C ALA A 331 -8.50 2.94 20.39
N ILE A 332 -7.72 3.86 19.83
CA ILE A 332 -8.26 5.12 19.35
C ILE A 332 -7.91 5.17 17.87
N TRP A 333 -8.93 5.24 17.03
CA TRP A 333 -8.75 5.25 15.59
C TRP A 333 -9.26 6.49 14.90
N ASN A 334 -8.44 7.04 13.99
CA ASN A 334 -8.84 8.17 13.19
C ASN A 334 -8.26 8.09 11.81
N GLY A 335 -9.12 8.07 10.81
CA GLY A 335 -8.65 8.02 9.44
C GLY A 335 -8.74 6.66 8.79
N PRO A 336 -9.49 6.51 7.68
CA PRO A 336 -9.62 5.22 7.00
C PRO A 336 -8.23 4.75 6.63
N MET A 337 -8.06 3.44 6.56
CA MET A 337 -6.79 2.86 6.19
C MET A 337 -6.51 2.94 4.69
N GLY A 338 -7.54 3.26 3.91
CA GLY A 338 -7.38 3.40 2.49
C GLY A 338 -8.56 4.16 1.92
N VAL A 339 -8.72 4.12 0.61
CA VAL A 339 -9.82 4.79 -0.06
C VAL A 339 -11.06 3.87 0.05
N PHE A 340 -11.60 3.75 1.27
CA PHE A 340 -12.75 2.87 1.57
C PHE A 340 -13.96 3.14 0.73
N GLU A 341 -14.04 4.33 0.14
CA GLU A 341 -15.17 4.64 -0.71
C GLU A 341 -15.22 3.72 -1.94
N MET A 342 -14.07 3.17 -2.32
CA MET A 342 -14.02 2.24 -3.44
C MET A 342 -13.87 0.85 -2.86
N VAL A 343 -14.75 -0.05 -3.28
CA VAL A 343 -14.73 -1.42 -2.78
C VAL A 343 -13.36 -2.09 -2.72
N PRO A 344 -12.59 -2.08 -3.83
CA PRO A 344 -11.28 -2.74 -3.80
C PRO A 344 -10.26 -2.15 -2.81
N TYR A 345 -10.49 -0.93 -2.37
CA TYR A 345 -9.57 -0.26 -1.47
C TYR A 345 -10.20 -0.08 -0.11
N SER A 346 -11.19 -0.89 0.21
CA SER A 346 -11.88 -0.73 1.49
C SER A 346 -11.57 -1.78 2.55
N LYS A 347 -10.89 -2.85 2.15
CA LYS A 347 -10.59 -3.92 3.07
C LYS A 347 -9.87 -3.51 4.33
N GLY A 348 -8.86 -2.67 4.20
CA GLY A 348 -8.14 -2.26 5.39
C GLY A 348 -9.01 -1.53 6.41
N THR A 349 -9.81 -0.59 5.93
CA THR A 349 -10.67 0.21 6.78
C THR A 349 -11.68 -0.64 7.51
N PHE A 350 -12.31 -1.52 6.76
CA PHE A 350 -13.31 -2.36 7.37
C PHE A 350 -12.72 -3.43 8.29
N ALA A 351 -11.47 -3.81 8.04
CA ALA A 351 -10.78 -4.81 8.89
C ALA A 351 -10.51 -4.23 10.26
N ILE A 352 -9.99 -3.00 10.30
CA ILE A 352 -9.72 -2.30 11.55
C ILE A 352 -11.06 -2.09 12.30
N ALA A 353 -12.09 -1.63 11.58
CA ALA A 353 -13.40 -1.40 12.17
C ALA A 353 -13.89 -2.69 12.81
N LYS A 354 -13.80 -3.78 12.06
CA LYS A 354 -14.24 -5.09 12.53
C LYS A 354 -13.52 -5.51 13.79
N ALA A 355 -12.21 -5.36 13.78
CA ALA A 355 -11.38 -5.73 14.92
C ALA A 355 -11.73 -4.91 16.15
N MET A 356 -11.95 -3.62 15.97
CA MET A 356 -12.26 -2.77 17.08
C MET A 356 -13.65 -3.08 17.62
N GLY A 357 -14.60 -3.24 16.70
CA GLY A 357 -15.96 -3.54 17.09
C GLY A 357 -15.99 -4.85 17.83
N ARG A 358 -15.26 -5.83 17.29
CA ARG A 358 -15.19 -7.17 17.87
C ARG A 358 -14.47 -7.16 19.22
N GLY A 359 -13.36 -6.44 19.26
CA GLY A 359 -12.57 -6.35 20.47
C GLY A 359 -13.42 -5.85 21.60
N THR A 360 -14.17 -4.78 21.34
CA THR A 360 -15.04 -4.18 22.34
C THR A 360 -16.13 -5.17 22.76
N HIS A 361 -16.84 -5.66 21.77
CA HIS A 361 -17.90 -6.60 21.99
C HIS A 361 -17.52 -7.91 22.70
N GLU A 362 -16.38 -8.46 22.34
CA GLU A 362 -15.96 -9.73 22.92
C GLU A 362 -14.94 -9.66 24.04
N HIS A 363 -14.32 -8.50 24.26
CA HIS A 363 -13.30 -8.38 25.31
C HIS A 363 -13.22 -7.05 26.06
N GLY A 364 -14.18 -6.17 25.88
CA GLY A 364 -14.14 -4.89 26.58
C GLY A 364 -13.11 -3.92 26.06
N LEU A 365 -12.52 -4.21 24.90
CA LEU A 365 -11.53 -3.31 24.29
C LEU A 365 -12.24 -1.99 24.27
N MET A 366 -11.64 -0.98 24.85
CA MET A 366 -12.30 0.29 24.83
C MET A 366 -11.96 0.97 23.51
N SER A 367 -12.95 1.08 22.64
CA SER A 367 -12.72 1.62 21.32
C SER A 367 -13.35 2.99 21.01
N ILE A 368 -12.56 3.85 20.36
CA ILE A 368 -13.00 5.18 19.95
C ILE A 368 -12.62 5.41 18.47
N ILE A 369 -13.61 5.74 17.65
CA ILE A 369 -13.42 6.03 16.22
C ILE A 369 -13.78 7.49 16.03
N GLY A 370 -12.99 8.23 15.26
CA GLY A 370 -13.29 9.64 15.05
C GLY A 370 -13.13 10.16 13.64
N GLY A 371 -13.85 11.22 13.31
CA GLY A 371 -13.74 11.79 11.99
C GLY A 371 -14.99 11.55 11.18
N GLY A 372 -15.25 12.43 10.22
CA GLY A 372 -16.41 12.32 9.36
C GLY A 372 -16.41 11.08 8.49
N ASP A 373 -15.33 10.87 7.74
CA ASP A 373 -15.22 9.72 6.86
C ASP A 373 -15.11 8.43 7.68
N SER A 374 -14.40 8.52 8.80
CA SER A 374 -14.23 7.37 9.68
C SER A 374 -15.58 6.91 10.16
N ALA A 375 -16.40 7.85 10.66
CA ALA A 375 -17.76 7.56 11.17
C ALA A 375 -18.63 6.91 10.08
N SER A 376 -18.46 7.36 8.84
CA SER A 376 -19.18 6.79 7.72
C SER A 376 -18.81 5.35 7.53
N ALA A 377 -17.50 5.06 7.52
CA ALA A 377 -16.99 3.70 7.34
C ALA A 377 -17.52 2.78 8.42
N ALA A 378 -17.45 3.23 9.67
CA ALA A 378 -17.95 2.48 10.82
C ALA A 378 -19.42 2.16 10.62
N GLU A 379 -20.18 3.13 10.11
CA GLU A 379 -21.60 2.95 9.88
C GLU A 379 -21.90 2.04 8.72
N LEU A 380 -21.04 2.07 7.71
CA LEU A 380 -21.21 1.22 6.55
C LEU A 380 -21.02 -0.23 6.94
N SER A 381 -20.02 -0.46 7.79
CA SER A 381 -19.70 -1.80 8.27
C SER A 381 -20.67 -2.27 9.31
N GLY A 382 -21.26 -1.33 10.04
CA GLY A 382 -22.23 -1.68 11.06
C GLY A 382 -21.56 -1.80 12.40
N GLU A 383 -20.25 -1.60 12.41
CA GLU A 383 -19.48 -1.69 13.64
C GLU A 383 -19.60 -0.45 14.48
N ALA A 384 -20.20 0.60 13.94
CA ALA A 384 -20.36 1.85 14.68
C ALA A 384 -21.00 1.63 16.03
N LYS A 385 -22.09 0.87 16.03
CA LYS A 385 -22.81 0.57 17.26
C LYS A 385 -21.99 -0.31 18.24
N ARG A 386 -21.06 -1.09 17.73
CA ARG A 386 -20.25 -1.95 18.59
C ARG A 386 -19.01 -1.29 19.23
N MET A 387 -18.75 -0.02 18.90
CA MET A 387 -17.59 0.69 19.45
C MET A 387 -17.96 1.23 20.81
N SER A 388 -16.99 1.70 21.57
CA SER A 388 -17.30 2.29 22.86
C SER A 388 -17.75 3.72 22.59
N HIS A 389 -17.28 4.28 21.50
CA HIS A 389 -17.64 5.64 21.16
C HIS A 389 -17.24 5.96 19.75
N VAL A 390 -18.10 6.66 19.03
CA VAL A 390 -17.78 7.08 17.69
C VAL A 390 -17.94 8.60 17.76
N SER A 391 -16.80 9.26 17.79
CA SER A 391 -16.69 10.70 17.90
C SER A 391 -16.90 11.46 16.62
N THR A 392 -17.46 12.63 16.75
CA THR A 392 -17.66 13.51 15.62
C THR A 392 -16.36 14.25 15.36
N GLY A 393 -15.38 14.00 16.23
CA GLY A 393 -14.09 14.62 16.07
C GLY A 393 -13.01 13.64 15.60
N GLY A 394 -12.24 14.04 14.59
CA GLY A 394 -11.14 13.22 14.09
C GLY A 394 -9.89 13.82 14.67
N GLY A 395 -9.36 14.83 13.98
CA GLY A 395 -8.17 15.53 14.42
C GLY A 395 -8.38 16.06 15.82
N ALA A 396 -9.63 16.39 16.15
CA ALA A 396 -9.96 16.88 17.48
C ALA A 396 -9.65 15.73 18.45
N SER A 397 -10.20 14.55 18.18
CA SER A 397 -9.94 13.41 19.04
C SER A 397 -8.45 13.06 19.13
N LEU A 398 -7.67 13.43 18.11
CA LEU A 398 -6.24 13.15 18.10
C LEU A 398 -5.44 14.21 18.84
N GLU A 399 -5.83 15.47 18.66
CA GLU A 399 -5.15 16.59 19.32
C GLU A 399 -5.32 16.42 20.83
N LEU A 400 -6.54 16.05 21.20
CA LEU A 400 -6.91 15.81 22.58
C LEU A 400 -5.97 14.84 23.29
N LEU A 401 -5.24 14.03 22.54
CA LEU A 401 -4.32 13.12 23.19
C LEU A 401 -3.20 13.88 23.85
N GLU A 402 -2.72 14.94 23.19
CA GLU A 402 -1.65 15.72 23.77
C GLU A 402 -1.87 16.13 25.21
N GLY A 403 -3.13 16.13 25.66
CA GLY A 403 -3.43 16.50 27.04
C GLY A 403 -3.84 17.95 27.23
N LYS A 404 -3.60 18.74 26.19
CA LYS A 404 -3.97 20.14 26.19
C LYS A 404 -5.49 20.28 26.07
N THR A 405 -5.98 21.40 26.60
CA THR A 405 -7.39 21.72 26.53
C THR A 405 -7.66 22.48 25.24
N LEU A 406 -8.43 21.85 24.38
CA LEU A 406 -8.83 22.40 23.09
C LEU A 406 -9.22 23.86 23.27
N PRO A 407 -8.68 24.74 22.45
CA PRO A 407 -8.99 26.18 22.55
C PRO A 407 -10.48 26.48 22.48
N GLY A 408 -11.19 25.74 21.62
CA GLY A 408 -12.63 25.92 21.49
C GLY A 408 -13.33 25.57 22.78
N VAL A 409 -12.79 24.60 23.49
CA VAL A 409 -13.39 24.21 24.75
C VAL A 409 -12.96 25.25 25.77
N THR A 410 -11.66 25.51 25.80
CA THR A 410 -11.10 26.46 26.72
C THR A 410 -11.82 27.80 26.71
N VAL A 411 -12.08 28.35 25.53
CA VAL A 411 -12.70 29.66 25.45
C VAL A 411 -14.04 29.74 26.17
N LEU A 412 -14.66 28.58 26.38
CA LEU A 412 -15.99 28.54 27.00
C LEU A 412 -16.01 28.93 28.46
N ASP A 413 -17.12 29.49 28.91
CA ASP A 413 -17.26 29.89 30.30
C ASP A 413 -17.25 28.64 31.15
N ASP A 414 -16.15 28.41 31.84
CA ASP A 414 -16.02 27.25 32.71
C ASP A 414 -16.71 27.47 34.03
N LYS A 415 -18.00 27.17 34.07
CA LYS A 415 -18.74 27.35 35.31
C LYS A 415 -19.38 26.05 35.71
N GLU B 1 43.45 -22.72 8.55
CA GLU B 1 42.20 -23.39 8.07
C GLU B 1 41.05 -22.97 8.98
N LYS B 2 40.43 -21.83 8.67
CA LYS B 2 39.31 -21.31 9.47
C LYS B 2 38.02 -22.06 9.18
N LYS B 3 37.02 -21.86 10.03
CA LYS B 3 35.73 -22.52 9.87
C LYS B 3 34.86 -21.76 8.86
N SER B 4 34.01 -22.49 8.14
CA SER B 4 33.14 -21.91 7.14
C SER B 4 31.71 -21.81 7.61
N ILE B 5 30.91 -21.05 6.86
CA ILE B 5 29.48 -20.92 7.19
C ILE B 5 28.94 -22.32 7.16
N ASN B 6 29.47 -23.13 6.24
CA ASN B 6 29.05 -24.51 6.09
C ASN B 6 29.08 -25.33 7.39
N GLU B 7 30.05 -25.05 8.25
CA GLU B 7 30.18 -25.77 9.51
C GLU B 7 29.33 -25.17 10.62
N CYS B 8 28.59 -24.11 10.33
CA CYS B 8 27.78 -23.47 11.35
C CYS B 8 26.34 -23.92 11.35
N ASP B 9 25.71 -23.85 12.53
CA ASP B 9 24.30 -24.18 12.66
C ASP B 9 23.65 -22.80 12.51
N LEU B 10 22.88 -22.60 11.44
CA LEU B 10 22.29 -21.30 11.22
C LEU B 10 20.79 -21.26 11.40
N LYS B 11 20.15 -22.43 11.31
CA LYS B 11 18.71 -22.54 11.45
C LYS B 11 18.23 -21.75 12.65
N GLY B 12 17.28 -20.86 12.41
CA GLY B 12 16.72 -20.05 13.48
C GLY B 12 17.67 -19.16 14.25
N LYS B 13 18.86 -18.92 13.73
CA LYS B 13 19.83 -18.07 14.42
C LYS B 13 20.03 -16.71 13.77
N LYS B 14 20.29 -15.68 14.58
CA LYS B 14 20.56 -14.34 14.05
C LYS B 14 22.06 -14.31 13.77
N VAL B 15 22.40 -14.23 12.48
CA VAL B 15 23.77 -14.23 12.07
C VAL B 15 24.30 -12.83 11.82
N LEU B 16 25.38 -12.52 12.51
CA LEU B 16 26.05 -11.24 12.37
C LEU B 16 27.01 -11.45 11.23
N ILE B 17 26.81 -10.76 10.11
CA ILE B 17 27.70 -10.91 8.95
C ILE B 17 28.36 -9.57 8.63
N ARG B 18 29.69 -9.58 8.63
CA ARG B 18 30.46 -8.38 8.32
C ARG B 18 30.79 -8.53 6.84
N VAL B 19 30.13 -7.69 6.05
CA VAL B 19 30.26 -7.69 4.61
C VAL B 19 30.99 -6.44 4.16
N ASP B 20 31.44 -6.45 2.91
CA ASP B 20 32.11 -5.30 2.36
C ASP B 20 31.16 -4.67 1.38
N PHE B 21 30.40 -3.67 1.82
CA PHE B 21 29.47 -3.00 0.93
C PHE B 21 30.00 -1.61 0.59
N ASN B 22 31.30 -1.44 0.66
CA ASN B 22 31.90 -0.16 0.32
C ASN B 22 31.94 -0.01 -1.21
N VAL B 23 30.76 0.14 -1.78
CA VAL B 23 30.60 0.28 -3.21
C VAL B 23 30.82 1.71 -3.65
N PRO B 24 31.28 1.91 -4.90
CA PRO B 24 31.52 3.24 -5.46
C PRO B 24 30.19 3.96 -5.54
N VAL B 25 30.08 5.16 -4.99
CA VAL B 25 28.82 5.92 -5.07
C VAL B 25 29.10 7.29 -5.65
N LYS B 26 28.17 7.80 -6.45
CA LYS B 26 28.31 9.13 -7.05
C LYS B 26 26.96 9.80 -6.96
N ASN B 27 26.92 10.98 -6.36
CA ASN B 27 25.67 11.72 -6.19
C ASN B 27 24.65 10.85 -5.48
N GLY B 28 25.11 10.14 -4.46
CA GLY B 28 24.21 9.29 -3.69
C GLY B 28 23.69 8.03 -4.34
N LYS B 29 24.31 7.62 -5.44
CA LYS B 29 23.87 6.40 -6.10
C LYS B 29 25.04 5.47 -6.29
N ILE B 30 24.77 4.18 -6.21
CA ILE B 30 25.77 3.16 -6.39
C ILE B 30 26.11 3.12 -7.89
N THR B 31 27.40 3.23 -8.23
CA THR B 31 27.81 3.20 -9.64
C THR B 31 28.31 1.82 -10.02
N ASN B 32 28.56 0.99 -9.03
CA ASN B 32 29.01 -0.37 -9.26
C ASN B 32 28.71 -1.16 -7.98
N ASP B 33 27.93 -2.22 -8.10
CA ASP B 33 27.60 -3.01 -6.92
C ASP B 33 28.26 -4.38 -6.87
N TYR B 34 29.43 -4.49 -7.48
CA TYR B 34 30.16 -5.75 -7.51
C TYR B 34 30.40 -6.29 -6.12
N ARG B 35 30.67 -5.39 -5.18
CA ARG B 35 30.92 -5.82 -3.83
C ARG B 35 29.69 -6.40 -3.17
N ILE B 36 28.52 -5.91 -3.55
CA ILE B 36 27.26 -6.41 -3.01
C ILE B 36 26.94 -7.75 -3.67
N ARG B 37 27.05 -7.81 -4.98
CA ARG B 37 26.80 -9.05 -5.68
C ARG B 37 27.69 -10.15 -5.14
N SER B 38 28.92 -9.79 -4.81
CA SER B 38 29.90 -10.74 -4.28
C SER B 38 29.53 -11.30 -2.92
N ALA B 39 28.69 -10.58 -2.19
CA ALA B 39 28.27 -11.03 -0.87
C ALA B 39 26.99 -11.87 -0.91
N LEU B 40 26.32 -11.92 -2.06
CA LEU B 40 25.08 -12.63 -2.18
C LEU B 40 25.10 -14.08 -1.71
N PRO B 41 26.09 -14.88 -2.13
CA PRO B 41 26.19 -16.28 -1.75
C PRO B 41 26.05 -16.56 -0.26
N THR B 42 26.84 -15.86 0.54
CA THR B 42 26.78 -16.03 1.98
C THR B 42 25.39 -15.67 2.50
N LEU B 43 24.81 -14.57 2.03
CA LEU B 43 23.48 -14.19 2.51
C LEU B 43 22.46 -15.24 2.08
N LYS B 44 22.65 -15.79 0.88
CA LYS B 44 21.74 -16.82 0.36
C LYS B 44 21.79 -18.00 1.29
N LYS B 45 23.00 -18.39 1.67
CA LYS B 45 23.23 -19.53 2.55
C LYS B 45 22.46 -19.40 3.84
N VAL B 46 22.66 -18.31 4.58
CA VAL B 46 21.97 -18.15 5.82
C VAL B 46 20.46 -18.14 5.63
N LEU B 47 19.97 -17.51 4.57
CA LEU B 47 18.53 -17.48 4.33
C LEU B 47 18.02 -18.88 4.02
N THR B 48 18.78 -19.60 3.22
CA THR B 48 18.44 -20.95 2.84
C THR B 48 18.44 -21.86 4.06
N GLU B 49 19.37 -21.63 4.98
CA GLU B 49 19.48 -22.43 6.19
C GLU B 49 18.48 -22.06 7.28
N GLY B 50 17.66 -21.05 7.05
CA GLY B 50 16.67 -20.68 8.05
C GLY B 50 17.09 -19.66 9.09
N GLY B 51 18.15 -18.91 8.82
CA GLY B 51 18.59 -17.88 9.76
C GLY B 51 18.09 -16.49 9.35
N SER B 52 18.58 -15.46 10.01
CA SER B 52 18.22 -14.11 9.67
C SER B 52 19.55 -13.35 9.62
N CYS B 53 19.61 -12.28 8.84
CA CYS B 53 20.86 -11.55 8.70
C CYS B 53 20.86 -10.13 9.24
N VAL B 54 21.89 -9.82 10.00
CA VAL B 54 22.07 -8.46 10.51
C VAL B 54 23.47 -8.16 10.01
N LEU B 55 23.49 -7.37 8.95
CA LEU B 55 24.71 -7.01 8.26
C LEU B 55 25.35 -5.75 8.79
N MET B 56 26.69 -5.78 8.85
CA MET B 56 27.44 -4.62 9.31
C MET B 56 28.48 -4.33 8.24
N SER B 57 28.62 -3.08 7.88
CA SER B 57 29.60 -2.69 6.89
C SER B 57 29.91 -1.21 6.99
N HIS B 58 30.82 -0.74 6.15
CA HIS B 58 31.19 0.66 6.15
C HIS B 58 31.15 1.12 4.70
N LEU B 59 31.03 2.41 4.48
CA LEU B 59 31.04 2.95 3.16
C LEU B 59 31.93 4.17 3.28
N GLY B 60 32.92 4.25 2.38
CA GLY B 60 33.86 5.35 2.34
C GLY B 60 34.75 5.45 3.56
N ARG B 61 35.08 6.68 3.94
CA ARG B 61 35.91 6.95 5.10
C ARG B 61 35.32 8.14 5.84
N PRO B 62 34.17 7.93 6.52
CA PRO B 62 33.54 9.03 7.24
C PRO B 62 34.40 9.42 8.44
N LYS B 63 34.29 10.66 8.88
CA LYS B 63 35.08 11.12 10.02
C LYS B 63 34.88 10.26 11.24
N GLY B 64 33.64 9.86 11.48
CA GLY B 64 33.37 9.06 12.66
C GLY B 64 33.17 10.02 13.82
N ILE B 65 32.55 9.54 14.89
CA ILE B 65 32.31 10.37 16.06
C ILE B 65 32.47 9.44 17.21
N PRO B 66 32.91 9.95 18.38
CA PRO B 66 33.11 9.09 19.55
C PRO B 66 31.76 8.66 20.09
N MET B 67 31.67 7.39 20.51
CA MET B 67 30.45 6.81 21.03
C MET B 67 29.81 7.71 22.07
N ALA B 68 30.67 8.24 22.95
CA ALA B 68 30.23 9.14 24.01
C ALA B 68 29.43 10.31 23.46
N GLN B 69 29.94 10.93 22.41
CA GLN B 69 29.28 12.07 21.80
C GLN B 69 27.94 11.72 21.12
N ALA B 70 27.76 10.44 20.85
CA ALA B 70 26.56 9.98 20.21
C ALA B 70 25.30 10.24 21.04
N GLY B 71 25.37 9.86 22.32
CA GLY B 71 24.27 9.99 23.25
C GLY B 71 23.50 11.27 23.10
N LYS B 72 24.26 12.35 23.00
CA LYS B 72 23.72 13.69 22.84
C LYS B 72 22.94 13.84 21.52
N ILE B 73 23.57 13.36 20.46
CA ILE B 73 22.98 13.43 19.13
C ILE B 73 21.64 12.70 19.12
N ARG B 74 21.67 11.45 19.59
CA ARG B 74 20.47 10.63 19.60
C ARG B 74 19.32 11.31 20.34
N SER B 75 19.69 12.11 21.34
CA SER B 75 18.73 12.85 22.15
C SER B 75 18.02 13.82 21.24
N THR B 76 18.83 14.42 20.40
CA THR B 76 18.36 15.36 19.40
C THR B 76 17.48 14.60 18.37
N GLY B 77 17.77 13.31 18.17
CA GLY B 77 17.03 12.50 17.22
C GLY B 77 17.81 12.34 15.92
N GLY B 78 19.07 12.81 15.93
CA GLY B 78 19.93 12.71 14.76
C GLY B 78 20.77 11.43 14.73
N VAL B 79 21.55 11.24 13.66
CA VAL B 79 22.40 10.06 13.51
C VAL B 79 23.86 10.37 13.81
N PRO B 80 24.40 9.75 14.85
CA PRO B 80 25.78 9.94 15.26
C PRO B 80 26.77 9.73 14.13
N GLY B 81 27.56 10.75 13.86
CA GLY B 81 28.58 10.65 12.83
C GLY B 81 28.09 10.59 11.38
N PHE B 82 26.79 10.82 11.20
CA PHE B 82 26.17 10.79 9.88
C PHE B 82 26.83 11.70 8.86
N GLN B 83 27.07 11.14 7.67
CA GLN B 83 27.66 11.84 6.53
C GLN B 83 26.91 11.33 5.31
N GLN B 84 26.04 12.16 4.79
CA GLN B 84 25.20 11.81 3.65
C GLN B 84 25.86 10.99 2.57
N LYS B 85 27.11 11.28 2.28
CA LYS B 85 27.82 10.61 1.21
C LYS B 85 28.25 9.20 1.56
N ALA B 86 28.12 8.85 2.82
CA ALA B 86 28.54 7.53 3.26
C ALA B 86 27.45 6.71 3.92
N THR B 87 26.20 7.03 3.63
CA THR B 87 25.09 6.26 4.16
C THR B 87 25.09 4.92 3.44
N LEU B 88 24.66 3.87 4.12
CA LEU B 88 24.55 2.54 3.54
C LEU B 88 23.12 2.35 3.06
N LYS B 89 22.31 3.38 3.21
CA LYS B 89 20.93 3.32 2.81
C LYS B 89 20.73 2.84 1.37
N PRO B 90 21.41 3.48 0.40
CA PRO B 90 21.19 3.03 -0.98
C PRO B 90 21.60 1.56 -1.14
N VAL B 91 22.56 1.12 -0.34
CA VAL B 91 23.01 -0.27 -0.40
C VAL B 91 21.89 -1.18 0.12
N ALA B 92 21.17 -0.69 1.14
CA ALA B 92 20.07 -1.45 1.72
C ALA B 92 19.02 -1.68 0.65
N LYS B 93 18.74 -0.64 -0.12
CA LYS B 93 17.75 -0.71 -1.17
C LYS B 93 18.18 -1.68 -2.25
N ARG B 94 19.41 -1.57 -2.70
CA ARG B 94 19.91 -2.45 -3.73
C ARG B 94 19.91 -3.89 -3.28
N LEU B 95 20.45 -4.16 -2.10
CA LEU B 95 20.48 -5.50 -1.56
C LEU B 95 19.08 -6.08 -1.56
N SER B 96 18.12 -5.28 -1.16
CA SER B 96 16.75 -5.75 -1.15
C SER B 96 16.31 -6.17 -2.54
N GLU B 97 16.72 -5.43 -3.55
CA GLU B 97 16.35 -5.72 -4.93
C GLU B 97 16.98 -7.02 -5.43
N LEU B 98 18.25 -7.24 -5.09
CA LEU B 98 18.96 -8.44 -5.50
C LEU B 98 18.51 -9.70 -4.79
N LEU B 99 18.33 -9.60 -3.48
CA LEU B 99 17.90 -10.71 -2.63
C LEU B 99 16.41 -11.08 -2.85
N LEU B 100 15.65 -10.16 -3.42
CA LEU B 100 14.24 -10.37 -3.70
C LEU B 100 13.41 -10.46 -2.43
N ARG B 101 13.81 -9.72 -1.41
CA ARG B 101 13.10 -9.67 -0.14
C ARG B 101 13.44 -8.36 0.54
N PRO B 102 12.62 -7.91 1.46
CA PRO B 102 12.88 -6.66 2.16
C PRO B 102 14.17 -6.72 2.94
N VAL B 103 14.81 -5.57 3.09
CA VAL B 103 16.02 -5.45 3.86
C VAL B 103 15.67 -4.22 4.66
N THR B 104 15.62 -4.36 5.97
CA THR B 104 15.30 -3.21 6.80
C THR B 104 16.61 -2.53 7.22
N PHE B 105 16.67 -1.24 6.95
CA PHE B 105 17.84 -0.43 7.22
C PHE B 105 17.82 0.26 8.56
N ALA B 106 18.71 -0.16 9.47
CA ALA B 106 18.83 0.46 10.78
C ALA B 106 19.77 1.69 10.67
N PRO B 107 19.19 2.88 10.69
CA PRO B 107 19.92 4.15 10.57
C PRO B 107 21.04 4.44 11.54
N ASP B 108 21.22 3.59 12.52
CA ASP B 108 22.26 3.79 13.50
C ASP B 108 22.65 2.40 13.99
N CYS B 109 23.88 2.00 13.73
CA CYS B 109 24.33 0.67 14.11
C CYS B 109 24.38 0.40 15.59
N LEU B 110 24.54 1.44 16.38
CA LEU B 110 24.60 1.26 17.83
C LEU B 110 23.25 1.48 18.51
N ASN B 111 22.20 1.63 17.72
CA ASN B 111 20.90 1.89 18.28
C ASN B 111 19.83 1.16 17.50
N ALA B 112 20.11 -0.12 17.21
CA ALA B 112 19.19 -0.95 16.43
C ALA B 112 18.65 -2.16 17.20
N ALA B 113 18.79 -2.16 18.52
CA ALA B 113 18.28 -3.26 19.34
C ALA B 113 16.83 -3.55 19.00
N ASP B 114 16.02 -2.49 18.95
CA ASP B 114 14.60 -2.58 18.63
C ASP B 114 14.30 -3.42 17.37
N VAL B 115 14.91 -3.02 16.26
CA VAL B 115 14.73 -3.68 14.98
C VAL B 115 15.26 -5.09 15.02
N VAL B 116 16.43 -5.25 15.61
CA VAL B 116 17.04 -6.55 15.68
C VAL B 116 16.17 -7.51 16.45
N SER B 117 15.69 -7.09 17.62
CA SER B 117 14.86 -7.95 18.44
C SER B 117 13.62 -8.50 17.72
N LYS B 118 13.02 -7.66 16.88
CA LYS B 118 11.84 -8.04 16.12
C LYS B 118 12.11 -8.95 14.92
N MET B 119 13.37 -9.27 14.67
CA MET B 119 13.70 -10.11 13.53
C MET B 119 13.22 -11.53 13.73
N SER B 120 13.05 -12.22 12.60
CA SER B 120 12.62 -13.62 12.58
C SER B 120 13.38 -14.20 11.41
N PRO B 121 13.46 -15.53 11.34
CA PRO B 121 14.18 -16.17 10.23
C PRO B 121 13.73 -15.63 8.88
N GLY B 122 14.68 -15.39 8.00
CA GLY B 122 14.33 -14.90 6.68
C GLY B 122 14.52 -13.40 6.61
N ASP B 123 14.60 -12.75 7.76
CA ASP B 123 14.76 -11.31 7.82
C ASP B 123 16.19 -10.91 7.56
N VAL B 124 16.35 -9.72 6.97
CA VAL B 124 17.65 -9.16 6.66
C VAL B 124 17.61 -7.70 7.10
N VAL B 125 18.57 -7.31 7.95
CA VAL B 125 18.66 -5.95 8.47
C VAL B 125 20.07 -5.48 8.17
N LEU B 126 20.17 -4.28 7.62
CA LEU B 126 21.48 -3.73 7.32
C LEU B 126 21.62 -2.54 8.24
N LEU B 127 22.71 -2.51 8.99
CA LEU B 127 22.98 -1.42 9.93
C LEU B 127 23.69 -0.30 9.20
N GLU B 128 23.49 0.90 9.66
CA GLU B 128 24.13 2.04 9.06
C GLU B 128 25.64 1.85 9.18
N ASN B 129 26.35 2.62 8.38
CA ASN B 129 27.80 2.66 8.30
C ASN B 129 28.41 2.57 9.69
N VAL B 130 29.12 1.49 9.97
CA VAL B 130 29.74 1.30 11.28
C VAL B 130 30.86 2.29 11.52
N ARG B 131 31.37 2.87 10.45
CA ARG B 131 32.42 3.85 10.59
C ARG B 131 31.91 5.22 10.97
N PHE B 132 30.62 5.31 11.27
CA PHE B 132 30.06 6.58 11.72
C PHE B 132 30.55 6.79 13.16
N TYR B 133 31.10 5.74 13.75
CA TYR B 133 31.65 5.78 15.09
C TYR B 133 33.14 5.54 14.99
N LYS B 134 33.92 6.41 15.62
CA LYS B 134 35.38 6.30 15.63
C LYS B 134 35.92 5.02 16.27
N GLU B 135 35.18 4.46 17.22
CA GLU B 135 35.67 3.27 17.90
C GLU B 135 35.75 2.06 17.00
N GLU B 136 34.96 2.03 15.95
CA GLU B 136 34.97 0.89 15.03
C GLU B 136 36.43 0.64 14.59
N GLY B 137 37.09 1.73 14.20
CA GLY B 137 38.46 1.64 13.73
C GLY B 137 39.54 2.10 14.72
N SER B 138 39.17 2.32 15.97
CA SER B 138 40.15 2.74 16.97
C SER B 138 41.30 1.74 17.08
N LYS B 139 42.48 2.27 17.39
CA LYS B 139 43.67 1.45 17.53
C LYS B 139 43.64 0.92 18.97
N LYS B 140 42.83 1.57 19.81
CA LYS B 140 42.67 1.18 21.20
C LYS B 140 41.65 0.08 21.28
N ALA B 141 42.14 -1.15 21.50
CA ALA B 141 41.32 -2.35 21.63
C ALA B 141 40.18 -2.14 22.60
N LYS B 142 40.45 -1.42 23.69
CA LYS B 142 39.42 -1.13 24.69
C LYS B 142 38.25 -0.47 23.96
N ASP B 143 38.55 0.54 23.12
CA ASP B 143 37.53 1.26 22.37
C ASP B 143 36.78 0.36 21.41
N ARG B 144 37.53 -0.44 20.67
CA ARG B 144 36.94 -1.35 19.71
C ARG B 144 35.98 -2.28 20.42
N GLU B 145 36.45 -2.91 21.48
CA GLU B 145 35.60 -3.83 22.22
C GLU B 145 34.35 -3.18 22.80
N ALA B 146 34.43 -1.90 23.18
CA ALA B 146 33.25 -1.21 23.74
C ALA B 146 32.11 -1.26 22.74
N MET B 147 32.43 -0.84 21.52
CA MET B 147 31.49 -0.82 20.43
C MET B 147 31.07 -2.23 20.08
N ALA B 148 32.07 -3.10 19.90
CA ALA B 148 31.83 -4.50 19.56
C ALA B 148 30.87 -5.18 20.54
N LYS B 149 30.94 -4.77 21.81
CA LYS B 149 30.09 -5.36 22.83
C LYS B 149 28.63 -5.21 22.46
N ILE B 150 28.31 -4.02 21.96
CA ILE B 150 26.95 -3.71 21.57
C ILE B 150 26.51 -4.49 20.34
N LEU B 151 27.32 -4.44 19.30
CA LEU B 151 27.01 -5.15 18.06
C LEU B 151 26.88 -6.65 18.31
N ALA B 152 27.79 -7.18 19.11
CA ALA B 152 27.78 -8.60 19.41
C ALA B 152 26.47 -9.02 20.08
N SER B 153 25.82 -8.08 20.75
CA SER B 153 24.55 -8.39 21.41
C SER B 153 23.42 -8.55 20.38
N TYR B 154 23.67 -8.16 19.14
CA TYR B 154 22.67 -8.27 18.09
C TYR B 154 22.39 -9.69 17.60
N GLY B 155 23.40 -10.57 17.62
CA GLY B 155 23.16 -11.89 17.10
C GLY B 155 23.80 -13.04 17.83
N ASP B 156 23.60 -14.23 17.28
CA ASP B 156 24.12 -15.46 17.88
C ASP B 156 25.40 -15.90 17.22
N VAL B 157 25.30 -16.27 15.94
CA VAL B 157 26.49 -16.68 15.23
C VAL B 157 27.04 -15.54 14.39
N TYR B 158 28.37 -15.41 14.38
CA TYR B 158 29.05 -14.37 13.61
C TYR B 158 29.81 -15.01 12.48
N ILE B 159 29.78 -14.37 11.32
CA ILE B 159 30.54 -14.83 10.18
C ILE B 159 31.09 -13.59 9.50
N SER B 160 32.34 -13.67 9.07
CA SER B 160 33.00 -12.57 8.40
C SER B 160 33.16 -12.86 6.92
N ASP B 161 32.68 -11.95 6.08
CA ASP B 161 32.79 -12.12 4.63
C ASP B 161 33.49 -10.90 4.05
N ALA B 162 33.92 -10.02 4.94
CA ALA B 162 34.57 -8.81 4.51
C ALA B 162 36.06 -8.88 4.26
N PHE B 163 36.51 -9.81 3.41
CA PHE B 163 37.94 -9.83 3.05
C PHE B 163 38.02 -8.46 2.38
N GLY B 164 38.99 -7.63 2.74
CA GLY B 164 39.01 -6.32 2.13
C GLY B 164 39.08 -5.37 3.30
N THR B 165 38.73 -5.90 4.46
CA THR B 165 38.80 -5.18 5.71
C THR B 165 39.39 -6.18 6.68
N ALA B 166 39.81 -7.33 6.17
CA ALA B 166 40.38 -8.40 6.99
C ALA B 166 41.69 -7.96 7.60
N HIS B 167 42.30 -6.96 6.98
CA HIS B 167 43.56 -6.39 7.47
C HIS B 167 43.24 -5.41 8.62
N ARG B 168 42.00 -4.94 8.65
CA ARG B 168 41.58 -3.99 9.68
C ARG B 168 41.17 -4.71 10.95
N ASP B 169 42.07 -4.73 11.93
CA ASP B 169 41.74 -5.33 13.21
C ASP B 169 40.75 -4.30 13.81
N SER B 170 39.45 -4.55 13.67
CA SER B 170 38.43 -3.61 14.14
C SER B 170 37.32 -4.19 14.99
N ALA B 171 36.45 -3.30 15.43
CA ALA B 171 35.31 -3.66 16.26
C ALA B 171 34.48 -4.76 15.63
N THR B 172 34.00 -4.54 14.41
CA THR B 172 33.16 -5.52 13.73
C THR B 172 33.90 -6.68 13.13
N MET B 173 35.19 -6.49 12.82
CA MET B 173 35.99 -7.57 12.22
C MET B 173 36.56 -8.56 13.23
N THR B 174 37.10 -8.05 14.33
CA THR B 174 37.72 -8.90 15.34
C THR B 174 37.07 -8.78 16.71
N GLY B 175 36.58 -7.59 17.02
CA GLY B 175 35.94 -7.36 18.30
C GLY B 175 34.71 -8.21 18.56
N ILE B 176 33.81 -8.27 17.59
CA ILE B 176 32.60 -9.05 17.73
C ILE B 176 32.89 -10.54 17.90
N PRO B 177 33.56 -11.19 16.93
CA PRO B 177 33.84 -12.63 17.09
C PRO B 177 34.48 -12.91 18.44
N LYS B 178 35.34 -11.98 18.86
CA LYS B 178 36.02 -12.07 20.14
C LYS B 178 34.95 -12.15 21.23
N ILE B 179 34.14 -11.10 21.36
CA ILE B 179 33.10 -11.03 22.39
C ILE B 179 32.00 -12.07 22.27
N LEU B 180 31.66 -12.46 21.04
CA LEU B 180 30.58 -13.43 20.83
C LEU B 180 31.11 -14.84 21.09
N GLY B 181 32.41 -15.01 20.89
CA GLY B 181 33.00 -16.31 21.12
C GLY B 181 32.89 -17.25 19.93
N ASN B 182 32.54 -16.72 18.76
CA ASN B 182 32.48 -17.55 17.57
C ASN B 182 32.61 -16.70 16.33
N GLY B 183 32.94 -17.35 15.21
CA GLY B 183 33.07 -16.65 13.97
C GLY B 183 33.58 -17.58 12.92
N ALA B 184 32.91 -17.60 11.77
CA ALA B 184 33.32 -18.44 10.65
C ALA B 184 33.57 -17.50 9.48
N ALA B 185 34.08 -18.05 8.39
CA ALA B 185 34.39 -17.31 7.17
C ALA B 185 33.27 -17.50 6.16
N GLY B 186 32.76 -16.40 5.61
CA GLY B 186 31.70 -16.49 4.64
C GLY B 186 32.36 -17.06 3.39
N TYR B 187 31.59 -17.28 2.34
CA TYR B 187 32.15 -17.83 1.12
C TYR B 187 33.12 -16.91 0.40
N LEU B 188 32.87 -15.62 0.44
CA LEU B 188 33.74 -14.68 -0.23
C LEU B 188 35.06 -14.66 0.48
N MET B 189 35.02 -14.60 1.80
CA MET B 189 36.24 -14.61 2.61
C MET B 189 37.08 -15.75 2.14
N GLU B 190 36.49 -16.96 2.11
CA GLU B 190 37.18 -18.16 1.64
C GLU B 190 37.67 -18.00 0.20
N LYS B 191 36.80 -17.56 -0.70
CA LYS B 191 37.19 -17.40 -2.09
C LYS B 191 38.45 -16.55 -2.22
N GLU B 192 38.44 -15.43 -1.53
CA GLU B 192 39.53 -14.49 -1.57
C GLU B 192 40.82 -14.97 -0.90
N ILE B 193 40.71 -15.39 0.35
CA ILE B 193 41.88 -15.83 1.05
C ILE B 193 42.60 -16.94 0.32
N SER B 194 41.84 -17.91 -0.21
CA SER B 194 42.41 -19.05 -0.91
C SER B 194 43.12 -18.66 -2.19
N TYR B 195 42.47 -17.87 -3.02
CA TYR B 195 43.11 -17.45 -4.24
C TYR B 195 44.41 -16.72 -3.92
N PHE B 196 44.34 -15.72 -3.04
CA PHE B 196 45.54 -14.97 -2.70
C PHE B 196 46.56 -15.89 -2.08
N ALA B 197 46.08 -16.82 -1.26
CA ALA B 197 46.97 -17.77 -0.61
C ALA B 197 47.80 -18.49 -1.67
N LYS B 198 47.09 -19.27 -2.48
CA LYS B 198 47.74 -20.04 -3.51
C LYS B 198 48.61 -19.18 -4.45
N VAL B 199 48.16 -17.96 -4.72
CA VAL B 199 48.88 -17.08 -5.60
C VAL B 199 50.08 -16.30 -5.00
N LEU B 200 49.96 -15.85 -3.76
CA LEU B 200 51.04 -15.10 -3.13
C LEU B 200 52.21 -15.98 -2.69
N GLY B 201 51.94 -17.28 -2.57
CA GLY B 201 52.96 -18.21 -2.20
C GLY B 201 54.08 -18.20 -3.24
N ASN B 202 53.77 -18.63 -4.47
CA ASN B 202 54.78 -18.60 -5.51
C ASN B 202 54.20 -18.08 -6.78
N PRO B 203 54.31 -16.78 -6.98
CA PRO B 203 53.78 -16.13 -8.17
C PRO B 203 54.77 -16.14 -9.31
N PRO B 204 54.27 -16.28 -10.53
CA PRO B 204 55.12 -16.29 -11.72
C PRO B 204 55.86 -14.97 -11.76
N ARG B 205 57.13 -15.02 -12.11
CA ARG B 205 57.92 -13.80 -12.20
C ARG B 205 58.20 -13.54 -13.63
N PRO B 206 58.38 -12.29 -14.02
CA PRO B 206 58.34 -11.13 -13.14
C PRO B 206 56.92 -10.79 -12.65
N LEU B 207 56.86 -10.07 -11.53
CA LEU B 207 55.63 -9.64 -10.89
C LEU B 207 55.59 -8.11 -10.88
N VAL B 208 54.60 -7.53 -11.56
CA VAL B 208 54.46 -6.08 -11.56
C VAL B 208 53.28 -5.67 -10.73
N ALA B 209 53.49 -4.67 -9.91
CA ALA B 209 52.43 -4.15 -9.08
C ALA B 209 52.15 -2.82 -9.72
N ILE B 210 50.90 -2.62 -10.13
CA ILE B 210 50.48 -1.36 -10.72
C ILE B 210 49.62 -0.71 -9.61
N VAL B 211 50.06 0.41 -9.08
CA VAL B 211 49.26 1.06 -8.05
C VAL B 211 48.95 2.51 -8.40
N GLY B 212 47.67 2.84 -8.33
CA GLY B 212 47.21 4.18 -8.64
C GLY B 212 46.09 4.64 -7.72
N GLY B 213 45.14 5.37 -8.28
CA GLY B 213 44.01 5.88 -7.53
C GLY B 213 44.31 7.09 -6.68
N ALA B 214 43.68 7.16 -5.52
CA ALA B 214 43.87 8.24 -4.57
C ALA B 214 44.23 7.62 -3.23
N LYS B 215 43.78 8.19 -2.11
CA LYS B 215 44.10 7.65 -0.77
C LYS B 215 45.61 7.53 -0.64
N VAL B 216 46.31 8.45 -1.29
CA VAL B 216 47.75 8.46 -1.33
C VAL B 216 48.44 8.23 0.00
N SER B 217 48.10 9.03 1.00
CA SER B 217 48.74 8.92 2.30
C SER B 217 48.77 7.53 2.91
N ASP B 218 47.70 6.78 2.70
CA ASP B 218 47.62 5.44 3.27
C ASP B 218 48.25 4.46 2.32
N LYS B 219 47.83 4.55 1.07
CA LYS B 219 48.30 3.64 0.07
C LYS B 219 49.81 3.70 -0.08
N ILE B 220 50.38 4.91 0.01
CA ILE B 220 51.82 5.09 -0.13
C ILE B 220 52.59 4.33 0.92
N GLN B 221 51.97 4.17 2.08
CA GLN B 221 52.58 3.47 3.18
C GLN B 221 52.59 1.98 3.02
N LEU B 222 51.88 1.48 2.00
CA LEU B 222 51.82 0.05 1.76
C LEU B 222 52.89 -0.38 0.81
N LEU B 223 53.42 0.59 0.07
CA LEU B 223 54.43 0.31 -0.92
C LEU B 223 55.73 -0.25 -0.39
N ASP B 224 56.21 0.30 0.73
CA ASP B 224 57.46 -0.16 1.30
C ASP B 224 57.40 -1.64 1.58
N ASN B 225 56.31 -2.07 2.17
CA ASN B 225 56.17 -3.49 2.49
C ASN B 225 55.79 -4.44 1.34
N MET B 226 55.88 -4.00 0.08
CA MET B 226 55.59 -4.91 -1.02
C MET B 226 56.74 -4.97 -2.00
N LEU B 227 57.81 -4.23 -1.71
CA LEU B 227 58.99 -4.17 -2.55
C LEU B 227 59.74 -5.50 -2.61
N GLN B 228 59.61 -6.27 -1.55
CA GLN B 228 60.28 -7.56 -1.44
C GLN B 228 59.63 -8.57 -2.38
N ARG B 229 58.33 -8.41 -2.61
CA ARG B 229 57.57 -9.34 -3.44
C ARG B 229 57.56 -9.01 -4.92
N ILE B 230 57.54 -7.72 -5.24
CA ILE B 230 57.47 -7.31 -6.61
C ILE B 230 58.78 -7.12 -7.36
N ASP B 231 58.69 -7.11 -8.70
CA ASP B 231 59.82 -6.89 -9.60
C ASP B 231 59.70 -5.54 -10.31
N TYR B 232 58.46 -5.10 -10.53
CA TYR B 232 58.21 -3.81 -11.15
C TYR B 232 57.12 -3.13 -10.35
N LEU B 233 57.18 -1.81 -10.27
CA LEU B 233 56.18 -1.05 -9.56
C LEU B 233 55.78 0.08 -10.47
N LEU B 234 54.62 -0.04 -11.11
CA LEU B 234 54.11 1.01 -11.99
C LEU B 234 53.26 1.91 -11.13
N ILE B 235 53.49 3.22 -11.21
CA ILE B 235 52.71 4.15 -10.39
C ILE B 235 51.92 5.17 -11.21
N GLY B 236 50.62 5.24 -10.99
CA GLY B 236 49.80 6.19 -11.71
C GLY B 236 48.80 6.84 -10.78
N GLY B 237 47.71 7.37 -11.31
CA GLY B 237 46.71 8.02 -10.48
C GLY B 237 47.31 9.21 -9.75
N ALA B 238 46.70 9.55 -8.63
CA ALA B 238 47.17 10.68 -7.81
C ALA B 238 48.48 10.32 -7.13
N MET B 239 48.68 9.04 -6.87
CA MET B 239 49.89 8.49 -6.25
C MET B 239 51.23 8.98 -6.87
N ALA B 240 51.23 9.10 -8.18
CA ALA B 240 52.39 9.52 -8.91
C ALA B 240 52.96 10.87 -8.53
N TYR B 241 52.09 11.86 -8.41
CA TYR B 241 52.52 13.23 -8.12
C TYR B 241 53.40 13.38 -6.90
N THR B 242 53.09 12.69 -5.82
CA THR B 242 53.93 12.79 -4.65
C THR B 242 55.35 12.32 -5.03
N PHE B 243 55.45 11.21 -5.75
CA PHE B 243 56.74 10.69 -6.15
C PHE B 243 57.46 11.59 -7.13
N LEU B 244 56.76 12.08 -8.13
CA LEU B 244 57.39 12.98 -9.07
C LEU B 244 57.93 14.24 -8.42
N LYS B 245 57.17 14.82 -7.47
CA LYS B 245 57.62 16.03 -6.80
C LYS B 245 58.81 15.71 -5.96
N ALA B 246 58.80 14.54 -5.31
CA ALA B 246 59.94 14.13 -4.48
C ALA B 246 61.19 14.03 -5.32
N GLN B 247 61.02 13.72 -6.58
CA GLN B 247 62.11 13.59 -7.54
C GLN B 247 62.55 14.93 -8.07
N GLY B 248 61.70 15.93 -7.92
CA GLY B 248 62.05 17.25 -8.41
C GLY B 248 61.33 17.77 -9.64
N TYR B 249 60.16 17.22 -9.94
CA TYR B 249 59.40 17.68 -11.08
C TYR B 249 58.27 18.59 -10.67
N SER B 250 57.75 19.34 -11.63
CA SER B 250 56.68 20.26 -11.39
C SER B 250 55.43 19.42 -11.41
N ILE B 251 54.65 19.60 -10.36
CA ILE B 251 53.41 18.88 -10.14
C ILE B 251 52.17 19.73 -10.43
N GLY B 252 52.36 21.04 -10.62
CA GLY B 252 51.24 21.95 -10.87
C GLY B 252 50.23 21.90 -9.73
N LYS B 253 48.95 21.93 -10.06
CA LYS B 253 47.88 21.83 -9.06
C LYS B 253 47.45 20.38 -8.84
N SER B 254 48.30 19.43 -9.18
CA SER B 254 47.94 18.03 -9.02
C SER B 254 47.96 17.58 -7.57
N LYS B 255 47.20 16.54 -7.31
CA LYS B 255 47.10 15.96 -5.98
C LYS B 255 48.48 15.53 -5.47
N CYS B 256 48.83 15.91 -4.26
CA CYS B 256 50.14 15.55 -3.72
C CYS B 256 50.16 15.48 -2.21
N GLU B 257 50.94 14.55 -1.67
CA GLU B 257 51.08 14.43 -0.24
C GLU B 257 52.37 15.17 0.10
N GLU B 258 52.28 16.48 0.20
CA GLU B 258 53.42 17.31 0.51
C GLU B 258 54.19 16.83 1.74
N SER B 259 53.48 16.19 2.67
CA SER B 259 54.09 15.67 3.89
C SER B 259 54.66 14.27 3.69
N LYS B 260 54.80 13.82 2.44
CA LYS B 260 55.28 12.49 2.17
C LYS B 260 56.48 12.49 1.23
N LEU B 261 56.89 13.68 0.78
CA LEU B 261 58.01 13.79 -0.17
C LEU B 261 59.27 13.05 0.24
N GLU B 262 59.68 13.18 1.50
CA GLU B 262 60.87 12.47 1.96
C GLU B 262 60.57 10.99 2.00
N PHE B 263 59.35 10.64 2.38
CA PHE B 263 58.92 9.26 2.45
C PHE B 263 59.01 8.63 1.07
N ALA B 264 58.54 9.38 0.07
CA ALA B 264 58.58 8.91 -1.31
C ALA B 264 60.03 8.63 -1.73
N ARG B 265 60.92 9.56 -1.41
CA ARG B 265 62.33 9.42 -1.76
C ARG B 265 62.99 8.19 -1.14
N SER B 266 62.66 7.92 0.09
CA SER B 266 63.23 6.78 0.81
C SER B 266 62.71 5.49 0.22
N LEU B 267 61.45 5.53 -0.14
CA LEU B 267 60.79 4.39 -0.71
C LEU B 267 61.42 4.09 -2.05
N LEU B 268 61.80 5.13 -2.78
CA LEU B 268 62.44 4.93 -4.06
C LEU B 268 63.82 4.29 -3.84
N LYS B 269 64.48 4.66 -2.75
CA LYS B 269 65.79 4.12 -2.40
C LYS B 269 65.64 2.63 -2.13
N LYS B 270 64.69 2.30 -1.25
CA LYS B 270 64.45 0.90 -0.89
C LYS B 270 64.11 0.09 -2.13
N ALA B 271 63.31 0.68 -3.01
CA ALA B 271 62.91 0.02 -4.22
C ALA B 271 64.17 -0.43 -4.95
N GLU B 272 65.11 0.48 -5.12
CA GLU B 272 66.36 0.13 -5.79
C GLU B 272 67.03 -1.00 -5.07
N ASP B 273 67.18 -0.82 -3.77
CA ASP B 273 67.81 -1.79 -2.90
C ASP B 273 67.17 -3.16 -2.97
N ARG B 274 65.85 -3.19 -3.06
CA ARG B 274 65.14 -4.46 -3.12
C ARG B 274 64.98 -4.98 -4.54
N LYS B 275 65.72 -4.40 -5.49
CA LYS B 275 65.65 -4.80 -6.91
C LYS B 275 64.27 -4.70 -7.51
N VAL B 276 63.64 -3.54 -7.33
CA VAL B 276 62.31 -3.28 -7.84
C VAL B 276 62.43 -2.13 -8.81
N GLN B 277 62.05 -2.36 -10.06
CA GLN B 277 62.11 -1.32 -11.04
C GLN B 277 60.82 -0.50 -10.93
N VAL B 278 60.90 0.65 -10.28
CA VAL B 278 59.75 1.53 -10.12
C VAL B 278 59.67 2.42 -11.33
N ILE B 279 58.50 2.57 -11.92
CA ILE B 279 58.35 3.41 -13.09
C ILE B 279 57.20 4.38 -12.81
N LEU B 280 57.45 5.65 -13.09
CA LEU B 280 56.49 6.71 -12.86
C LEU B 280 56.12 7.31 -14.19
N PRO B 281 55.08 8.13 -14.20
CA PRO B 281 54.64 8.76 -15.44
C PRO B 281 55.76 9.53 -16.12
N ILE B 282 55.78 9.40 -17.44
CA ILE B 282 56.74 10.03 -18.33
C ILE B 282 56.08 11.31 -18.86
N ASP B 283 54.77 11.24 -19.03
CA ASP B 283 53.99 12.37 -19.50
C ASP B 283 52.64 12.34 -18.79
N HIS B 284 51.84 13.38 -18.98
CA HIS B 284 50.55 13.46 -18.31
C HIS B 284 49.49 14.06 -19.20
N VAL B 285 48.25 13.89 -18.78
CA VAL B 285 47.07 14.46 -19.43
C VAL B 285 46.64 15.41 -18.34
N CYS B 286 46.55 16.69 -18.66
CA CYS B 286 46.21 17.70 -17.66
C CYS B 286 45.13 18.64 -18.10
N HIS B 287 44.74 19.45 -17.14
CA HIS B 287 43.76 20.48 -17.37
C HIS B 287 43.84 21.49 -16.25
N THR B 288 43.29 22.67 -16.50
CA THR B 288 43.30 23.76 -15.54
C THR B 288 42.31 23.52 -14.42
N GLU B 289 41.37 22.62 -14.65
CA GLU B 289 40.37 22.33 -13.63
C GLU B 289 39.92 20.88 -13.76
N PHE B 290 39.44 20.35 -12.64
CA PHE B 290 38.95 18.97 -12.54
C PHE B 290 37.65 18.85 -13.33
N LYS B 291 37.73 19.04 -14.64
CA LYS B 291 36.57 18.98 -15.50
C LYS B 291 37.01 18.35 -16.76
N ALA B 292 36.14 17.54 -17.34
CA ALA B 292 36.43 16.86 -18.58
C ALA B 292 36.45 17.87 -19.71
N VAL B 293 37.31 17.63 -20.69
CA VAL B 293 37.38 18.50 -21.85
C VAL B 293 37.92 17.69 -22.99
N ASP B 294 37.26 17.75 -24.12
CA ASP B 294 37.74 17.00 -25.27
C ASP B 294 39.10 17.60 -25.53
N SER B 295 40.10 16.77 -25.76
CA SER B 295 41.41 17.32 -26.04
C SER B 295 42.04 18.20 -24.97
N PRO B 296 42.39 17.61 -23.82
CA PRO B 296 43.03 18.38 -22.74
C PRO B 296 44.55 18.48 -23.01
N LEU B 297 45.29 19.17 -22.14
CA LEU B 297 46.71 19.34 -22.33
C LEU B 297 47.50 18.07 -22.07
N ILE B 298 48.30 17.64 -23.03
CA ILE B 298 49.12 16.46 -22.82
C ILE B 298 50.58 16.89 -22.86
N THR B 299 51.23 16.75 -21.72
CA THR B 299 52.62 17.13 -21.55
C THR B 299 53.63 16.24 -22.27
N GLU B 300 54.87 16.71 -22.30
CA GLU B 300 55.96 16.00 -22.92
C GLU B 300 56.88 15.48 -21.82
N ASP B 301 56.98 16.23 -20.74
CA ASP B 301 57.82 15.87 -19.63
C ASP B 301 57.01 15.29 -18.53
N GLN B 302 57.70 15.11 -17.40
CA GLN B 302 57.11 14.62 -16.19
C GLN B 302 56.57 15.84 -15.48
N ASN B 303 57.03 17.01 -15.93
CA ASN B 303 56.65 18.29 -15.36
C ASN B 303 55.26 18.71 -15.78
N ILE B 304 54.52 19.27 -14.84
CA ILE B 304 53.16 19.72 -15.10
C ILE B 304 53.16 21.23 -14.92
N PRO B 305 52.55 21.97 -15.88
CA PRO B 305 52.46 23.44 -15.84
C PRO B 305 51.79 23.90 -14.54
N GLU B 306 52.30 24.97 -13.94
CA GLU B 306 51.75 25.48 -12.66
C GLU B 306 50.22 25.62 -12.59
N GLY B 307 49.59 26.01 -13.69
CA GLY B 307 48.15 26.18 -13.64
C GLY B 307 47.34 24.91 -13.92
N HIS B 308 48.03 23.81 -14.19
CA HIS B 308 47.34 22.58 -14.52
C HIS B 308 47.44 21.53 -13.47
N MET B 309 46.59 20.54 -13.59
CA MET B 309 46.58 19.40 -12.70
C MET B 309 46.53 18.18 -13.61
N ALA B 310 47.41 17.21 -13.37
CA ALA B 310 47.43 16.00 -14.18
C ALA B 310 46.24 15.14 -13.76
N LEU B 311 45.46 14.72 -14.75
CA LEU B 311 44.29 13.90 -14.47
C LEU B 311 44.35 12.47 -15.00
N ASP B 312 45.40 12.16 -15.76
CA ASP B 312 45.58 10.80 -16.29
C ASP B 312 47.01 10.69 -16.76
N ILE B 313 47.48 9.46 -16.96
CA ILE B 313 48.82 9.21 -17.44
C ILE B 313 48.80 9.51 -18.94
N GLY B 314 49.89 10.02 -19.49
CA GLY B 314 49.91 10.32 -20.90
C GLY B 314 50.20 9.11 -21.76
N PRO B 315 50.11 9.25 -23.09
CA PRO B 315 50.36 8.19 -24.07
C PRO B 315 51.71 7.50 -23.97
N LYS B 316 52.78 8.26 -23.73
CA LYS B 316 54.08 7.63 -23.61
C LYS B 316 54.13 6.75 -22.38
N THR B 317 53.44 7.21 -21.32
CA THR B 317 53.40 6.45 -20.08
C THR B 317 52.61 5.15 -20.30
N ILE B 318 51.48 5.28 -20.99
CA ILE B 318 50.62 4.12 -21.27
C ILE B 318 51.40 3.06 -22.04
N GLU B 319 52.23 3.53 -22.95
CA GLU B 319 53.05 2.64 -23.75
C GLU B 319 54.03 1.88 -22.88
N LYS B 320 54.79 2.60 -22.05
CA LYS B 320 55.77 1.97 -21.18
C LYS B 320 55.12 0.98 -20.23
N TYR B 321 54.06 1.41 -19.54
CA TYR B 321 53.33 0.56 -18.59
C TYR B 321 52.76 -0.67 -19.29
N VAL B 322 52.11 -0.46 -20.43
CA VAL B 322 51.56 -1.59 -21.15
C VAL B 322 52.68 -2.56 -21.57
N GLN B 323 53.79 -1.96 -22.02
CA GLN B 323 54.96 -2.70 -22.44
C GLN B 323 55.55 -3.52 -21.27
N THR B 324 55.78 -2.88 -20.13
CA THR B 324 56.29 -3.64 -19.00
C THR B 324 55.32 -4.72 -18.50
N ILE B 325 54.01 -4.46 -18.51
CA ILE B 325 53.04 -5.48 -18.09
C ILE B 325 53.20 -6.66 -19.02
N GLY B 326 53.58 -6.38 -20.26
CA GLY B 326 53.82 -7.44 -21.22
C GLY B 326 55.07 -8.25 -20.87
N LYS B 327 55.99 -7.65 -20.13
CA LYS B 327 57.20 -8.34 -19.73
C LYS B 327 57.00 -9.22 -18.50
N CYS B 328 55.80 -9.23 -17.91
CA CYS B 328 55.57 -10.00 -16.70
C CYS B 328 54.75 -11.26 -16.83
N LYS B 329 54.76 -12.03 -15.75
CA LYS B 329 54.00 -13.26 -15.67
C LYS B 329 52.94 -13.17 -14.58
N SER B 330 53.04 -12.12 -13.77
CA SER B 330 52.07 -11.82 -12.71
C SER B 330 51.85 -10.31 -12.67
N ALA B 331 50.59 -9.90 -12.48
CA ALA B 331 50.26 -8.48 -12.40
C ALA B 331 49.21 -8.25 -11.37
N ILE B 332 49.50 -7.35 -10.44
CA ILE B 332 48.55 -7.02 -9.39
C ILE B 332 48.29 -5.52 -9.52
N TRP B 333 47.04 -5.16 -9.80
CA TRP B 333 46.63 -3.78 -9.99
C TRP B 333 45.60 -3.22 -9.00
N ASN B 334 45.88 -2.05 -8.47
CA ASN B 334 44.96 -1.37 -7.60
C ASN B 334 45.03 0.13 -7.80
N GLY B 335 43.93 0.69 -8.25
CA GLY B 335 43.84 2.13 -8.44
C GLY B 335 43.84 2.57 -9.88
N PRO B 336 42.82 3.31 -10.35
CA PRO B 336 42.76 3.79 -11.73
C PRO B 336 43.98 4.64 -12.03
N MET B 337 44.43 4.63 -13.28
CA MET B 337 45.60 5.42 -13.63
C MET B 337 45.27 6.88 -13.74
N GLY B 338 43.99 7.19 -13.81
CA GLY B 338 43.56 8.57 -13.92
C GLY B 338 42.11 8.66 -13.51
N VAL B 339 41.51 9.83 -13.74
CA VAL B 339 40.12 10.06 -13.39
C VAL B 339 39.28 9.43 -14.51
N PHE B 340 39.28 8.09 -14.53
CA PHE B 340 38.58 7.31 -15.54
C PHE B 340 37.10 7.62 -15.71
N GLU B 341 36.50 8.24 -14.70
CA GLU B 341 35.10 8.60 -14.74
C GLU B 341 34.86 9.62 -15.85
N MET B 342 35.90 10.34 -16.26
CA MET B 342 35.78 11.32 -17.33
C MET B 342 36.47 10.75 -18.55
N VAL B 343 35.75 10.68 -19.66
CA VAL B 343 36.28 10.14 -20.88
C VAL B 343 37.70 10.59 -21.23
N PRO B 344 37.97 11.91 -21.25
CA PRO B 344 39.33 12.35 -21.58
C PRO B 344 40.45 11.86 -20.67
N TYR B 345 40.09 11.47 -19.46
CA TYR B 345 41.09 11.02 -18.51
C TYR B 345 40.98 9.53 -18.22
N SER B 346 40.37 8.79 -19.11
CA SER B 346 40.18 7.36 -18.90
C SER B 346 41.12 6.40 -19.67
N LYS B 347 41.82 6.92 -20.67
CA LYS B 347 42.71 6.10 -21.47
C LYS B 347 43.70 5.27 -20.69
N GLY B 348 44.39 5.89 -19.74
CA GLY B 348 45.37 5.15 -18.97
C GLY B 348 44.81 3.96 -18.24
N THR B 349 43.68 4.16 -17.56
CA THR B 349 43.03 3.12 -16.80
C THR B 349 42.58 1.95 -17.67
N PHE B 350 41.95 2.29 -18.77
CA PHE B 350 41.48 1.26 -19.66
C PHE B 350 42.61 0.57 -20.36
N ALA B 351 43.72 1.27 -20.58
CA ALA B 351 44.87 0.67 -21.25
C ALA B 351 45.45 -0.46 -20.40
N ILE B 352 45.61 -0.19 -19.11
CA ILE B 352 46.14 -1.15 -18.17
C ILE B 352 45.18 -2.34 -18.08
N ALA B 353 43.90 -2.03 -18.01
CA ALA B 353 42.89 -3.07 -17.93
C ALA B 353 43.01 -3.98 -19.13
N LYS B 354 43.05 -3.36 -20.32
CA LYS B 354 43.14 -4.09 -21.57
C LYS B 354 44.38 -4.98 -21.63
N ALA B 355 45.53 -4.44 -21.20
CA ALA B 355 46.78 -5.16 -21.20
C ALA B 355 46.75 -6.35 -20.27
N MET B 356 46.13 -6.18 -19.10
CA MET B 356 46.03 -7.25 -18.11
C MET B 356 45.08 -8.37 -18.54
N GLY B 357 43.93 -8.03 -19.10
CA GLY B 357 43.03 -9.09 -19.53
C GLY B 357 43.58 -9.85 -20.74
N ARG B 358 44.13 -9.09 -21.70
CA ARG B 358 44.71 -9.65 -22.91
C ARG B 358 45.84 -10.60 -22.51
N GLY B 359 46.65 -10.14 -21.56
CA GLY B 359 47.76 -10.93 -21.08
C GLY B 359 47.33 -12.26 -20.50
N THR B 360 46.28 -12.26 -19.68
CA THR B 360 45.83 -13.49 -19.11
C THR B 360 45.20 -14.32 -20.19
N HIS B 361 44.34 -13.67 -20.95
CA HIS B 361 43.63 -14.33 -22.03
C HIS B 361 44.48 -14.99 -23.10
N GLU B 362 45.60 -14.37 -23.45
CA GLU B 362 46.45 -14.91 -24.48
C GLU B 362 47.70 -15.61 -23.98
N HIS B 363 48.17 -15.30 -22.77
CA HIS B 363 49.39 -15.92 -22.28
C HIS B 363 49.42 -16.45 -20.85
N GLY B 364 48.25 -16.56 -20.21
CA GLY B 364 48.23 -17.06 -18.85
C GLY B 364 48.78 -16.10 -17.81
N LEU B 365 48.97 -14.84 -18.20
CA LEU B 365 49.45 -13.80 -17.29
C LEU B 365 48.56 -13.89 -16.11
N MET B 366 49.12 -13.99 -14.94
CA MET B 366 48.25 -14.06 -13.78
C MET B 366 47.92 -12.63 -13.35
N SER B 367 46.69 -12.22 -13.62
CA SER B 367 46.21 -10.88 -13.32
C SER B 367 45.25 -10.79 -12.13
N ILE B 368 45.49 -9.82 -11.26
CA ILE B 368 44.66 -9.57 -10.10
C ILE B 368 44.33 -8.09 -10.00
N ILE B 369 43.05 -7.75 -9.97
CA ILE B 369 42.60 -6.37 -9.88
C ILE B 369 41.87 -6.22 -8.55
N GLY B 370 42.07 -5.10 -7.88
CA GLY B 370 41.40 -4.88 -6.62
C GLY B 370 40.91 -3.47 -6.48
N GLY B 371 39.91 -3.28 -5.63
CA GLY B 371 39.37 -1.96 -5.38
C GLY B 371 38.03 -1.69 -6.00
N GLY B 372 37.23 -0.87 -5.34
CA GLY B 372 35.91 -0.55 -5.86
C GLY B 372 35.91 0.08 -7.24
N ASP B 373 36.65 1.16 -7.37
CA ASP B 373 36.73 1.89 -8.63
C ASP B 373 37.46 1.11 -9.70
N SER B 374 38.47 0.36 -9.30
CA SER B 374 39.21 -0.44 -10.25
C SER B 374 38.28 -1.48 -10.84
N ALA B 375 37.55 -2.20 -9.99
CA ALA B 375 36.61 -3.22 -10.46
C ALA B 375 35.59 -2.60 -11.41
N SER B 376 35.10 -1.38 -11.10
CA SER B 376 34.13 -0.73 -11.97
C SER B 376 34.75 -0.44 -13.32
N ALA B 377 36.02 -0.03 -13.32
CA ALA B 377 36.73 0.27 -14.57
C ALA B 377 36.82 -1.02 -15.34
N ALA B 378 37.27 -2.06 -14.65
CA ALA B 378 37.43 -3.38 -15.22
C ALA B 378 36.13 -3.84 -15.87
N GLU B 379 35.01 -3.61 -15.21
CA GLU B 379 33.73 -4.02 -15.73
C GLU B 379 33.20 -3.14 -16.85
N LEU B 380 33.57 -1.86 -16.84
CA LEU B 380 33.12 -0.95 -17.90
C LEU B 380 33.85 -1.36 -19.21
N SER B 381 35.10 -1.78 -19.08
CA SER B 381 35.87 -2.20 -20.25
C SER B 381 35.51 -3.64 -20.68
N GLY B 382 35.07 -4.47 -19.75
CA GLY B 382 34.73 -5.84 -20.10
C GLY B 382 35.90 -6.77 -19.80
N GLU B 383 36.98 -6.17 -19.33
CA GLU B 383 38.16 -6.93 -19.02
C GLU B 383 38.10 -7.64 -17.70
N ALA B 384 37.08 -7.35 -16.89
CA ALA B 384 36.98 -8.01 -15.59
C ALA B 384 36.89 -9.52 -15.70
N LYS B 385 36.06 -9.99 -16.63
CA LYS B 385 35.86 -11.41 -16.82
C LYS B 385 37.13 -12.10 -17.28
N ARG B 386 37.99 -11.37 -17.98
CA ARG B 386 39.24 -11.93 -18.48
C ARG B 386 40.40 -11.95 -17.48
N MET B 387 40.23 -11.36 -16.31
CA MET B 387 41.30 -11.34 -15.30
C MET B 387 41.34 -12.68 -14.62
N SER B 388 42.44 -12.96 -13.94
CA SER B 388 42.53 -14.21 -13.20
C SER B 388 41.70 -14.04 -11.94
N HIS B 389 41.56 -12.81 -11.48
CA HIS B 389 40.81 -12.58 -10.25
C HIS B 389 40.56 -11.12 -9.95
N VAL B 390 39.30 -10.73 -9.78
CA VAL B 390 39.01 -9.36 -9.41
C VAL B 390 38.49 -9.53 -8.00
N SER B 391 39.31 -9.05 -7.09
CA SER B 391 39.09 -9.10 -5.66
C SER B 391 38.21 -7.97 -5.23
N THR B 392 37.58 -8.14 -4.09
CA THR B 392 36.71 -7.14 -3.52
C THR B 392 37.55 -6.29 -2.55
N GLY B 393 38.85 -6.56 -2.50
CA GLY B 393 39.68 -5.75 -1.63
C GLY B 393 40.39 -4.67 -2.41
N GLY B 394 40.61 -3.50 -1.79
CA GLY B 394 41.34 -2.41 -2.44
C GLY B 394 42.79 -2.48 -1.96
N GLY B 395 43.22 -1.49 -1.18
CA GLY B 395 44.57 -1.49 -0.63
C GLY B 395 44.86 -2.73 0.22
N ALA B 396 43.81 -3.47 0.56
CA ALA B 396 43.92 -4.71 1.32
C ALA B 396 44.93 -5.58 0.62
N SER B 397 44.57 -6.07 -0.56
CA SER B 397 45.47 -6.94 -1.32
C SER B 397 46.86 -6.33 -1.36
N LEU B 398 46.95 -5.01 -1.17
CA LEU B 398 48.25 -4.37 -1.14
C LEU B 398 48.88 -4.73 0.20
N GLU B 399 48.23 -4.36 1.30
CA GLU B 399 48.79 -4.68 2.61
C GLU B 399 49.07 -6.18 2.74
N LEU B 400 48.28 -6.98 2.05
CA LEU B 400 48.45 -8.41 2.09
C LEU B 400 49.89 -8.81 1.70
N LEU B 401 50.37 -8.29 0.55
CA LEU B 401 51.72 -8.58 0.01
C LEU B 401 52.83 -8.41 1.04
N GLU B 402 52.54 -7.62 2.07
CA GLU B 402 53.47 -7.41 3.16
C GLU B 402 53.73 -8.77 3.83
N GLY B 403 52.89 -9.75 3.49
CA GLY B 403 53.01 -11.09 4.00
C GLY B 403 52.48 -11.34 5.41
N LYS B 404 51.88 -10.33 6.04
CA LYS B 404 51.35 -10.53 7.41
C LYS B 404 50.06 -11.32 7.38
N THR B 405 49.67 -11.90 8.49
CA THR B 405 48.43 -12.65 8.53
C THR B 405 47.30 -11.69 8.93
N LEU B 406 46.13 -11.80 8.29
CA LEU B 406 45.01 -10.89 8.55
C LEU B 406 44.33 -11.14 9.89
N PRO B 407 44.25 -10.10 10.75
CA PRO B 407 43.61 -10.25 12.07
C PRO B 407 42.14 -10.70 12.00
N GLY B 408 41.40 -10.17 11.02
CA GLY B 408 40.01 -10.53 10.80
C GLY B 408 39.88 -12.01 10.39
N VAL B 409 40.88 -12.50 9.66
CA VAL B 409 40.88 -13.89 9.27
C VAL B 409 41.28 -14.68 10.50
N THR B 410 42.39 -14.27 11.10
CA THR B 410 42.92 -14.92 12.30
C THR B 410 41.89 -15.09 13.40
N VAL B 411 41.12 -14.04 13.70
CA VAL B 411 40.13 -14.10 14.77
C VAL B 411 39.08 -15.20 14.57
N LEU B 412 38.91 -15.68 13.34
CA LEU B 412 37.91 -16.72 13.06
C LEU B 412 38.29 -18.09 13.63
N ASP B 413 37.29 -18.87 13.99
CA ASP B 413 37.53 -20.21 14.54
C ASP B 413 38.17 -21.08 13.46
N ASP B 414 39.46 -21.34 13.58
CA ASP B 414 40.16 -22.16 12.59
C ASP B 414 39.91 -23.65 12.72
N LYS B 415 38.85 -24.13 12.11
CA LYS B 415 38.57 -25.55 12.20
C LYS B 415 38.49 -26.16 10.81
N GLU C 1 34.78 -12.33 -41.55
CA GLU C 1 34.15 -12.85 -40.30
C GLU C 1 33.01 -11.87 -40.21
N LYS C 2 32.75 -11.31 -39.04
CA LYS C 2 31.74 -10.28 -38.93
C LYS C 2 32.49 -9.01 -38.62
N LYS C 3 31.97 -7.90 -39.10
CA LYS C 3 32.59 -6.62 -38.85
C LYS C 3 32.22 -6.35 -37.39
N SER C 4 33.20 -5.89 -36.63
CA SER C 4 33.04 -5.59 -35.23
C SER C 4 33.04 -4.08 -35.08
N ILE C 5 32.55 -3.59 -33.95
CA ILE C 5 32.53 -2.13 -33.69
C ILE C 5 33.93 -1.60 -33.98
N ASN C 6 34.94 -2.42 -33.70
CA ASN C 6 36.33 -2.04 -33.92
C ASN C 6 36.62 -1.57 -35.32
N GLU C 7 35.92 -2.13 -36.30
CA GLU C 7 36.12 -1.75 -37.70
C GLU C 7 35.28 -0.55 -38.14
N CYS C 8 34.46 0.00 -37.24
CA CYS C 8 33.61 1.13 -37.59
C CYS C 8 34.20 2.48 -37.24
N ASP C 9 33.80 3.49 -37.98
CA ASP C 9 34.26 4.84 -37.69
C ASP C 9 33.14 5.36 -36.79
N LEU C 10 33.45 5.65 -35.54
CA LEU C 10 32.40 6.09 -34.65
C LEU C 10 32.50 7.55 -34.27
N LYS C 11 33.68 8.13 -34.43
CA LYS C 11 33.92 9.53 -34.08
C LYS C 11 32.83 10.47 -34.62
N GLY C 12 32.20 11.21 -33.71
CA GLY C 12 31.13 12.14 -34.08
C GLY C 12 29.90 11.53 -34.75
N LYS C 13 29.70 10.21 -34.64
CA LYS C 13 28.56 9.55 -35.27
C LYS C 13 27.50 9.06 -34.28
N LYS C 14 26.23 9.12 -34.67
CA LYS C 14 25.15 8.63 -33.81
C LYS C 14 25.05 7.15 -34.08
N VAL C 15 25.39 6.34 -33.08
CA VAL C 15 25.36 4.89 -33.23
C VAL C 15 24.09 4.30 -32.72
N LEU C 16 23.42 3.52 -33.56
CA LEU C 16 22.19 2.84 -33.21
C LEU C 16 22.64 1.53 -32.67
N ILE C 17 22.42 1.29 -31.38
CA ILE C 17 22.84 0.02 -30.80
C ILE C 17 21.61 -0.72 -30.29
N ARG C 18 21.49 -1.96 -30.72
CA ARG C 18 20.39 -2.79 -30.28
C ARG C 18 21.01 -3.65 -29.18
N VAL C 19 20.60 -3.37 -27.96
CA VAL C 19 21.12 -4.07 -26.79
C VAL C 19 20.05 -4.98 -26.20
N ASP C 20 20.45 -5.86 -25.30
CA ASP C 20 19.49 -6.72 -24.63
C ASP C 20 19.38 -6.21 -23.19
N PHE C 21 18.38 -5.39 -22.94
CA PHE C 21 18.18 -4.85 -21.62
C PHE C 21 16.95 -5.51 -21.00
N ASN C 22 16.63 -6.71 -21.44
CA ASN C 22 15.49 -7.40 -20.88
C ASN C 22 15.88 -8.03 -19.55
N VAL C 23 16.12 -7.18 -18.57
CA VAL C 23 16.51 -7.64 -17.26
C VAL C 23 15.31 -8.02 -16.43
N PRO C 24 15.51 -8.90 -15.44
CA PRO C 24 14.46 -9.36 -14.55
C PRO C 24 13.98 -8.18 -13.68
N VAL C 25 12.67 -7.91 -13.68
CA VAL C 25 12.11 -6.82 -12.89
C VAL C 25 11.01 -7.36 -11.96
N LYS C 26 10.91 -6.79 -10.78
CA LYS C 26 9.89 -7.18 -9.82
C LYS C 26 9.43 -5.89 -9.15
N ASN C 27 8.13 -5.63 -9.21
CA ASN C 27 7.56 -4.42 -8.62
C ASN C 27 8.24 -3.18 -9.21
N GLY C 28 8.45 -3.21 -10.52
CA GLY C 28 9.07 -2.10 -11.22
C GLY C 28 10.55 -1.86 -10.95
N LYS C 29 11.22 -2.82 -10.31
CA LYS C 29 12.63 -2.68 -9.99
C LYS C 29 13.43 -3.81 -10.62
N ILE C 30 14.62 -3.48 -11.10
CA ILE C 30 15.48 -4.47 -11.71
C ILE C 30 16.01 -5.32 -10.57
N THR C 31 15.89 -6.64 -10.69
CA THR C 31 16.41 -7.55 -9.66
C THR C 31 17.77 -8.14 -10.04
N ASN C 32 18.14 -7.93 -11.29
CA ASN C 32 19.42 -8.40 -11.77
C ASN C 32 19.71 -7.61 -13.04
N ASP C 33 20.85 -6.92 -13.07
CA ASP C 33 21.25 -6.12 -14.22
C ASP C 33 22.41 -6.70 -14.99
N TYR C 34 22.57 -8.01 -14.92
CA TYR C 34 23.66 -8.67 -15.62
C TYR C 34 23.64 -8.33 -17.09
N ARG C 35 22.46 -8.25 -17.69
CA ARG C 35 22.37 -7.96 -19.10
C ARG C 35 22.81 -6.55 -19.42
N ILE C 36 22.58 -5.62 -18.50
CA ILE C 36 22.99 -4.22 -18.72
C ILE C 36 24.50 -4.11 -18.54
N ARG C 37 25.02 -4.73 -17.49
CA ARG C 37 26.45 -4.73 -17.24
C ARG C 37 27.18 -5.33 -18.44
N SER C 38 26.60 -6.38 -19.03
CA SER C 38 27.19 -7.07 -20.19
C SER C 38 27.27 -6.19 -21.44
N ALA C 39 26.42 -5.17 -21.49
CA ALA C 39 26.38 -4.23 -22.61
C ALA C 39 27.31 -3.03 -22.45
N LEU C 40 27.83 -2.82 -21.25
CA LEU C 40 28.71 -1.70 -20.99
C LEU C 40 29.90 -1.53 -21.93
N PRO C 41 30.66 -2.61 -22.21
CA PRO C 41 31.83 -2.52 -23.10
C PRO C 41 31.58 -1.81 -24.43
N THR C 42 30.57 -2.27 -25.17
CA THR C 42 30.24 -1.65 -26.42
C THR C 42 29.91 -0.17 -26.23
N LEU C 43 29.13 0.16 -25.22
CA LEU C 43 28.78 1.56 -24.96
C LEU C 43 30.03 2.36 -24.63
N LYS C 44 30.92 1.76 -23.86
CA LYS C 44 32.13 2.44 -23.48
C LYS C 44 32.90 2.73 -24.75
N LYS C 45 32.98 1.73 -25.64
CA LYS C 45 33.69 1.86 -26.91
C LYS C 45 33.20 3.09 -27.71
N VAL C 46 31.91 3.17 -27.99
CA VAL C 46 31.40 4.32 -28.74
C VAL C 46 31.67 5.64 -28.01
N LEU C 47 31.50 5.67 -26.70
CA LEU C 47 31.75 6.91 -25.96
C LEU C 47 33.20 7.32 -26.02
N THR C 48 34.07 6.32 -25.92
CA THR C 48 35.50 6.50 -25.98
C THR C 48 35.92 6.99 -27.38
N GLU C 49 35.27 6.44 -28.40
CA GLU C 49 35.54 6.80 -29.78
C GLU C 49 34.97 8.13 -30.20
N GLY C 50 34.23 8.78 -29.32
CA GLY C 50 33.67 10.07 -29.67
C GLY C 50 32.30 10.09 -30.30
N GLY C 51 31.55 8.99 -30.16
CA GLY C 51 30.21 8.93 -30.72
C GLY C 51 29.13 9.22 -29.69
N SER C 52 27.88 8.98 -30.05
CA SER C 52 26.76 9.15 -29.13
C SER C 52 25.93 7.90 -29.33
N CYS C 53 25.21 7.50 -28.28
CA CYS C 53 24.42 6.29 -28.34
C CYS C 53 22.92 6.50 -28.25
N VAL C 54 22.21 5.83 -29.16
CA VAL C 54 20.75 5.81 -29.14
C VAL C 54 20.46 4.31 -29.10
N LEU C 55 20.11 3.88 -27.91
CA LEU C 55 19.88 2.47 -27.62
C LEU C 55 18.45 2.05 -27.83
N MET C 56 18.30 0.84 -28.33
CA MET C 56 17.00 0.26 -28.57
C MET C 56 16.99 -1.10 -27.92
N SER C 57 15.92 -1.41 -27.21
CA SER C 57 15.79 -2.70 -26.56
C SER C 57 14.32 -2.97 -26.22
N HIS C 58 14.04 -4.15 -25.69
CA HIS C 58 12.69 -4.53 -25.29
C HIS C 58 12.78 -5.09 -23.87
N LEU C 59 11.67 -5.02 -23.14
CA LEU C 59 11.63 -5.56 -21.79
C LEU C 59 10.34 -6.36 -21.74
N GLY C 60 10.46 -7.61 -21.32
CA GLY C 60 9.33 -8.48 -21.21
C GLY C 60 8.74 -8.85 -22.54
N ARG C 61 7.43 -9.02 -22.55
CA ARG C 61 6.69 -9.38 -23.75
C ARG C 61 5.41 -8.59 -23.70
N PRO C 62 5.50 -7.27 -23.94
CA PRO C 62 4.30 -6.43 -23.90
C PRO C 62 3.42 -6.77 -25.09
N LYS C 63 2.11 -6.55 -24.94
CA LYS C 63 1.17 -6.85 -26.01
C LYS C 63 1.54 -6.17 -27.31
N GLY C 64 1.94 -4.91 -27.21
CA GLY C 64 2.28 -4.18 -28.40
C GLY C 64 1.01 -3.62 -28.99
N ILE C 65 1.18 -2.63 -29.86
CA ILE C 65 0.05 -1.96 -30.50
C ILE C 65 0.52 -1.67 -31.91
N PRO C 66 -0.41 -1.63 -32.86
CA PRO C 66 -0.04 -1.34 -34.26
C PRO C 66 0.33 0.12 -34.37
N MET C 67 1.34 0.40 -35.18
CA MET C 67 1.82 1.75 -35.38
C MET C 67 0.66 2.70 -35.74
N ALA C 68 -0.25 2.20 -36.57
CA ALA C 68 -1.39 3.00 -36.99
C ALA C 68 -2.17 3.54 -35.79
N GLN C 69 -2.46 2.66 -34.84
CA GLN C 69 -3.21 3.04 -33.64
C GLN C 69 -2.49 4.01 -32.73
N ALA C 70 -1.18 4.11 -32.91
CA ALA C 70 -0.32 4.98 -32.11
C ALA C 70 -0.66 6.45 -32.23
N GLY C 71 -0.77 6.89 -33.48
CA GLY C 71 -1.08 8.29 -33.75
C GLY C 71 -2.15 8.87 -32.85
N LYS C 72 -3.24 8.13 -32.72
CA LYS C 72 -4.36 8.55 -31.90
C LYS C 72 -3.92 8.76 -30.47
N ILE C 73 -3.16 7.78 -29.96
CA ILE C 73 -2.66 7.79 -28.59
C ILE C 73 -1.82 9.02 -28.31
N ARG C 74 -0.84 9.22 -29.18
CA ARG C 74 0.07 10.34 -29.05
C ARG C 74 -0.68 11.67 -29.05
N SER C 75 -1.83 11.70 -29.74
CA SER C 75 -2.67 12.90 -29.80
C SER C 75 -3.15 13.18 -28.39
N THR C 76 -3.53 12.10 -27.74
CA THR C 76 -4.00 12.12 -26.37
C THR C 76 -2.82 12.53 -25.45
N GLY C 77 -1.60 12.22 -25.88
CA GLY C 77 -0.43 12.54 -25.07
C GLY C 77 0.07 11.31 -24.32
N GLY C 78 -0.53 10.14 -24.62
CA GLY C 78 -0.13 8.89 -23.98
C GLY C 78 0.98 8.14 -24.74
N VAL C 79 1.41 7.01 -24.21
CA VAL C 79 2.47 6.24 -24.87
C VAL C 79 1.92 4.99 -25.52
N PRO C 80 2.03 4.92 -26.84
CA PRO C 80 1.56 3.78 -27.62
C PRO C 80 2.04 2.44 -27.08
N GLY C 81 1.09 1.59 -26.72
CA GLY C 81 1.42 0.25 -26.25
C GLY C 81 2.04 0.13 -24.88
N PHE C 82 2.09 1.25 -24.17
CA PHE C 82 2.67 1.30 -22.84
C PHE C 82 2.11 0.27 -21.86
N GLN C 83 3.00 -0.36 -21.11
CA GLN C 83 2.64 -1.34 -20.11
C GLN C 83 3.64 -1.12 -19.01
N GLN C 84 3.18 -0.48 -17.95
CA GLN C 84 4.00 -0.15 -16.81
C GLN C 84 5.06 -1.19 -16.41
N LYS C 85 4.71 -2.47 -16.48
CA LYS C 85 5.64 -3.52 -16.08
C LYS C 85 6.78 -3.74 -17.07
N ALA C 86 6.64 -3.15 -18.24
CA ALA C 86 7.65 -3.33 -19.27
C ALA C 86 8.37 -2.05 -19.74
N THR C 87 8.34 -1.02 -18.92
CA THR C 87 9.03 0.22 -19.25
C THR C 87 10.52 -0.01 -19.14
N LEU C 88 11.29 0.68 -19.97
CA LEU C 88 12.73 0.58 -19.94
C LEU C 88 13.28 1.72 -19.11
N LYS C 89 12.39 2.53 -18.54
CA LYS C 89 12.77 3.66 -17.72
C LYS C 89 13.72 3.27 -16.60
N PRO C 90 13.35 2.30 -15.75
CA PRO C 90 14.31 1.95 -14.69
C PRO C 90 15.65 1.55 -15.27
N VAL C 91 15.66 0.95 -16.45
CA VAL C 91 16.92 0.56 -17.08
C VAL C 91 17.72 1.78 -17.50
N ALA C 92 17.03 2.84 -17.89
CA ALA C 92 17.69 4.09 -18.30
C ALA C 92 18.38 4.68 -17.09
N LYS C 93 17.69 4.61 -15.97
CA LYS C 93 18.23 5.14 -14.73
C LYS C 93 19.47 4.32 -14.33
N ARG C 94 19.35 2.99 -14.37
CA ARG C 94 20.45 2.14 -13.99
C ARG C 94 21.63 2.39 -14.86
N LEU C 95 21.40 2.33 -16.16
CA LEU C 95 22.47 2.55 -17.12
C LEU C 95 23.22 3.85 -16.84
N SER C 96 22.49 4.90 -16.52
CA SER C 96 23.10 6.20 -16.23
C SER C 96 24.01 6.09 -15.01
N GLU C 97 23.64 5.27 -14.04
CA GLU C 97 24.45 5.12 -12.84
C GLU C 97 25.77 4.39 -13.13
N LEU C 98 25.69 3.32 -13.94
CA LEU C 98 26.87 2.51 -14.30
C LEU C 98 27.81 3.28 -15.22
N LEU C 99 27.26 3.93 -16.23
CA LEU C 99 28.00 4.71 -17.21
C LEU C 99 28.60 5.97 -16.64
N LEU C 100 28.05 6.42 -15.52
CA LEU C 100 28.54 7.63 -14.87
C LEU C 100 28.28 8.88 -15.71
N ARG C 101 27.20 8.85 -16.46
CA ARG C 101 26.78 9.97 -17.28
C ARG C 101 25.28 9.87 -17.48
N PRO C 102 24.62 10.99 -17.78
CA PRO C 102 23.16 10.96 -17.98
C PRO C 102 22.78 10.07 -19.13
N VAL C 103 21.59 9.50 -19.03
CA VAL C 103 21.04 8.67 -20.09
C VAL C 103 19.64 9.25 -20.22
N THR C 104 19.35 9.89 -21.35
CA THR C 104 18.04 10.47 -21.49
C THR C 104 17.14 9.38 -22.06
N PHE C 105 16.03 9.19 -21.37
CA PHE C 105 15.06 8.18 -21.72
C PHE C 105 13.95 8.74 -22.60
N ALA C 106 13.86 8.25 -23.83
CA ALA C 106 12.81 8.69 -24.74
C ALA C 106 11.64 7.73 -24.54
N PRO C 107 10.56 8.22 -23.92
CA PRO C 107 9.33 7.49 -23.61
C PRO C 107 8.58 6.83 -24.74
N ASP C 108 8.96 7.09 -25.99
CA ASP C 108 8.32 6.50 -27.15
C ASP C 108 9.37 6.35 -28.24
N CYS C 109 9.68 5.11 -28.60
CA CYS C 109 10.73 4.90 -29.59
C CYS C 109 10.44 5.41 -30.99
N LEU C 110 9.16 5.55 -31.31
CA LEU C 110 8.81 6.03 -32.65
C LEU C 110 8.48 7.49 -32.62
N ASN C 111 8.84 8.17 -31.54
CA ASN C 111 8.57 9.58 -31.44
C ASN C 111 9.68 10.26 -30.67
N ALA C 112 10.92 9.95 -31.04
CA ALA C 112 12.06 10.52 -30.33
C ALA C 112 12.96 11.38 -31.19
N ALA C 113 12.52 11.72 -32.39
CA ALA C 113 13.35 12.52 -33.29
C ALA C 113 13.88 13.77 -32.60
N ASP C 114 13.03 14.44 -31.84
CA ASP C 114 13.42 15.64 -31.11
C ASP C 114 14.68 15.41 -30.25
N VAL C 115 14.58 14.43 -29.36
CA VAL C 115 15.64 14.09 -28.46
C VAL C 115 16.87 13.66 -29.24
N VAL C 116 16.67 12.81 -30.22
CA VAL C 116 17.79 12.34 -30.99
C VAL C 116 18.52 13.47 -31.68
N SER C 117 17.78 14.35 -32.33
CA SER C 117 18.35 15.47 -33.05
C SER C 117 19.27 16.33 -32.17
N LYS C 118 18.87 16.53 -30.92
CA LYS C 118 19.65 17.32 -29.99
C LYS C 118 20.92 16.64 -29.46
N MET C 119 21.14 15.39 -29.85
CA MET C 119 22.30 14.65 -29.38
C MET C 119 23.61 15.19 -29.90
N SER C 120 24.65 14.98 -29.09
CA SER C 120 26.02 15.42 -29.37
C SER C 120 26.88 14.26 -28.92
N PRO C 121 28.14 14.20 -29.37
CA PRO C 121 29.02 13.10 -28.95
C PRO C 121 29.07 13.02 -27.42
N GLY C 122 29.03 11.80 -26.91
CA GLY C 122 29.06 11.61 -25.47
C GLY C 122 27.66 11.37 -24.91
N ASP C 123 26.64 11.71 -25.68
CA ASP C 123 25.27 11.53 -25.25
C ASP C 123 24.81 10.10 -25.40
N VAL C 124 23.93 9.70 -24.49
CA VAL C 124 23.35 8.37 -24.48
C VAL C 124 21.85 8.55 -24.31
N VAL C 125 21.10 7.97 -25.24
CA VAL C 125 19.64 8.02 -25.21
C VAL C 125 19.12 6.61 -25.28
N LEU C 126 18.16 6.30 -24.42
CA LEU C 126 17.57 4.97 -24.44
C LEU C 126 16.14 5.20 -24.82
N LEU C 127 15.71 4.48 -25.86
CA LEU C 127 14.34 4.57 -26.35
C LEU C 127 13.47 3.61 -25.56
N GLU C 128 12.21 3.96 -25.42
CA GLU C 128 11.27 3.10 -24.71
C GLU C 128 11.20 1.73 -25.40
N ASN C 129 10.63 0.77 -24.68
CA ASN C 129 10.46 -0.59 -25.14
C ASN C 129 10.01 -0.62 -26.60
N VAL C 130 10.86 -1.13 -27.49
CA VAL C 130 10.50 -1.23 -28.91
C VAL C 130 9.34 -2.19 -29.16
N ARG C 131 9.10 -3.11 -28.23
CA ARG C 131 8.01 -4.05 -28.36
C ARG C 131 6.68 -3.43 -27.98
N PHE C 132 6.66 -2.14 -27.68
CA PHE C 132 5.40 -1.48 -27.37
C PHE C 132 4.63 -1.35 -28.68
N TYR C 133 5.30 -1.63 -29.80
CA TYR C 133 4.73 -1.61 -31.15
C TYR C 133 4.78 -3.02 -31.71
N LYS C 134 3.65 -3.49 -32.22
CA LYS C 134 3.57 -4.84 -32.79
C LYS C 134 4.48 -5.07 -34.00
N GLU C 135 4.74 -4.02 -34.75
CA GLU C 135 5.57 -4.16 -35.94
C GLU C 135 6.98 -4.59 -35.65
N GLU C 136 7.49 -4.24 -34.47
CA GLU C 136 8.85 -4.59 -34.12
C GLU C 136 9.05 -6.09 -34.36
N GLY C 137 8.10 -6.88 -33.88
CA GLY C 137 8.20 -8.33 -34.03
C GLY C 137 7.29 -8.96 -35.05
N SER C 138 6.68 -8.15 -35.91
CA SER C 138 5.81 -8.69 -36.95
C SER C 138 6.54 -9.69 -37.84
N LYS C 139 5.78 -10.65 -38.35
CA LYS C 139 6.32 -11.70 -39.22
C LYS C 139 6.32 -11.10 -40.62
N LYS C 140 5.52 -10.06 -40.79
CA LYS C 140 5.41 -9.35 -42.06
C LYS C 140 6.57 -8.36 -42.22
N ALA C 141 7.56 -8.77 -43.01
CA ALA C 141 8.72 -7.94 -43.29
C ALA C 141 8.30 -6.51 -43.60
N LYS C 142 7.21 -6.36 -44.35
CA LYS C 142 6.71 -5.04 -44.71
C LYS C 142 6.52 -4.23 -43.44
N ASP C 143 5.86 -4.86 -42.46
CA ASP C 143 5.57 -4.20 -41.19
C ASP C 143 6.86 -3.86 -40.44
N ARG C 144 7.76 -4.84 -40.37
CA ARG C 144 9.01 -4.62 -39.68
C ARG C 144 9.73 -3.41 -40.28
N GLU C 145 9.89 -3.42 -41.61
CA GLU C 145 10.58 -2.33 -42.32
C GLU C 145 9.92 -0.98 -42.12
N ALA C 146 8.60 -0.95 -41.96
CA ALA C 146 7.91 0.32 -41.76
C ALA C 146 8.45 0.99 -40.52
N MET C 147 8.50 0.22 -39.43
CA MET C 147 9.00 0.70 -38.16
C MET C 147 10.50 0.99 -38.26
N ALA C 148 11.23 0.00 -38.74
CA ALA C 148 12.67 0.11 -38.89
C ALA C 148 13.07 1.38 -39.64
N LYS C 149 12.26 1.79 -40.61
CA LYS C 149 12.55 2.98 -41.39
C LYS C 149 12.69 4.19 -40.48
N ILE C 150 11.80 4.28 -39.50
CA ILE C 150 11.83 5.41 -38.58
C ILE C 150 13.07 5.32 -37.66
N LEU C 151 13.24 4.17 -37.02
CA LEU C 151 14.36 3.99 -36.13
C LEU C 151 15.66 4.27 -36.84
N ALA C 152 15.77 3.73 -38.04
CA ALA C 152 16.97 3.90 -38.85
C ALA C 152 17.27 5.37 -39.12
N SER C 153 16.25 6.21 -39.07
CA SER C 153 16.48 7.63 -39.29
C SER C 153 17.18 8.28 -38.11
N TYR C 154 17.20 7.58 -36.98
CA TYR C 154 17.82 8.09 -35.77
C TYR C 154 19.33 8.18 -35.78
N GLY C 155 20.00 7.25 -36.44
CA GLY C 155 21.45 7.30 -36.42
C GLY C 155 22.16 6.99 -37.70
N ASP C 156 23.48 7.04 -37.63
CA ASP C 156 24.32 6.79 -38.78
C ASP C 156 24.75 5.36 -38.83
N VAL C 157 25.49 4.98 -37.81
CA VAL C 157 26.00 3.63 -37.74
C VAL C 157 25.07 2.73 -36.89
N TYR C 158 25.12 1.42 -37.15
CA TYR C 158 24.33 0.45 -36.41
C TYR C 158 25.19 -0.72 -35.98
N ILE C 159 25.17 -0.98 -34.68
CA ILE C 159 25.90 -2.12 -34.13
C ILE C 159 24.84 -2.89 -33.30
N SER C 160 24.89 -4.21 -33.37
CA SER C 160 23.94 -5.02 -32.63
C SER C 160 24.74 -5.71 -31.58
N ASP C 161 24.17 -5.75 -30.40
CA ASP C 161 24.81 -6.40 -29.28
C ASP C 161 23.78 -7.30 -28.64
N ALA C 162 22.60 -7.33 -29.24
CA ALA C 162 21.51 -8.14 -28.72
C ALA C 162 21.51 -9.60 -29.15
N PHE C 163 22.65 -10.28 -28.95
CA PHE C 163 22.72 -11.71 -29.23
C PHE C 163 21.65 -12.15 -28.27
N GLY C 164 20.75 -13.02 -28.68
CA GLY C 164 19.74 -13.39 -27.71
C GLY C 164 18.42 -12.94 -28.25
N THR C 165 18.49 -12.01 -29.20
CA THR C 165 17.33 -11.52 -29.92
C THR C 165 17.72 -11.73 -31.40
N ALA C 166 19.01 -12.03 -31.59
CA ALA C 166 19.62 -12.27 -32.89
C ALA C 166 19.02 -13.46 -33.67
N HIS C 167 18.36 -14.36 -32.94
CA HIS C 167 17.73 -15.53 -33.54
C HIS C 167 16.43 -15.11 -34.24
N ARG C 168 15.83 -14.02 -33.75
CA ARG C 168 14.57 -13.55 -34.31
C ARG C 168 14.80 -12.39 -35.24
N ASP C 169 14.19 -12.51 -36.42
CA ASP C 169 14.26 -11.47 -37.41
C ASP C 169 13.27 -10.47 -36.84
N SER C 170 13.61 -9.19 -36.87
CA SER C 170 12.71 -8.16 -36.34
C SER C 170 13.10 -6.76 -36.81
N ALA C 171 12.29 -5.77 -36.46
CA ALA C 171 12.59 -4.41 -36.87
C ALA C 171 14.02 -4.02 -36.43
N THR C 172 14.19 -3.78 -35.14
CA THR C 172 15.45 -3.34 -34.58
C THR C 172 16.59 -4.29 -34.84
N MET C 173 16.29 -5.59 -34.87
CA MET C 173 17.33 -6.60 -35.07
C MET C 173 17.84 -6.75 -36.50
N THR C 174 16.92 -6.92 -37.43
CA THR C 174 17.25 -7.11 -38.84
C THR C 174 16.85 -5.95 -39.75
N GLY C 175 15.75 -5.28 -39.42
CA GLY C 175 15.28 -4.18 -40.23
C GLY C 175 16.25 -3.02 -40.36
N ILE C 176 16.58 -2.38 -39.24
CA ILE C 176 17.47 -1.21 -39.27
C ILE C 176 18.76 -1.37 -40.07
N PRO C 177 19.55 -2.41 -39.78
CA PRO C 177 20.78 -2.55 -40.57
C PRO C 177 20.50 -2.67 -42.08
N LYS C 178 19.49 -3.47 -42.43
CA LYS C 178 19.05 -3.68 -43.81
C LYS C 178 18.79 -2.33 -44.46
N ILE C 179 17.96 -1.51 -43.82
CA ILE C 179 17.65 -0.18 -44.31
C ILE C 179 18.89 0.74 -44.24
N LEU C 180 19.75 0.52 -43.24
CA LEU C 180 20.91 1.37 -43.04
C LEU C 180 22.04 1.07 -44.00
N GLY C 181 22.11 -0.18 -44.41
CA GLY C 181 23.17 -0.61 -45.30
C GLY C 181 24.42 -0.87 -44.48
N ASN C 182 24.30 -0.77 -43.16
CA ASN C 182 25.45 -0.99 -42.30
C ASN C 182 25.02 -1.58 -40.97
N GLY C 183 25.90 -2.43 -40.45
CA GLY C 183 25.69 -3.10 -39.17
C GLY C 183 26.91 -3.94 -38.80
N ALA C 184 27.32 -3.84 -37.53
CA ALA C 184 28.46 -4.62 -37.05
C ALA C 184 28.20 -5.15 -35.65
N ALA C 185 28.80 -6.29 -35.33
CA ALA C 185 28.64 -6.90 -34.03
C ALA C 185 29.39 -6.14 -32.89
N GLY C 186 28.65 -5.87 -31.81
CA GLY C 186 29.21 -5.22 -30.66
C GLY C 186 29.97 -6.29 -29.90
N TYR C 187 30.74 -5.89 -28.91
CA TYR C 187 31.54 -6.85 -28.16
C TYR C 187 30.79 -8.02 -27.56
N LEU C 188 29.61 -7.77 -27.00
CA LEU C 188 28.83 -8.83 -26.37
C LEU C 188 28.38 -9.83 -27.42
N MET C 189 27.83 -9.30 -28.50
CA MET C 189 27.37 -10.13 -29.62
C MET C 189 28.54 -11.02 -30.01
N GLU C 190 29.67 -10.37 -30.32
CA GLU C 190 30.92 -11.03 -30.72
C GLU C 190 31.14 -12.19 -29.82
N LYS C 191 31.38 -11.87 -28.56
CA LYS C 191 31.64 -12.81 -27.48
C LYS C 191 30.63 -13.97 -27.44
N GLU C 192 29.35 -13.66 -27.45
CA GLU C 192 28.34 -14.69 -27.37
C GLU C 192 28.45 -15.69 -28.49
N ILE C 193 28.31 -15.19 -29.71
CA ILE C 193 28.37 -16.00 -30.92
C ILE C 193 29.59 -16.91 -30.86
N SER C 194 30.72 -16.30 -30.58
CA SER C 194 31.99 -17.01 -30.49
C SER C 194 31.94 -18.24 -29.59
N TYR C 195 31.35 -18.09 -28.42
CA TYR C 195 31.30 -19.23 -27.50
C TYR C 195 30.49 -20.36 -28.09
N PHE C 196 29.18 -20.12 -28.20
CA PHE C 196 28.24 -21.10 -28.72
C PHE C 196 28.70 -21.70 -30.05
N ALA C 197 29.48 -20.94 -30.80
CA ALA C 197 29.98 -21.41 -32.09
C ALA C 197 31.02 -22.51 -31.84
N LYS C 198 32.25 -22.11 -31.57
CA LYS C 198 33.33 -23.06 -31.33
C LYS C 198 32.96 -24.07 -30.25
N VAL C 199 32.01 -23.72 -29.39
CA VAL C 199 31.54 -24.63 -28.37
C VAL C 199 30.53 -25.63 -28.94
N LEU C 200 29.48 -25.12 -29.59
CA LEU C 200 28.51 -26.03 -30.16
C LEU C 200 28.85 -26.52 -31.58
N GLY C 201 30.13 -26.84 -31.76
CA GLY C 201 30.60 -27.41 -33.02
C GLY C 201 30.53 -28.88 -32.65
N ASN C 202 31.42 -29.27 -31.73
CA ASN C 202 31.48 -30.66 -31.25
C ASN C 202 31.34 -30.67 -29.73
N PRO C 203 30.16 -30.31 -29.20
CA PRO C 203 30.02 -30.32 -27.74
C PRO C 203 30.35 -31.70 -27.15
N PRO C 204 31.28 -31.75 -26.17
CA PRO C 204 31.73 -32.95 -25.48
C PRO C 204 30.56 -33.75 -24.91
N ARG C 205 30.19 -34.82 -25.61
CA ARG C 205 29.07 -35.66 -25.19
C ARG C 205 29.44 -36.51 -23.97
N PRO C 206 28.44 -36.84 -23.11
CA PRO C 206 27.01 -36.49 -23.21
C PRO C 206 26.67 -34.99 -23.08
N LEU C 207 25.55 -34.60 -23.66
CA LEU C 207 25.11 -33.24 -23.60
C LEU C 207 23.73 -33.23 -23.00
N VAL C 208 23.59 -32.64 -21.82
CA VAL C 208 22.28 -32.56 -21.18
C VAL C 208 21.74 -31.15 -21.25
N ALA C 209 20.49 -31.03 -21.67
CA ALA C 209 19.86 -29.74 -21.76
C ALA C 209 18.89 -29.72 -20.60
N ILE C 210 19.08 -28.78 -19.68
CA ILE C 210 18.17 -28.67 -18.55
C ILE C 210 17.31 -27.45 -18.89
N VAL C 211 16.01 -27.65 -19.00
CA VAL C 211 15.13 -26.53 -19.30
C VAL C 211 13.97 -26.45 -18.32
N GLY C 212 13.73 -25.24 -17.82
CA GLY C 212 12.65 -25.04 -16.89
C GLY C 212 12.08 -23.64 -17.04
N GLY C 213 11.77 -23.01 -15.91
CA GLY C 213 11.21 -21.68 -15.96
C GLY C 213 9.73 -21.68 -16.33
N ALA C 214 9.33 -20.64 -17.05
CA ALA C 214 7.95 -20.47 -17.48
C ALA C 214 7.98 -20.22 -18.99
N LYS C 215 7.07 -19.38 -19.51
CA LYS C 215 7.00 -19.11 -20.96
C LYS C 215 6.85 -20.46 -21.68
N VAL C 216 6.14 -21.37 -21.01
CA VAL C 216 5.99 -22.73 -21.51
C VAL C 216 5.61 -22.86 -22.98
N SER C 217 4.54 -22.20 -23.38
CA SER C 217 4.05 -22.28 -24.74
C SER C 217 5.11 -22.03 -25.79
N ASP C 218 6.01 -21.09 -25.52
CA ASP C 218 7.02 -20.76 -26.50
C ASP C 218 8.20 -21.70 -26.34
N LYS C 219 8.66 -21.80 -25.10
CA LYS C 219 9.82 -22.61 -24.79
C LYS C 219 9.64 -24.07 -25.20
N ILE C 220 8.40 -24.56 -25.07
CA ILE C 220 8.07 -25.94 -25.40
C ILE C 220 8.27 -26.22 -26.88
N GLN C 221 8.05 -25.19 -27.67
CA GLN C 221 8.21 -25.31 -29.10
C GLN C 221 9.66 -25.37 -29.55
N LEU C 222 10.57 -25.06 -28.64
CA LEU C 222 11.99 -25.07 -29.00
C LEU C 222 12.64 -26.42 -28.72
N LEU C 223 11.95 -27.23 -27.92
CA LEU C 223 12.46 -28.53 -27.53
C LEU C 223 12.59 -29.49 -28.69
N ASP C 224 11.57 -29.53 -29.54
CA ASP C 224 11.59 -30.43 -30.69
C ASP C 224 12.86 -30.27 -31.50
N ASN C 225 13.20 -29.02 -31.82
CA ASN C 225 14.39 -28.72 -32.62
C ASN C 225 15.75 -28.79 -31.92
N MET C 226 15.78 -29.35 -30.71
CA MET C 226 17.06 -29.48 -30.01
C MET C 226 17.34 -30.94 -29.61
N LEU C 227 16.41 -31.84 -29.93
CA LEU C 227 16.52 -33.28 -29.63
C LEU C 227 17.66 -33.96 -30.38
N GLN C 228 18.00 -33.39 -31.54
CA GLN C 228 19.05 -33.91 -32.42
C GLN C 228 20.43 -33.66 -31.79
N ARG C 229 20.54 -32.55 -31.07
CA ARG C 229 21.80 -32.11 -30.44
C ARG C 229 22.05 -32.72 -29.05
N ILE C 230 20.99 -32.84 -28.27
CA ILE C 230 21.11 -33.34 -26.90
C ILE C 230 21.02 -34.85 -26.70
N ASP C 231 21.53 -35.28 -25.56
CA ASP C 231 21.52 -36.69 -25.16
C ASP C 231 20.59 -36.87 -23.97
N TYR C 232 20.46 -35.83 -23.15
CA TYR C 232 19.57 -35.85 -22.01
C TYR C 232 18.77 -34.56 -22.02
N LEU C 233 17.53 -34.63 -21.57
CA LEU C 233 16.69 -33.46 -21.51
C LEU C 233 16.03 -33.48 -20.14
N LEU C 234 16.56 -32.66 -19.23
CA LEU C 234 16.01 -32.55 -17.88
C LEU C 234 14.94 -31.46 -17.89
N ILE C 235 13.75 -31.74 -17.39
CA ILE C 235 12.71 -30.73 -17.43
C ILE C 235 12.17 -30.39 -16.06
N GLY C 236 12.20 -29.10 -15.73
CA GLY C 236 11.70 -28.65 -14.44
C GLY C 236 10.88 -27.39 -14.60
N GLY C 237 10.72 -26.65 -13.53
CA GLY C 237 9.95 -25.42 -13.61
C GLY C 237 8.53 -25.69 -14.02
N ALA C 238 7.84 -24.68 -14.56
CA ALA C 238 6.46 -24.82 -14.99
C ALA C 238 6.35 -25.78 -16.19
N MET C 239 7.39 -25.79 -17.00
CA MET C 239 7.51 -26.62 -18.21
C MET C 239 7.10 -28.07 -17.97
N ALA C 240 7.48 -28.59 -16.81
CA ALA C 240 7.21 -29.96 -16.42
C ALA C 240 5.73 -30.34 -16.37
N TYR C 241 4.92 -29.48 -15.78
CA TYR C 241 3.49 -29.79 -15.65
C TYR C 241 2.77 -30.14 -16.93
N THR C 242 3.09 -29.46 -18.02
CA THR C 242 2.44 -29.77 -19.28
C THR C 242 2.81 -31.21 -19.65
N PHE C 243 4.11 -31.55 -19.57
CA PHE C 243 4.54 -32.90 -19.90
C PHE C 243 3.93 -33.97 -18.99
N LEU C 244 3.96 -33.73 -17.68
CA LEU C 244 3.42 -34.70 -16.75
C LEU C 244 1.95 -35.00 -17.01
N LYS C 245 1.18 -33.95 -17.31
CA LYS C 245 -0.26 -34.08 -17.56
C LYS C 245 -0.47 -34.86 -18.85
N ALA C 246 0.32 -34.55 -19.87
CA ALA C 246 0.22 -35.24 -21.13
C ALA C 246 0.48 -36.74 -20.88
N GLN C 247 1.34 -37.01 -19.88
CA GLN C 247 1.69 -38.37 -19.51
C GLN C 247 0.57 -39.03 -18.69
N GLY C 248 -0.33 -38.21 -18.17
CA GLY C 248 -1.44 -38.74 -17.40
C GLY C 248 -1.35 -38.61 -15.91
N TYR C 249 -0.59 -37.65 -15.42
CA TYR C 249 -0.44 -37.46 -13.99
C TYR C 249 -1.30 -36.33 -13.51
N SER C 250 -1.50 -36.25 -12.19
CA SER C 250 -2.28 -35.17 -11.59
C SER C 250 -1.34 -33.97 -11.47
N ILE C 251 -1.79 -32.84 -12.00
CA ILE C 251 -1.03 -31.61 -12.02
C ILE C 251 -1.52 -30.60 -10.99
N GLY C 252 -2.66 -30.90 -10.34
CA GLY C 252 -3.23 -30.00 -9.35
C GLY C 252 -3.45 -28.62 -9.98
N LYS C 253 -3.21 -27.57 -9.20
CA LYS C 253 -3.34 -26.20 -9.68
C LYS C 253 -2.04 -25.68 -10.31
N SER C 254 -1.18 -26.59 -10.74
CA SER C 254 0.06 -26.17 -11.33
C SER C 254 -0.08 -25.62 -12.72
N LYS C 255 0.89 -24.78 -13.07
CA LYS C 255 0.95 -24.13 -14.37
C LYS C 255 0.97 -25.17 -15.50
N CYS C 256 0.11 -25.00 -16.50
CA CYS C 256 0.07 -25.95 -17.59
C CYS C 256 -0.44 -25.38 -18.92
N GLU C 257 0.11 -25.86 -20.02
CA GLU C 257 -0.35 -25.43 -21.32
C GLU C 257 -1.32 -26.53 -21.79
N GLU C 258 -2.54 -26.42 -21.29
CA GLU C 258 -3.60 -27.37 -21.62
C GLU C 258 -3.70 -27.59 -23.13
N SER C 259 -3.34 -26.56 -23.90
CA SER C 259 -3.41 -26.64 -25.35
C SER C 259 -2.14 -27.21 -25.96
N LYS C 260 -1.30 -27.82 -25.13
CA LYS C 260 -0.05 -28.37 -25.62
C LYS C 260 0.15 -29.85 -25.31
N LEU C 261 -0.79 -30.40 -24.54
CA LEU C 261 -0.70 -31.79 -24.12
C LEU C 261 -0.35 -32.80 -25.22
N GLU C 262 -1.00 -32.71 -26.37
CA GLU C 262 -0.69 -33.62 -27.46
C GLU C 262 0.70 -33.31 -27.99
N PHE C 263 1.01 -32.01 -28.02
CA PHE C 263 2.32 -31.55 -28.50
C PHE C 263 3.40 -32.18 -27.63
N ALA C 264 3.16 -32.15 -26.32
CA ALA C 264 4.09 -32.71 -25.32
C ALA C 264 4.35 -34.18 -25.62
N ARG C 265 3.25 -34.92 -25.81
CA ARG C 265 3.29 -36.34 -26.11
C ARG C 265 4.09 -36.68 -27.36
N SER C 266 3.87 -35.90 -28.42
CA SER C 266 4.57 -36.11 -29.68
C SER C 266 6.05 -35.81 -29.51
N LEU C 267 6.33 -34.77 -28.73
CA LEU C 267 7.69 -34.37 -28.46
C LEU C 267 8.43 -35.49 -27.71
N LEU C 268 7.72 -36.15 -26.79
CA LEU C 268 8.31 -37.25 -26.03
C LEU C 268 8.63 -38.41 -26.99
N LYS C 269 7.75 -38.63 -27.97
CA LYS C 269 7.95 -39.68 -28.96
C LYS C 269 9.24 -39.42 -29.73
N LYS C 270 9.30 -38.22 -30.33
CA LYS C 270 10.47 -37.80 -31.10
C LYS C 270 11.72 -37.91 -30.26
N ALA C 271 11.62 -37.52 -28.98
CA ALA C 271 12.77 -37.59 -28.07
C ALA C 271 13.32 -39.02 -28.09
N GLU C 272 12.42 -39.98 -27.92
CA GLU C 272 12.81 -41.39 -27.93
C GLU C 272 13.48 -41.70 -29.25
N ASP C 273 12.78 -41.38 -30.33
CA ASP C 273 13.28 -41.64 -31.68
C ASP C 273 14.66 -41.02 -31.95
N ARG C 274 14.90 -39.83 -31.38
CA ARG C 274 16.17 -39.11 -31.56
C ARG C 274 17.23 -39.52 -30.54
N LYS C 275 16.93 -40.55 -29.77
CA LYS C 275 17.87 -41.03 -28.76
C LYS C 275 18.23 -39.97 -27.71
N VAL C 276 17.17 -39.37 -27.13
CA VAL C 276 17.29 -38.33 -26.09
C VAL C 276 16.57 -38.86 -24.85
N GLN C 277 17.30 -39.03 -23.76
CA GLN C 277 16.67 -39.51 -22.53
C GLN C 277 16.04 -38.31 -21.83
N VAL C 278 14.74 -38.16 -21.97
CA VAL C 278 14.04 -37.06 -21.34
C VAL C 278 13.66 -37.51 -19.94
N ILE C 279 13.89 -36.65 -18.95
CA ILE C 279 13.54 -37.00 -17.58
C ILE C 279 12.69 -35.85 -17.06
N LEU C 280 11.64 -36.22 -16.35
CA LEU C 280 10.72 -35.25 -15.78
C LEU C 280 10.72 -35.46 -14.28
N PRO C 281 10.10 -34.53 -13.55
CA PRO C 281 10.04 -34.63 -12.09
C PRO C 281 9.47 -35.94 -11.62
N ILE C 282 10.08 -36.48 -10.57
CA ILE C 282 9.69 -37.73 -9.93
C ILE C 282 8.80 -37.36 -8.74
N ASP C 283 9.13 -36.22 -8.11
CA ASP C 283 8.37 -35.70 -6.98
C ASP C 283 8.36 -34.19 -7.09
N HIS C 284 7.53 -33.54 -6.26
CA HIS C 284 7.38 -32.09 -6.30
C HIS C 284 7.33 -31.46 -4.91
N VAL C 285 7.54 -30.15 -4.88
CA VAL C 285 7.44 -29.37 -3.65
C VAL C 285 6.22 -28.55 -4.01
N CYS C 286 5.18 -28.63 -3.18
CA CYS C 286 3.93 -27.96 -3.48
C CYS C 286 3.35 -27.17 -2.34
N HIS C 287 2.32 -26.42 -2.70
CA HIS C 287 1.58 -25.61 -1.77
C HIS C 287 0.22 -25.27 -2.35
N THR C 288 -0.71 -24.95 -1.46
CA THR C 288 -2.08 -24.59 -1.82
C THR C 288 -2.16 -23.23 -2.50
N GLU C 289 -1.13 -22.41 -2.30
CA GLU C 289 -1.09 -21.09 -2.90
C GLU C 289 0.34 -20.71 -3.21
N PHE C 290 0.50 -19.80 -4.17
CA PHE C 290 1.80 -19.28 -4.65
C PHE C 290 2.40 -18.39 -3.56
N LYS C 291 2.65 -19.00 -2.40
CA LYS C 291 3.20 -18.30 -1.26
C LYS C 291 4.22 -19.22 -0.63
N ALA C 292 5.34 -18.64 -0.21
CA ALA C 292 6.40 -19.41 0.43
C ALA C 292 5.89 -19.87 1.77
N VAL C 293 6.36 -21.03 2.22
CA VAL C 293 5.96 -21.51 3.51
C VAL C 293 7.04 -22.45 3.96
N ASP C 294 7.50 -22.28 5.18
CA ASP C 294 8.54 -23.14 5.70
C ASP C 294 7.89 -24.50 5.66
N SER C 295 8.59 -25.49 5.14
CA SER C 295 8.05 -26.86 5.09
C SER C 295 6.75 -27.05 4.32
N PRO C 296 6.78 -26.81 3.00
CA PRO C 296 5.57 -26.99 2.18
C PRO C 296 5.37 -28.48 1.88
N LEU C 297 4.33 -28.83 1.12
CA LEU C 297 4.05 -30.23 0.81
C LEU C 297 5.02 -30.82 -0.21
N ILE C 298 5.66 -31.93 0.13
CA ILE C 298 6.58 -32.60 -0.80
C ILE C 298 6.00 -33.99 -1.13
N THR C 299 5.58 -34.14 -2.38
CA THR C 299 4.97 -35.38 -2.87
C THR C 299 5.93 -36.55 -2.99
N GLU C 300 5.34 -37.73 -3.22
CA GLU C 300 6.09 -38.99 -3.40
C GLU C 300 6.02 -39.39 -4.86
N ASP C 301 4.91 -39.01 -5.49
CA ASP C 301 4.62 -39.30 -6.88
C ASP C 301 4.87 -38.11 -7.77
N GLN C 302 4.58 -38.30 -9.05
CA GLN C 302 4.69 -37.24 -10.03
C GLN C 302 3.35 -36.53 -9.93
N ASN C 303 2.40 -37.15 -9.23
CA ASN C 303 1.06 -36.61 -9.07
C ASN C 303 1.03 -35.53 -8.01
N ILE C 304 0.29 -34.47 -8.32
CA ILE C 304 0.13 -33.32 -7.44
C ILE C 304 -1.32 -33.26 -7.02
N PRO C 305 -1.59 -33.12 -5.69
CA PRO C 305 -2.94 -33.04 -5.12
C PRO C 305 -3.73 -31.91 -5.80
N GLU C 306 -5.00 -32.18 -6.10
CA GLU C 306 -5.88 -31.22 -6.77
C GLU C 306 -5.79 -29.80 -6.22
N GLY C 307 -5.73 -29.67 -4.88
CA GLY C 307 -5.68 -28.36 -4.25
C GLY C 307 -4.30 -27.72 -4.16
N HIS C 308 -3.28 -28.40 -4.67
CA HIS C 308 -1.94 -27.86 -4.62
C HIS C 308 -1.41 -27.53 -5.99
N MET C 309 -0.31 -26.76 -5.98
CA MET C 309 0.42 -26.35 -7.16
C MET C 309 1.88 -26.66 -6.83
N ALA C 310 2.56 -27.33 -7.75
CA ALA C 310 3.96 -27.66 -7.53
C ALA C 310 4.76 -26.40 -7.83
N LEU C 311 5.61 -26.02 -6.90
CA LEU C 311 6.41 -24.82 -7.04
C LEU C 311 7.92 -25.07 -7.19
N ASP C 312 8.35 -26.32 -7.10
CA ASP C 312 9.76 -26.68 -7.24
C ASP C 312 9.84 -28.19 -7.39
N ILE C 313 10.96 -28.67 -7.94
CA ILE C 313 11.17 -30.10 -8.12
C ILE C 313 11.51 -30.63 -6.73
N GLY C 314 11.11 -31.88 -6.47
CA GLY C 314 11.37 -32.47 -5.17
C GLY C 314 12.76 -33.06 -5.00
N PRO C 315 13.10 -33.50 -3.78
CA PRO C 315 14.40 -34.08 -3.47
C PRO C 315 14.83 -35.23 -4.36
N LYS C 316 13.91 -36.15 -4.65
CA LYS C 316 14.26 -37.31 -5.49
C LYS C 316 14.57 -36.86 -6.90
N THR C 317 13.87 -35.82 -7.35
CA THR C 317 14.10 -35.30 -8.68
C THR C 317 15.45 -34.59 -8.72
N ILE C 318 15.76 -33.81 -7.68
CA ILE C 318 17.02 -33.10 -7.60
C ILE C 318 18.17 -34.10 -7.67
N GLU C 319 18.00 -35.23 -6.99
CA GLU C 319 19.01 -36.28 -6.97
C GLU C 319 19.23 -36.84 -8.36
N LYS C 320 18.16 -37.21 -9.05
CA LYS C 320 18.30 -37.74 -10.39
C LYS C 320 18.95 -36.74 -11.33
N TYR C 321 18.43 -35.52 -11.33
CA TYR C 321 18.96 -34.48 -12.21
C TYR C 321 20.43 -34.18 -11.94
N VAL C 322 20.78 -34.05 -10.66
CA VAL C 322 22.15 -33.78 -10.29
C VAL C 322 23.00 -34.96 -10.74
N GLN C 323 22.50 -36.17 -10.50
CA GLN C 323 23.18 -37.38 -10.88
C GLN C 323 23.42 -37.45 -12.39
N THR C 324 22.38 -37.22 -13.17
CA THR C 324 22.57 -37.27 -14.60
C THR C 324 23.49 -36.15 -15.10
N ILE C 325 23.45 -34.98 -14.47
CA ILE C 325 24.34 -33.89 -14.89
C ILE C 325 25.77 -34.35 -14.70
N GLY C 326 25.96 -35.17 -13.68
CA GLY C 326 27.26 -35.74 -13.39
C GLY C 326 27.70 -36.73 -14.45
N LYS C 327 26.75 -37.30 -15.19
CA LYS C 327 27.08 -38.26 -16.24
C LYS C 327 27.42 -37.56 -17.55
N CYS C 328 27.38 -36.23 -17.57
CA CYS C 328 27.63 -35.50 -18.80
C CYS C 328 28.94 -34.76 -18.88
N LYS C 329 29.24 -34.30 -20.10
CA LYS C 329 30.46 -33.54 -20.38
C LYS C 329 30.09 -32.15 -20.89
N SER C 330 28.81 -31.97 -21.20
CA SER C 330 28.30 -30.70 -21.66
C SER C 330 26.94 -30.50 -21.00
N ALA C 331 26.66 -29.29 -20.53
CA ALA C 331 25.38 -29.00 -19.89
C ALA C 331 24.89 -27.62 -20.28
N ILE C 332 23.68 -27.53 -20.81
CA ILE C 332 23.08 -26.25 -21.20
C ILE C 332 21.80 -26.11 -20.40
N TRP C 333 21.73 -25.08 -19.56
CA TRP C 333 20.60 -24.83 -18.68
C TRP C 333 19.88 -23.51 -18.91
N ASN C 334 18.56 -23.59 -18.98
CA ASN C 334 17.75 -22.40 -19.12
C ASN C 334 16.45 -22.58 -18.38
N GLY C 335 16.23 -21.73 -17.41
CA GLY C 335 15.00 -21.76 -16.63
C GLY C 335 15.12 -22.36 -15.26
N PRO C 336 14.75 -21.61 -14.20
CA PRO C 336 14.83 -22.14 -12.84
C PRO C 336 13.97 -23.39 -12.73
N MET C 337 14.37 -24.30 -11.85
CA MET C 337 13.63 -25.54 -11.66
C MET C 337 12.39 -25.30 -10.83
N GLY C 338 12.31 -24.13 -10.23
CA GLY C 338 11.15 -23.82 -9.41
C GLY C 338 11.10 -22.33 -9.18
N VAL C 339 10.25 -21.90 -8.25
CA VAL C 339 10.13 -20.49 -7.92
C VAL C 339 11.25 -20.15 -6.92
N PHE C 340 12.48 -20.13 -7.43
CA PHE C 340 13.66 -19.87 -6.62
C PHE C 340 13.61 -18.58 -5.84
N GLU C 341 12.73 -17.67 -6.23
CA GLU C 341 12.59 -16.40 -5.53
C GLU C 341 12.12 -16.62 -4.09
N MET C 342 11.51 -17.77 -3.85
CA MET C 342 11.04 -18.09 -2.53
C MET C 342 11.91 -19.18 -1.99
N VAL C 343 12.46 -18.96 -0.81
CA VAL C 343 13.37 -19.91 -0.20
C VAL C 343 12.93 -21.35 -0.25
N PRO C 344 11.69 -21.64 0.17
CA PRO C 344 11.23 -23.03 0.15
C PRO C 344 11.16 -23.72 -1.21
N TYR C 345 11.08 -22.92 -2.28
CA TYR C 345 10.98 -23.44 -3.63
C TYR C 345 12.24 -23.18 -4.41
N SER C 346 13.37 -22.97 -3.74
CA SER C 346 14.60 -22.67 -4.45
C SER C 346 15.61 -23.80 -4.54
N LYS C 347 15.43 -24.82 -3.72
CA LYS C 347 16.36 -25.96 -3.69
C LYS C 347 16.73 -26.55 -5.03
N GLY C 348 15.74 -26.82 -5.87
CA GLY C 348 16.01 -27.40 -7.18
C GLY C 348 16.90 -26.56 -8.07
N THR C 349 16.59 -25.27 -8.16
CA THR C 349 17.36 -24.34 -8.98
C THR C 349 18.83 -24.27 -8.50
N PHE C 350 19.01 -24.08 -7.20
CA PHE C 350 20.35 -23.99 -6.69
C PHE C 350 21.09 -25.30 -6.77
N ALA C 351 20.36 -26.41 -6.74
CA ALA C 351 20.97 -27.72 -6.82
C ALA C 351 21.59 -27.91 -8.20
N ILE C 352 20.84 -27.54 -9.23
CA ILE C 352 21.30 -27.64 -10.61
C ILE C 352 22.48 -26.70 -10.84
N ALA C 353 22.39 -25.48 -10.29
CA ALA C 353 23.48 -24.49 -10.40
C ALA C 353 24.74 -25.03 -9.75
N LYS C 354 24.58 -25.61 -8.56
CA LYS C 354 25.70 -26.19 -7.81
C LYS C 354 26.39 -27.28 -8.58
N ALA C 355 25.59 -28.18 -9.14
CA ALA C 355 26.11 -29.31 -9.90
C ALA C 355 26.84 -28.88 -11.15
N MET C 356 26.30 -27.90 -11.86
CA MET C 356 26.94 -27.42 -13.06
C MET C 356 28.26 -26.73 -12.75
N GLY C 357 28.29 -25.95 -11.67
CA GLY C 357 29.51 -25.26 -11.30
C GLY C 357 30.53 -26.27 -10.85
N ARG C 358 30.12 -27.12 -9.90
CA ARG C 358 30.97 -28.17 -9.34
C ARG C 358 31.54 -29.05 -10.46
N GLY C 359 30.68 -29.41 -11.39
CA GLY C 359 31.09 -30.24 -12.50
C GLY C 359 32.21 -29.62 -13.31
N THR C 360 32.05 -28.36 -13.69
CA THR C 360 33.09 -27.69 -14.45
C THR C 360 34.34 -27.58 -13.59
N HIS C 361 34.17 -27.05 -12.40
CA HIS C 361 35.27 -26.87 -11.48
C HIS C 361 36.03 -28.16 -11.26
N GLU C 362 35.34 -29.11 -10.68
CA GLU C 362 35.90 -30.40 -10.37
C GLU C 362 36.19 -31.32 -11.53
N HIS C 363 35.26 -31.43 -12.48
CA HIS C 363 35.44 -32.37 -13.58
C HIS C 363 35.46 -31.85 -15.02
N GLY C 364 35.86 -30.59 -15.21
CA GLY C 364 35.97 -30.01 -16.54
C GLY C 364 34.72 -29.90 -17.41
N LEU C 365 33.55 -30.18 -16.83
CA LEU C 365 32.28 -30.09 -17.56
C LEU C 365 32.11 -28.74 -18.29
N MET C 366 31.64 -28.75 -19.53
CA MET C 366 31.42 -27.50 -20.24
C MET C 366 30.01 -27.11 -19.84
N SER C 367 29.93 -26.19 -18.90
CA SER C 367 28.65 -25.69 -18.39
C SER C 367 28.23 -24.38 -19.04
N ILE C 368 26.98 -24.31 -19.46
CA ILE C 368 26.47 -23.11 -20.09
C ILE C 368 25.11 -22.79 -19.51
N ILE C 369 24.92 -21.53 -19.15
CA ILE C 369 23.67 -21.09 -18.55
C ILE C 369 23.19 -19.88 -19.34
N GLY C 370 21.88 -19.67 -19.37
CA GLY C 370 21.32 -18.54 -20.06
C GLY C 370 19.97 -18.24 -19.45
N GLY C 371 19.41 -17.08 -19.77
CA GLY C 371 18.11 -16.71 -19.23
C GLY C 371 18.23 -15.79 -18.04
N GLY C 372 17.58 -14.64 -18.12
CA GLY C 372 17.64 -13.65 -17.05
C GLY C 372 17.49 -14.11 -15.61
N ASP C 373 16.47 -14.89 -15.33
CA ASP C 373 16.26 -15.33 -13.97
C ASP C 373 17.24 -16.42 -13.60
N SER C 374 17.70 -17.14 -14.61
CA SER C 374 18.65 -18.23 -14.42
C SER C 374 20.02 -17.68 -14.04
N ALA C 375 20.44 -16.63 -14.73
CA ALA C 375 21.72 -16.00 -14.40
C ALA C 375 21.58 -15.33 -13.02
N SER C 376 20.36 -14.89 -12.67
CA SER C 376 20.12 -14.29 -11.37
C SER C 376 20.41 -15.31 -10.30
N ALA C 377 19.89 -16.53 -10.50
CA ALA C 377 20.04 -17.65 -9.57
C ALA C 377 21.48 -18.07 -9.40
N ALA C 378 22.19 -18.13 -10.52
CA ALA C 378 23.60 -18.49 -10.56
C ALA C 378 24.44 -17.44 -9.80
N GLU C 379 24.10 -16.17 -9.93
CA GLU C 379 24.84 -15.13 -9.24
C GLU C 379 24.52 -15.16 -7.76
N LEU C 380 23.25 -15.38 -7.42
CA LEU C 380 22.81 -15.44 -6.04
C LEU C 380 23.53 -16.54 -5.28
N SER C 381 23.87 -17.62 -5.98
CA SER C 381 24.55 -18.73 -5.34
C SER C 381 26.03 -18.77 -5.67
N GLY C 382 26.54 -17.76 -6.33
CA GLY C 382 27.96 -17.70 -6.62
C GLY C 382 28.51 -18.73 -7.60
N GLU C 383 27.61 -19.32 -8.38
CA GLU C 383 27.99 -20.31 -9.35
C GLU C 383 28.21 -19.74 -10.74
N ALA C 384 27.64 -18.58 -11.03
CA ALA C 384 27.78 -17.99 -12.36
C ALA C 384 29.24 -17.93 -12.78
N LYS C 385 30.10 -17.51 -11.87
CA LYS C 385 31.54 -17.42 -12.15
C LYS C 385 32.18 -18.79 -12.42
N ARG C 386 31.56 -19.84 -11.89
CA ARG C 386 32.04 -21.20 -12.04
C ARG C 386 31.58 -21.83 -13.37
N MET C 387 30.58 -21.25 -14.00
CA MET C 387 30.10 -21.78 -15.25
C MET C 387 31.08 -21.51 -16.37
N SER C 388 31.12 -22.41 -17.33
CA SER C 388 32.01 -22.23 -18.46
C SER C 388 31.63 -20.91 -19.10
N HIS C 389 30.33 -20.71 -19.29
CA HIS C 389 29.87 -19.48 -19.91
C HIS C 389 28.43 -19.18 -19.60
N VAL C 390 28.17 -18.01 -19.03
CA VAL C 390 26.83 -17.59 -18.73
C VAL C 390 26.45 -16.59 -19.82
N SER C 391 25.44 -16.95 -20.60
CA SER C 391 24.98 -16.15 -21.72
C SER C 391 23.90 -15.17 -21.35
N THR C 392 23.75 -14.15 -22.17
CA THR C 392 22.74 -13.16 -21.95
C THR C 392 21.48 -13.66 -22.66
N GLY C 393 21.54 -14.84 -23.25
CA GLY C 393 20.37 -15.33 -23.95
C GLY C 393 19.47 -16.29 -23.21
N GLY C 394 18.15 -16.07 -23.32
CA GLY C 394 17.16 -16.95 -22.70
C GLY C 394 16.88 -18.13 -23.65
N GLY C 395 15.86 -17.98 -24.51
CA GLY C 395 15.55 -18.99 -25.51
C GLY C 395 16.42 -18.87 -26.79
N ALA C 396 17.44 -17.99 -26.75
CA ALA C 396 18.34 -17.81 -27.89
C ALA C 396 19.41 -18.90 -27.82
N SER C 397 19.43 -19.60 -26.68
CA SER C 397 20.34 -20.73 -26.48
C SER C 397 19.56 -21.95 -27.02
N LEU C 398 18.25 -21.94 -26.78
CA LEU C 398 17.37 -23.02 -27.21
C LEU C 398 17.17 -23.01 -28.72
N GLU C 399 16.49 -21.98 -29.24
CA GLU C 399 16.23 -21.87 -30.67
C GLU C 399 17.51 -21.98 -31.51
N LEU C 400 18.61 -21.48 -30.98
CA LEU C 400 19.91 -21.52 -31.66
C LEU C 400 20.29 -22.97 -32.02
N LEU C 401 19.95 -23.89 -31.12
CA LEU C 401 20.22 -25.34 -31.28
C LEU C 401 19.84 -25.92 -32.66
N GLU C 402 18.72 -25.45 -33.24
CA GLU C 402 18.29 -25.92 -34.55
C GLU C 402 19.24 -25.41 -35.68
N GLY C 403 20.52 -25.20 -35.34
CA GLY C 403 21.56 -24.75 -36.28
C GLY C 403 21.17 -23.64 -37.26
N LYS C 404 20.02 -23.05 -36.95
CA LYS C 404 19.43 -22.00 -37.74
C LYS C 404 20.30 -20.75 -37.69
N THR C 405 20.64 -20.26 -38.87
CA THR C 405 21.44 -19.04 -38.96
C THR C 405 20.75 -17.93 -38.15
N LEU C 406 21.47 -17.27 -37.26
CA LEU C 406 20.81 -16.20 -36.54
C LEU C 406 20.69 -15.03 -37.52
N PRO C 407 19.47 -14.65 -37.89
CA PRO C 407 19.24 -13.54 -38.83
C PRO C 407 19.89 -12.25 -38.38
N GLY C 408 19.83 -11.99 -37.06
CA GLY C 408 20.43 -10.80 -36.48
C GLY C 408 21.94 -10.81 -36.69
N VAL C 409 22.54 -11.99 -36.62
CA VAL C 409 23.98 -12.09 -36.83
C VAL C 409 24.25 -11.94 -38.31
N THR C 410 23.52 -12.71 -39.11
CA THR C 410 23.65 -12.72 -40.55
C THR C 410 23.54 -11.32 -41.19
N VAL C 411 22.59 -10.51 -40.70
CA VAL C 411 22.39 -9.17 -41.25
C VAL C 411 23.63 -8.26 -41.07
N LEU C 412 24.52 -8.64 -40.16
CA LEU C 412 25.72 -7.84 -39.90
C LEU C 412 26.76 -7.94 -41.03
N ASP C 413 27.44 -6.84 -41.29
CA ASP C 413 28.46 -6.81 -42.34
C ASP C 413 29.55 -7.80 -41.96
N ASP C 414 29.61 -8.92 -42.66
CA ASP C 414 30.61 -9.94 -42.37
C ASP C 414 31.97 -9.61 -42.97
N LYS C 415 32.77 -8.86 -42.23
CA LYS C 415 34.09 -8.49 -42.70
C LYS C 415 35.16 -8.96 -41.71
N GLU D 1 -30.91 -21.52 15.09
CA GLU D 1 -30.26 -20.35 14.42
C GLU D 1 -30.69 -20.41 12.96
N LYS D 2 -30.67 -19.27 12.27
CA LYS D 2 -31.05 -19.20 10.85
C LYS D 2 -29.81 -18.90 10.01
N LYS D 3 -29.81 -19.28 8.74
CA LYS D 3 -28.65 -19.04 7.87
C LYS D 3 -28.40 -17.55 7.63
N SER D 4 -27.15 -17.13 7.79
CA SER D 4 -26.77 -15.74 7.62
C SER D 4 -26.22 -15.46 6.21
N ILE D 5 -26.16 -14.18 5.83
CA ILE D 5 -25.58 -13.80 4.54
C ILE D 5 -24.20 -14.39 4.53
N ASN D 6 -23.59 -14.44 5.72
CA ASN D 6 -22.25 -14.97 5.90
C ASN D 6 -22.05 -16.37 5.31
N GLU D 7 -23.09 -17.20 5.38
CA GLU D 7 -23.02 -18.57 4.86
C GLU D 7 -23.35 -18.67 3.37
N CYS D 8 -23.65 -17.55 2.73
CA CYS D 8 -23.98 -17.56 1.31
C CYS D 8 -22.82 -17.22 0.39
N ASP D 9 -22.88 -17.77 -0.82
CA ASP D 9 -21.84 -17.48 -1.81
C ASP D 9 -22.45 -16.31 -2.56
N LEU D 10 -21.81 -15.16 -2.47
CA LEU D 10 -22.35 -13.98 -3.09
C LEU D 10 -21.59 -13.49 -4.31
N LYS D 11 -20.33 -13.90 -4.43
CA LYS D 11 -19.48 -13.50 -5.53
C LYS D 11 -20.18 -13.67 -6.87
N GLY D 12 -20.25 -12.58 -7.62
CA GLY D 12 -20.86 -12.58 -8.92
C GLY D 12 -22.33 -12.99 -8.98
N LYS D 13 -23.03 -12.94 -7.85
CA LYS D 13 -24.45 -13.31 -7.83
C LYS D 13 -25.38 -12.13 -7.64
N LYS D 14 -26.57 -12.20 -8.25
CA LYS D 14 -27.57 -11.16 -8.09
C LYS D 14 -28.35 -11.51 -6.83
N VAL D 15 -28.20 -10.70 -5.79
CA VAL D 15 -28.86 -10.93 -4.53
C VAL D 15 -30.14 -10.12 -4.41
N LEU D 16 -31.22 -10.84 -4.12
CA LEU D 16 -32.52 -10.25 -3.91
C LEU D 16 -32.52 -9.96 -2.42
N ILE D 17 -32.63 -8.68 -2.06
CA ILE D 17 -32.65 -8.34 -0.65
C ILE D 17 -33.94 -7.60 -0.33
N ARG D 18 -34.68 -8.12 0.64
CA ARG D 18 -35.91 -7.46 1.05
C ARG D 18 -35.48 -6.65 2.25
N VAL D 19 -35.50 -5.33 2.10
CA VAL D 19 -35.10 -4.42 3.13
C VAL D 19 -36.30 -3.65 3.63
N ASP D 20 -36.15 -2.94 4.74
CA ASP D 20 -37.23 -2.13 5.27
C ASP D 20 -36.84 -0.68 5.05
N PHE D 21 -37.30 -0.10 3.96
CA PHE D 21 -36.99 1.28 3.64
C PHE D 21 -38.22 2.14 3.89
N ASN D 22 -39.09 1.69 4.77
CA ASN D 22 -40.30 2.46 5.07
C ASN D 22 -39.94 3.59 6.02
N VAL D 23 -39.23 4.57 5.48
CA VAL D 23 -38.78 5.71 6.25
C VAL D 23 -39.85 6.76 6.30
N PRO D 24 -39.85 7.58 7.35
CA PRO D 24 -40.82 8.66 7.55
C PRO D 24 -40.58 9.70 6.48
N VAL D 25 -41.62 10.09 5.77
CA VAL D 25 -41.44 11.09 4.72
C VAL D 25 -42.41 12.22 4.97
N LYS D 26 -42.03 13.43 4.58
CA LYS D 26 -42.89 14.61 4.70
C LYS D 26 -42.64 15.48 3.48
N ASN D 27 -43.71 15.75 2.73
CA ASN D 27 -43.64 16.55 1.52
C ASN D 27 -42.64 15.93 0.58
N GLY D 28 -42.71 14.61 0.47
CA GLY D 28 -41.82 13.88 -0.41
C GLY D 28 -40.37 13.78 0.00
N LYS D 29 -40.06 14.14 1.23
CA LYS D 29 -38.68 14.09 1.67
C LYS D 29 -38.56 13.23 2.87
N ILE D 30 -37.50 12.43 2.90
CA ILE D 30 -37.24 11.56 4.03
C ILE D 30 -36.92 12.47 5.24
N THR D 31 -37.56 12.21 6.38
CA THR D 31 -37.29 13.01 7.56
C THR D 31 -36.39 12.26 8.53
N ASN D 32 -36.25 10.96 8.29
CA ASN D 32 -35.40 10.12 9.11
C ASN D 32 -35.06 8.91 8.29
N ASP D 33 -33.77 8.67 8.12
CA ASP D 33 -33.35 7.53 7.31
C ASP D 33 -32.72 6.42 8.13
N TYR D 34 -33.10 6.32 9.40
CA TYR D 34 -32.56 5.28 10.25
C TYR D 34 -32.74 3.88 9.65
N ARG D 35 -33.89 3.63 9.04
CA ARG D 35 -34.14 2.33 8.48
C ARG D 35 -33.23 2.02 7.34
N ILE D 36 -32.82 3.04 6.61
CA ILE D 36 -31.90 2.87 5.47
C ILE D 36 -30.48 2.64 6.01
N ARG D 37 -30.05 3.50 6.93
CA ARG D 37 -28.72 3.36 7.50
C ARG D 37 -28.60 1.97 8.11
N SER D 38 -29.67 1.47 8.72
CA SER D 38 -29.65 0.16 9.35
C SER D 38 -29.46 -0.99 8.37
N ALA D 39 -29.85 -0.76 7.12
CA ALA D 39 -29.70 -1.76 6.09
C ALA D 39 -28.32 -1.72 5.42
N LEU D 40 -27.54 -0.68 5.66
CA LEU D 40 -26.23 -0.55 5.03
C LEU D 40 -25.27 -1.75 5.15
N PRO D 41 -25.11 -2.34 6.34
CA PRO D 41 -24.21 -3.48 6.55
C PRO D 41 -24.41 -4.66 5.57
N THR D 42 -25.64 -5.13 5.45
CA THR D 42 -25.95 -6.21 4.54
C THR D 42 -25.60 -5.81 3.12
N LEU D 43 -25.95 -4.60 2.69
CA LEU D 43 -25.61 -4.18 1.34
C LEU D 43 -24.09 -4.10 1.19
N LYS D 44 -23.41 -3.68 2.25
CA LYS D 44 -21.96 -3.55 2.21
C LYS D 44 -21.39 -4.92 2.00
N LYS D 45 -21.96 -5.89 2.72
CA LYS D 45 -21.52 -7.27 2.64
C LYS D 45 -21.57 -7.81 1.20
N VAL D 46 -22.75 -7.78 0.57
CA VAL D 46 -22.85 -8.26 -0.79
C VAL D 46 -21.91 -7.52 -1.75
N LEU D 47 -21.80 -6.20 -1.63
CA LEU D 47 -20.93 -5.44 -2.51
C LEU D 47 -19.47 -5.84 -2.30
N THR D 48 -19.09 -6.01 -1.05
CA THR D 48 -17.75 -6.43 -0.68
C THR D 48 -17.45 -7.84 -1.19
N GLU D 49 -18.45 -8.71 -1.16
CA GLU D 49 -18.30 -10.08 -1.62
C GLU D 49 -18.32 -10.22 -3.13
N GLY D 50 -18.59 -9.15 -3.86
CA GLY D 50 -18.62 -9.26 -5.30
C GLY D 50 -19.97 -9.51 -5.93
N GLY D 51 -21.04 -9.28 -5.20
CA GLY D 51 -22.37 -9.46 -5.78
C GLY D 51 -22.99 -8.14 -6.24
N SER D 52 -24.26 -8.17 -6.59
CA SER D 52 -24.98 -6.98 -7.02
C SER D 52 -26.29 -7.04 -6.25
N CYS D 53 -26.90 -5.89 -6.02
CA CYS D 53 -28.12 -5.86 -5.25
C CYS D 53 -29.35 -5.38 -5.99
N VAL D 54 -30.43 -6.13 -5.83
CA VAL D 54 -31.72 -5.75 -6.38
C VAL D 54 -32.59 -5.78 -5.12
N LEU D 55 -32.85 -4.58 -4.62
CA LEU D 55 -33.60 -4.36 -3.40
C LEU D 55 -35.07 -4.21 -3.62
N MET D 56 -35.84 -4.78 -2.71
CA MET D 56 -37.29 -4.69 -2.76
C MET D 56 -37.74 -4.16 -1.40
N SER D 57 -38.67 -3.22 -1.42
CA SER D 57 -39.22 -2.65 -0.19
C SER D 57 -40.56 -1.95 -0.46
N HIS D 58 -41.19 -1.48 0.61
CA HIS D 58 -42.47 -0.79 0.49
C HIS D 58 -42.32 0.48 1.27
N LEU D 59 -43.16 1.45 0.98
CA LEU D 59 -43.11 2.70 1.70
C LEU D 59 -44.58 3.00 1.94
N GLY D 60 -44.91 3.29 3.18
CA GLY D 60 -46.27 3.61 3.54
C GLY D 60 -47.22 2.44 3.41
N ARG D 61 -48.46 2.75 3.06
CA ARG D 61 -49.53 1.77 2.86
C ARG D 61 -50.32 2.23 1.67
N PRO D 62 -49.73 2.10 0.47
CA PRO D 62 -50.41 2.51 -0.76
C PRO D 62 -51.55 1.55 -1.03
N LYS D 63 -52.59 2.03 -1.71
CA LYS D 63 -53.75 1.20 -2.03
C LYS D 63 -53.38 -0.07 -2.75
N GLY D 64 -52.42 0.01 -3.66
CA GLY D 64 -52.05 -1.19 -4.40
C GLY D 64 -53.04 -1.36 -5.53
N ILE D 65 -52.68 -2.14 -6.55
CA ILE D 65 -53.56 -2.35 -7.68
C ILE D 65 -53.34 -3.78 -8.06
N PRO D 66 -54.35 -4.43 -8.67
CA PRO D 66 -54.18 -5.84 -9.05
C PRO D 66 -53.23 -5.94 -10.24
N MET D 67 -52.37 -6.96 -10.24
CA MET D 67 -51.40 -7.19 -11.31
C MET D 67 -52.08 -7.13 -12.68
N ALA D 68 -53.26 -7.74 -12.77
CA ALA D 68 -54.02 -7.76 -14.01
C ALA D 68 -54.21 -6.34 -14.52
N GLN D 69 -54.67 -5.45 -13.65
CA GLN D 69 -54.93 -4.06 -14.04
C GLN D 69 -53.72 -3.26 -14.45
N ALA D 70 -52.56 -3.77 -14.07
CA ALA D 70 -51.28 -3.13 -14.36
C ALA D 70 -50.97 -3.10 -15.85
N GLY D 71 -51.12 -4.24 -16.52
CA GLY D 71 -50.84 -4.37 -17.95
C GLY D 71 -51.35 -3.21 -18.74
N LYS D 72 -52.59 -2.84 -18.46
CA LYS D 72 -53.24 -1.72 -19.13
C LYS D 72 -52.48 -0.42 -18.87
N ILE D 73 -52.17 -0.19 -17.61
CA ILE D 73 -51.47 1.02 -17.21
C ILE D 73 -50.15 1.13 -17.95
N ARG D 74 -49.40 0.04 -17.95
CA ARG D 74 -48.10 0.01 -18.60
C ARG D 74 -48.20 0.29 -20.08
N SER D 75 -49.34 -0.05 -20.68
CA SER D 75 -49.56 0.24 -22.10
C SER D 75 -49.65 1.78 -22.27
N THR D 76 -50.28 2.40 -21.30
CA THR D 76 -50.41 3.84 -21.25
C THR D 76 -49.00 4.44 -20.98
N GLY D 77 -48.18 3.68 -20.26
CA GLY D 77 -46.84 4.15 -19.93
C GLY D 77 -46.77 4.64 -18.49
N GLY D 78 -47.86 4.43 -17.75
CA GLY D 78 -47.90 4.85 -16.36
C GLY D 78 -47.34 3.79 -15.42
N VAL D 79 -47.34 4.09 -14.13
CA VAL D 79 -46.84 3.14 -13.14
C VAL D 79 -47.96 2.57 -12.32
N PRO D 80 -48.19 1.25 -12.44
CA PRO D 80 -49.22 0.49 -11.73
C PRO D 80 -49.29 0.73 -10.22
N GLY D 81 -50.43 1.26 -9.78
CA GLY D 81 -50.66 1.53 -8.36
C GLY D 81 -49.89 2.71 -7.77
N PHE D 82 -49.20 3.47 -8.63
CA PHE D 82 -48.39 4.62 -8.24
C PHE D 82 -49.10 5.65 -7.34
N GLN D 83 -48.42 6.02 -6.27
CA GLN D 83 -48.94 7.00 -5.33
C GLN D 83 -47.73 7.83 -4.93
N GLN D 84 -47.65 9.03 -5.50
CA GLN D 84 -46.56 9.97 -5.27
C GLN D 84 -45.97 9.97 -3.85
N LYS D 85 -46.85 9.90 -2.85
CA LYS D 85 -46.40 9.94 -1.46
C LYS D 85 -45.70 8.68 -0.99
N ALA D 86 -45.81 7.62 -1.76
CA ALA D 86 -45.22 6.37 -1.39
C ALA D 86 -44.15 5.86 -2.32
N THR D 87 -43.58 6.73 -3.15
CA THR D 87 -42.51 6.34 -4.09
C THR D 87 -41.25 6.05 -3.32
N LEU D 88 -40.47 5.09 -3.79
CA LEU D 88 -39.23 4.75 -3.14
C LEU D 88 -38.09 5.53 -3.76
N LYS D 89 -38.42 6.35 -4.73
CA LYS D 89 -37.43 7.15 -5.43
C LYS D 89 -36.53 7.96 -4.51
N PRO D 90 -37.11 8.76 -3.59
CA PRO D 90 -36.21 9.52 -2.72
C PRO D 90 -35.30 8.58 -1.95
N VAL D 91 -35.78 7.37 -1.66
CA VAL D 91 -34.96 6.39 -0.94
C VAL D 91 -33.79 5.94 -1.83
N ALA D 92 -34.05 5.78 -3.11
CA ALA D 92 -33.04 5.35 -4.06
C ALA D 92 -31.93 6.36 -4.05
N LYS D 93 -32.32 7.64 -4.06
CA LYS D 93 -31.38 8.74 -4.07
C LYS D 93 -30.53 8.77 -2.79
N ARG D 94 -31.19 8.63 -1.66
CA ARG D 94 -30.50 8.64 -0.40
C ARG D 94 -29.53 7.49 -0.34
N LEU D 95 -30.04 6.28 -0.61
CA LEU D 95 -29.21 5.09 -0.59
C LEU D 95 -27.97 5.30 -1.42
N SER D 96 -28.12 5.88 -2.59
CA SER D 96 -26.99 6.12 -3.45
C SER D 96 -25.95 7.00 -2.75
N GLU D 97 -26.42 7.99 -1.99
CA GLU D 97 -25.53 8.90 -1.32
C GLU D 97 -24.75 8.23 -0.19
N LEU D 98 -25.43 7.38 0.57
CA LEU D 98 -24.80 6.67 1.69
C LEU D 98 -23.79 5.63 1.22
N LEU D 99 -24.21 4.86 0.23
CA LEU D 99 -23.42 3.78 -0.37
C LEU D 99 -22.25 4.28 -1.20
N LEU D 100 -22.33 5.55 -1.59
CA LEU D 100 -21.28 6.20 -2.36
C LEU D 100 -21.13 5.59 -3.76
N ARG D 101 -22.23 5.12 -4.30
CA ARG D 101 -22.27 4.53 -5.63
C ARG D 101 -23.70 4.69 -6.19
N PRO D 102 -23.85 4.63 -7.50
CA PRO D 102 -25.19 4.78 -8.06
C PRO D 102 -26.11 3.70 -7.59
N VAL D 103 -27.39 4.03 -7.59
CA VAL D 103 -28.42 3.10 -7.22
C VAL D 103 -29.40 3.40 -8.28
N THR D 104 -29.65 2.45 -9.16
CA THR D 104 -30.59 2.70 -10.24
C THR D 104 -31.98 2.28 -9.75
N PHE D 105 -32.90 3.23 -9.87
CA PHE D 105 -34.28 3.09 -9.42
C PHE D 105 -35.21 2.59 -10.52
N ALA D 106 -35.74 1.38 -10.33
CA ALA D 106 -36.67 0.79 -11.28
C ALA D 106 -38.06 1.23 -10.83
N PRO D 107 -38.69 2.14 -11.58
CA PRO D 107 -40.01 2.69 -11.31
C PRO D 107 -41.19 1.72 -11.20
N ASP D 108 -40.98 0.45 -11.52
CA ASP D 108 -42.04 -0.57 -11.46
C ASP D 108 -41.38 -1.90 -11.12
N CYS D 109 -41.68 -2.44 -9.96
CA CYS D 109 -41.06 -3.70 -9.57
C CYS D 109 -41.40 -4.89 -10.42
N LEU D 110 -42.55 -4.85 -11.08
CA LEU D 110 -42.93 -5.97 -11.94
C LEU D 110 -42.58 -5.72 -13.40
N ASN D 111 -41.73 -4.73 -13.65
CA ASN D 111 -41.33 -4.46 -15.02
C ASN D 111 -39.90 -3.95 -15.04
N ALA D 112 -39.02 -4.65 -14.35
CA ALA D 112 -37.64 -4.22 -14.26
C ALA D 112 -36.68 -5.23 -14.82
N ALA D 113 -37.19 -6.20 -15.54
CA ALA D 113 -36.34 -7.23 -16.14
C ALA D 113 -35.15 -6.58 -16.87
N ASP D 114 -35.45 -5.61 -17.70
CA ASP D 114 -34.45 -4.90 -18.47
C ASP D 114 -33.29 -4.40 -17.61
N VAL D 115 -33.61 -3.64 -16.58
CA VAL D 115 -32.61 -3.07 -15.70
C VAL D 115 -31.85 -4.15 -14.96
N VAL D 116 -32.58 -5.12 -14.47
CA VAL D 116 -31.95 -6.18 -13.73
C VAL D 116 -30.99 -6.96 -14.59
N SER D 117 -31.41 -7.32 -15.79
CA SER D 117 -30.55 -8.09 -16.69
C SER D 117 -29.21 -7.39 -16.96
N LYS D 118 -29.23 -6.06 -17.08
CA LYS D 118 -28.01 -5.30 -17.34
C LYS D 118 -27.10 -5.12 -16.13
N MET D 119 -27.50 -5.64 -14.98
CA MET D 119 -26.70 -5.50 -13.79
C MET D 119 -25.41 -6.30 -13.82
N SER D 120 -24.42 -5.81 -13.09
CA SER D 120 -23.10 -6.44 -13.02
C SER D 120 -22.71 -6.31 -11.58
N PRO D 121 -21.71 -7.11 -11.12
CA PRO D 121 -21.28 -7.02 -9.72
C PRO D 121 -20.97 -5.58 -9.34
N GLY D 122 -21.42 -5.20 -8.16
CA GLY D 122 -21.19 -3.84 -7.70
C GLY D 122 -22.41 -2.98 -7.94
N ASP D 123 -23.33 -3.47 -8.75
CA ASP D 123 -24.53 -2.71 -9.04
C ASP D 123 -25.57 -2.83 -7.94
N VAL D 124 -26.35 -1.78 -7.78
CA VAL D 124 -27.44 -1.73 -6.84
C VAL D 124 -28.64 -1.15 -7.57
N VAL D 125 -29.75 -1.86 -7.51
CA VAL D 125 -30.98 -1.45 -8.13
C VAL D 125 -32.07 -1.50 -7.05
N LEU D 126 -32.90 -0.46 -6.98
CA LEU D 126 -33.99 -0.44 -6.01
C LEU D 126 -35.26 -0.43 -6.83
N LEU D 127 -36.14 -1.39 -6.58
CA LEU D 127 -37.40 -1.48 -7.32
C LEU D 127 -38.39 -0.60 -6.64
N GLU D 128 -39.35 -0.13 -7.41
CA GLU D 128 -40.40 0.72 -6.85
C GLU D 128 -41.18 -0.02 -5.76
N ASN D 129 -41.92 0.73 -4.96
CA ASN D 129 -42.73 0.22 -3.87
C ASN D 129 -43.44 -1.06 -4.27
N VAL D 130 -43.10 -2.17 -3.62
CA VAL D 130 -43.73 -3.45 -3.95
C VAL D 130 -45.21 -3.47 -3.60
N ARG D 131 -45.59 -2.60 -2.69
CA ARG D 131 -46.98 -2.52 -2.31
C ARG D 131 -47.83 -1.76 -3.33
N PHE D 132 -47.25 -1.36 -4.45
CA PHE D 132 -48.03 -0.68 -5.47
C PHE D 132 -48.93 -1.75 -6.11
N TYR D 133 -48.65 -3.03 -5.80
CA TYR D 133 -49.39 -4.19 -6.29
C TYR D 133 -50.07 -4.85 -5.12
N LYS D 134 -51.37 -5.08 -5.24
CA LYS D 134 -52.12 -5.70 -4.16
C LYS D 134 -51.67 -7.11 -3.82
N GLU D 135 -51.13 -7.82 -4.81
CA GLU D 135 -50.72 -9.19 -4.57
C GLU D 135 -49.59 -9.33 -3.58
N GLU D 136 -48.78 -8.28 -3.46
CA GLU D 136 -47.66 -8.32 -2.54
C GLU D 136 -48.16 -8.76 -1.16
N GLY D 137 -49.23 -8.11 -0.70
CA GLY D 137 -49.77 -8.44 0.60
C GLY D 137 -51.03 -9.26 0.62
N SER D 138 -51.41 -9.83 -0.52
CA SER D 138 -52.61 -10.65 -0.59
C SER D 138 -52.55 -11.78 0.43
N LYS D 139 -53.73 -12.13 0.93
CA LYS D 139 -53.88 -13.20 1.91
C LYS D 139 -53.93 -14.51 1.12
N LYS D 140 -54.23 -14.38 -0.17
CA LYS D 140 -54.31 -15.53 -1.07
C LYS D 140 -52.92 -15.89 -1.55
N ALA D 141 -52.38 -16.96 -0.98
CA ALA D 141 -51.04 -17.44 -1.32
C ALA D 141 -50.84 -17.54 -2.82
N LYS D 142 -51.90 -17.92 -3.52
CA LYS D 142 -51.83 -18.02 -4.97
C LYS D 142 -51.38 -16.67 -5.56
N ASP D 143 -52.04 -15.60 -5.09
CA ASP D 143 -51.75 -14.24 -5.52
C ASP D 143 -50.32 -13.81 -5.17
N ARG D 144 -49.92 -14.09 -3.93
CA ARG D 144 -48.58 -13.72 -3.50
C ARG D 144 -47.55 -14.39 -4.38
N GLU D 145 -47.73 -15.69 -4.62
CA GLU D 145 -46.80 -16.46 -5.43
C GLU D 145 -46.73 -15.97 -6.87
N ALA D 146 -47.86 -15.50 -7.40
CA ALA D 146 -47.89 -15.02 -8.76
C ALA D 146 -46.87 -13.90 -8.92
N MET D 147 -46.99 -12.93 -8.04
CA MET D 147 -46.09 -11.78 -8.03
C MET D 147 -44.65 -12.24 -7.71
N ALA D 148 -44.52 -13.01 -6.63
CA ALA D 148 -43.23 -13.53 -6.19
C ALA D 148 -42.49 -14.27 -7.31
N LYS D 149 -43.23 -14.92 -8.19
CA LYS D 149 -42.63 -15.65 -9.31
C LYS D 149 -41.80 -14.73 -10.20
N ILE D 150 -42.33 -13.54 -10.46
CA ILE D 150 -41.64 -12.57 -11.30
C ILE D 150 -40.42 -11.99 -10.58
N LEU D 151 -40.61 -11.55 -9.35
CA LEU D 151 -39.52 -10.96 -8.57
C LEU D 151 -38.40 -11.96 -8.43
N ALA D 152 -38.77 -13.20 -8.10
CA ALA D 152 -37.79 -14.26 -7.93
C ALA D 152 -36.94 -14.45 -9.17
N SER D 153 -37.48 -14.06 -10.33
CA SER D 153 -36.73 -14.18 -11.60
C SER D 153 -35.62 -13.15 -11.68
N TYR D 154 -35.67 -12.16 -10.80
CA TYR D 154 -34.67 -11.12 -10.78
C TYR D 154 -33.31 -11.51 -10.25
N GLY D 155 -33.25 -12.44 -9.31
CA GLY D 155 -31.95 -12.80 -8.76
C GLY D 155 -31.68 -14.25 -8.48
N ASP D 156 -30.48 -14.50 -7.99
CA ASP D 156 -30.04 -15.83 -7.66
C ASP D 156 -30.26 -16.13 -6.17
N VAL D 157 -29.58 -15.39 -5.31
CA VAL D 157 -29.67 -15.57 -3.87
C VAL D 157 -30.65 -14.58 -3.24
N TYR D 158 -31.27 -14.97 -2.13
CA TYR D 158 -32.24 -14.14 -1.44
C TYR D 158 -31.91 -14.04 0.02
N ILE D 159 -31.79 -12.81 0.48
CA ILE D 159 -31.56 -12.57 1.89
C ILE D 159 -32.64 -11.55 2.32
N SER D 160 -33.21 -11.80 3.49
CA SER D 160 -34.25 -10.91 4.00
C SER D 160 -33.64 -10.14 5.14
N ASP D 161 -33.90 -8.85 5.17
CA ASP D 161 -33.37 -8.00 6.22
C ASP D 161 -34.51 -7.16 6.79
N ALA D 162 -35.71 -7.38 6.26
CA ALA D 162 -36.88 -6.64 6.67
C ALA D 162 -37.55 -7.22 7.90
N PHE D 163 -36.80 -7.39 8.98
CA PHE D 163 -37.44 -7.86 10.20
C PHE D 163 -38.36 -6.70 10.40
N GLY D 164 -39.61 -6.94 10.70
CA GLY D 164 -40.46 -5.79 10.82
C GLY D 164 -41.53 -5.90 9.78
N THR D 165 -41.30 -6.80 8.83
CA THR D 165 -42.28 -7.11 7.81
C THR D 165 -42.34 -8.64 7.88
N ALA D 166 -41.37 -9.20 8.61
CA ALA D 166 -41.22 -10.63 8.82
C ALA D 166 -42.43 -11.31 9.45
N HIS D 167 -43.24 -10.54 10.18
CA HIS D 167 -44.43 -11.07 10.84
C HIS D 167 -45.54 -11.36 9.85
N ARG D 168 -45.43 -10.74 8.68
CA ARG D 168 -46.43 -10.88 7.62
C ARG D 168 -45.93 -11.76 6.49
N ASP D 169 -46.72 -12.76 6.19
CA ASP D 169 -46.42 -13.65 5.09
C ASP D 169 -46.76 -12.76 3.88
N SER D 170 -45.94 -12.72 2.85
CA SER D 170 -46.21 -11.90 1.67
C SER D 170 -45.33 -12.31 0.54
N ALA D 171 -45.55 -11.68 -0.61
CA ALA D 171 -44.77 -11.97 -1.82
C ALA D 171 -43.27 -11.83 -1.59
N THR D 172 -42.78 -10.62 -1.33
CA THR D 172 -41.34 -10.40 -1.13
C THR D 172 -40.78 -11.04 0.14
N MET D 173 -41.61 -11.17 1.17
CA MET D 173 -41.14 -11.75 2.42
C MET D 173 -41.05 -13.26 2.45
N THR D 174 -42.13 -13.92 2.05
CA THR D 174 -42.19 -15.37 2.08
C THR D 174 -42.23 -16.07 0.73
N GLY D 175 -42.88 -15.44 -0.25
CA GLY D 175 -42.97 -16.02 -1.59
C GLY D 175 -41.62 -16.25 -2.27
N ILE D 176 -40.84 -15.18 -2.47
CA ILE D 176 -39.54 -15.29 -3.15
C ILE D 176 -38.64 -16.41 -2.66
N PRO D 177 -38.35 -16.48 -1.36
CA PRO D 177 -37.46 -17.56 -0.88
C PRO D 177 -38.07 -18.93 -1.16
N LYS D 178 -39.38 -19.03 -0.99
CA LYS D 178 -40.15 -20.24 -1.23
C LYS D 178 -39.94 -20.70 -2.67
N ILE D 179 -40.17 -19.79 -3.61
CA ILE D 179 -39.98 -20.07 -5.02
C ILE D 179 -38.50 -20.24 -5.35
N LEU D 180 -37.63 -19.54 -4.63
CA LEU D 180 -36.20 -19.59 -4.90
C LEU D 180 -35.50 -20.82 -4.36
N GLY D 181 -36.06 -21.42 -3.33
CA GLY D 181 -35.44 -22.57 -2.73
C GLY D 181 -34.28 -22.15 -1.85
N ASN D 182 -34.12 -20.83 -1.65
CA ASN D 182 -33.06 -20.27 -0.81
C ASN D 182 -33.45 -18.96 -0.10
N GLY D 183 -32.85 -18.71 1.05
CA GLY D 183 -33.13 -17.50 1.79
C GLY D 183 -32.38 -17.51 3.10
N ALA D 184 -31.68 -16.41 3.41
CA ALA D 184 -30.92 -16.29 4.65
C ALA D 184 -31.13 -14.89 5.31
N ALA D 185 -30.97 -14.84 6.63
CA ALA D 185 -31.14 -13.59 7.35
C ALA D 185 -29.95 -12.65 7.17
N GLY D 186 -30.27 -11.41 6.81
CA GLY D 186 -29.23 -10.41 6.66
C GLY D 186 -28.87 -9.97 8.06
N TYR D 187 -27.82 -9.19 8.19
CA TYR D 187 -27.37 -8.72 9.49
C TYR D 187 -28.40 -8.00 10.38
N LEU D 188 -29.24 -7.15 9.79
CA LEU D 188 -30.22 -6.43 10.57
C LEU D 188 -31.26 -7.39 11.06
N MET D 189 -31.74 -8.25 10.17
CA MET D 189 -32.73 -9.25 10.52
C MET D 189 -32.19 -10.00 11.73
N GLU D 190 -30.94 -10.43 11.65
CA GLU D 190 -30.30 -11.13 12.74
C GLU D 190 -30.31 -10.27 13.99
N LYS D 191 -29.65 -9.12 13.93
CA LYS D 191 -29.57 -8.19 15.05
C LYS D 191 -30.91 -8.04 15.74
N GLU D 192 -31.97 -7.90 14.95
CA GLU D 192 -33.34 -7.73 15.42
C GLU D 192 -33.92 -9.00 15.99
N ILE D 193 -33.92 -10.06 15.20
CA ILE D 193 -34.41 -11.35 15.64
C ILE D 193 -33.71 -11.68 16.94
N SER D 194 -32.38 -11.72 16.84
CA SER D 194 -31.50 -12.04 17.94
C SER D 194 -31.77 -11.27 19.21
N TYR D 195 -31.94 -9.96 19.08
CA TYR D 195 -32.21 -9.15 20.26
C TYR D 195 -33.54 -9.53 20.88
N PHE D 196 -34.62 -9.23 20.18
CA PHE D 196 -35.95 -9.56 20.66
C PHE D 196 -36.06 -11.01 21.13
N ALA D 197 -35.26 -11.90 20.55
CA ALA D 197 -35.29 -13.31 20.91
C ALA D 197 -34.78 -13.49 22.33
N LYS D 198 -33.45 -13.60 22.45
CA LYS D 198 -32.80 -13.80 23.75
C LYS D 198 -33.28 -12.74 24.78
N VAL D 199 -33.75 -11.59 24.27
CA VAL D 199 -34.24 -10.52 25.11
C VAL D 199 -35.64 -10.82 25.62
N LEU D 200 -36.56 -11.16 24.72
CA LEU D 200 -37.92 -11.49 25.14
C LEU D 200 -38.14 -13.01 25.37
N GLY D 201 -37.18 -13.61 26.04
CA GLY D 201 -37.26 -15.00 26.44
C GLY D 201 -37.75 -14.83 27.87
N ASN D 202 -36.81 -14.54 28.77
CA ASN D 202 -37.12 -14.28 30.18
C ASN D 202 -36.51 -12.90 30.48
N PRO D 203 -37.28 -11.83 30.21
CA PRO D 203 -36.81 -10.46 30.44
C PRO D 203 -36.93 -10.01 31.89
N PRO D 204 -36.15 -9.01 32.28
CA PRO D 204 -36.18 -8.48 33.64
C PRO D 204 -37.52 -7.79 33.82
N ARG D 205 -38.30 -8.21 34.80
CA ARG D 205 -39.58 -7.56 35.01
C ARG D 205 -39.45 -6.67 36.23
N PRO D 206 -40.38 -5.72 36.47
CA PRO D 206 -41.56 -5.40 35.67
C PRO D 206 -41.21 -4.99 34.26
N LEU D 207 -42.09 -5.32 33.34
CA LEU D 207 -41.92 -5.01 31.94
C LEU D 207 -43.03 -4.06 31.61
N VAL D 208 -42.69 -2.85 31.20
CA VAL D 208 -43.70 -1.86 30.83
C VAL D 208 -43.70 -1.66 29.33
N ALA D 209 -44.89 -1.69 28.74
CA ALA D 209 -45.01 -1.47 27.34
C ALA D 209 -45.64 -0.09 27.26
N ILE D 210 -44.97 0.82 26.58
CA ILE D 210 -45.47 2.17 26.39
C ILE D 210 -45.91 2.22 24.94
N VAL D 211 -47.19 2.40 24.69
CA VAL D 211 -47.66 2.47 23.31
C VAL D 211 -48.44 3.74 23.04
N GLY D 212 -48.13 4.37 21.92
CA GLY D 212 -48.79 5.60 21.55
C GLY D 212 -48.81 5.74 20.06
N GLY D 213 -48.64 6.97 19.57
CA GLY D 213 -48.67 7.23 18.15
C GLY D 213 -50.06 7.28 17.58
N ALA D 214 -50.21 6.79 16.36
CA ALA D 214 -51.49 6.76 15.68
C ALA D 214 -51.76 5.32 15.20
N LYS D 215 -52.42 5.15 14.05
CA LYS D 215 -52.73 3.81 13.53
C LYS D 215 -53.47 3.05 14.62
N VAL D 216 -54.30 3.77 15.36
CA VAL D 216 -55.04 3.20 16.46
C VAL D 216 -55.77 1.89 16.16
N SER D 217 -56.61 1.87 15.14
CA SER D 217 -57.37 0.68 14.79
C SER D 217 -56.55 -0.60 14.68
N ASP D 218 -55.35 -0.47 14.14
CA ASP D 218 -54.49 -1.64 13.97
C ASP D 218 -53.73 -1.90 15.24
N LYS D 219 -53.11 -0.85 15.74
CA LYS D 219 -52.28 -0.95 16.91
C LYS D 219 -53.07 -1.44 18.12
N ILE D 220 -54.32 -0.99 18.22
CA ILE D 220 -55.18 -1.34 19.36
C ILE D 220 -55.41 -2.83 19.43
N GLN D 221 -55.45 -3.44 18.27
CA GLN D 221 -55.67 -4.88 18.15
C GLN D 221 -54.44 -5.71 18.57
N LEU D 222 -53.29 -5.06 18.75
CA LEU D 222 -52.09 -5.79 19.12
C LEU D 222 -51.96 -5.82 20.62
N LEU D 223 -52.70 -4.94 21.28
CA LEU D 223 -52.64 -4.85 22.73
C LEU D 223 -53.11 -6.11 23.44
N ASP D 224 -54.23 -6.66 23.01
CA ASP D 224 -54.76 -7.86 23.65
C ASP D 224 -53.72 -8.96 23.75
N ASN D 225 -53.06 -9.23 22.64
CA ASN D 225 -52.05 -10.28 22.60
C ASN D 225 -50.69 -9.99 23.24
N MET D 226 -50.58 -8.90 24.02
CA MET D 226 -49.32 -8.60 24.66
C MET D 226 -49.48 -8.44 26.18
N LEU D 227 -50.73 -8.58 26.64
CA LEU D 227 -51.04 -8.46 28.06
C LEU D 227 -50.39 -9.54 28.91
N GLN D 228 -50.20 -10.69 28.30
CA GLN D 228 -49.61 -11.86 28.95
C GLN D 228 -48.12 -11.63 29.24
N ARG D 229 -47.48 -10.84 28.37
CA ARG D 229 -46.06 -10.55 28.48
C ARG D 229 -45.73 -9.38 29.40
N ILE D 230 -46.57 -8.33 29.35
CA ILE D 230 -46.32 -7.13 30.11
C ILE D 230 -46.88 -7.05 31.51
N ASP D 231 -46.33 -6.12 32.29
CA ASP D 231 -46.75 -5.86 33.67
C ASP D 231 -47.43 -4.49 33.76
N TYR D 232 -46.97 -3.57 32.90
CA TYR D 232 -47.53 -2.23 32.85
C TYR D 232 -47.80 -1.92 31.39
N LEU D 233 -48.85 -1.15 31.16
CA LEU D 233 -49.21 -0.75 29.81
C LEU D 233 -49.52 0.73 29.88
N LEU D 234 -48.55 1.56 29.46
CA LEU D 234 -48.71 3.01 29.45
C LEU D 234 -49.27 3.36 28.09
N ILE D 235 -50.33 4.14 28.05
CA ILE D 235 -50.93 4.50 26.78
C ILE D 235 -50.95 6.00 26.51
N GLY D 236 -50.37 6.41 25.38
CA GLY D 236 -50.33 7.82 25.04
C GLY D 236 -50.67 8.02 23.58
N GLY D 237 -50.33 9.18 23.02
CA GLY D 237 -50.63 9.46 21.63
C GLY D 237 -52.13 9.44 21.37
N ALA D 238 -52.52 9.16 20.12
CA ALA D 238 -53.94 9.12 19.74
C ALA D 238 -54.65 7.93 20.38
N MET D 239 -53.89 6.85 20.54
CA MET D 239 -54.36 5.60 21.14
C MET D 239 -55.19 5.81 22.40
N ALA D 240 -54.76 6.75 23.22
CA ALA D 240 -55.41 7.05 24.49
C ALA D 240 -56.85 7.48 24.39
N TYR D 241 -57.18 8.33 23.42
CA TYR D 241 -58.55 8.82 23.29
C TYR D 241 -59.63 7.78 23.14
N THR D 242 -59.36 6.71 22.41
CA THR D 242 -60.34 5.65 22.28
C THR D 242 -60.58 5.02 23.66
N PHE D 243 -59.50 4.73 24.40
CA PHE D 243 -59.64 4.15 25.73
C PHE D 243 -60.37 5.08 26.69
N LEU D 244 -59.97 6.34 26.71
CA LEU D 244 -60.60 7.31 27.61
C LEU D 244 -62.09 7.46 27.34
N LYS D 245 -62.49 7.51 26.07
CA LYS D 245 -63.90 7.64 25.75
C LYS D 245 -64.65 6.38 26.16
N ALA D 246 -64.03 5.22 25.95
CA ALA D 246 -64.63 3.96 26.32
C ALA D 246 -64.89 3.98 27.83
N GLN D 247 -64.02 4.69 28.55
CA GLN D 247 -64.12 4.83 30.01
C GLN D 247 -65.17 5.86 30.41
N GLY D 248 -65.59 6.68 29.45
CA GLY D 248 -66.61 7.68 29.73
C GLY D 248 -66.15 9.11 29.88
N TYR D 249 -64.96 9.43 29.39
CA TYR D 249 -64.47 10.79 29.49
C TYR D 249 -64.75 11.56 28.22
N SER D 250 -64.62 12.87 28.31
CA SER D 250 -64.81 13.76 27.17
C SER D 250 -63.50 13.75 26.41
N ILE D 251 -63.62 13.46 25.11
CA ILE D 251 -62.49 13.36 24.20
C ILE D 251 -62.37 14.59 23.28
N GLY D 252 -63.35 15.48 23.32
CA GLY D 252 -63.34 16.66 22.47
C GLY D 252 -63.17 16.27 21.00
N LYS D 253 -62.39 17.05 20.25
CA LYS D 253 -62.11 16.76 18.85
C LYS D 253 -60.88 15.87 18.69
N SER D 254 -60.54 15.11 19.72
CA SER D 254 -59.38 14.25 19.64
C SER D 254 -59.61 13.00 18.81
N LYS D 255 -58.52 12.48 18.26
CA LYS D 255 -58.55 11.28 17.43
C LYS D 255 -59.15 10.12 18.21
N CYS D 256 -60.13 9.43 17.61
CA CYS D 256 -60.77 8.32 18.28
C CYS D 256 -61.34 7.25 17.35
N GLU D 257 -61.20 5.99 17.74
CA GLU D 257 -61.75 4.90 16.95
C GLU D 257 -63.12 4.59 17.55
N GLU D 258 -64.09 5.40 17.18
CA GLU D 258 -65.47 5.26 17.67
C GLU D 258 -66.00 3.83 17.57
N SER D 259 -65.48 3.08 16.59
CA SER D 259 -65.86 1.69 16.36
C SER D 259 -64.97 0.71 17.15
N LYS D 260 -64.29 1.21 18.18
CA LYS D 260 -63.43 0.37 18.99
C LYS D 260 -63.72 0.51 20.48
N LEU D 261 -64.66 1.38 20.84
CA LEU D 261 -64.98 1.64 22.26
C LEU D 261 -65.25 0.40 23.11
N GLU D 262 -66.07 -0.52 22.60
CA GLU D 262 -66.35 -1.75 23.35
C GLU D 262 -65.08 -2.58 23.42
N PHE D 263 -64.31 -2.57 22.32
CA PHE D 263 -63.05 -3.30 22.22
C PHE D 263 -62.09 -2.81 23.29
N ALA D 264 -62.01 -1.49 23.42
CA ALA D 264 -61.15 -0.83 24.39
C ALA D 264 -61.55 -1.34 25.78
N ARG D 265 -62.85 -1.31 26.05
CA ARG D 265 -63.38 -1.76 27.34
C ARG D 265 -63.04 -3.20 27.69
N SER D 266 -63.20 -4.09 26.70
CA SER D 266 -62.92 -5.50 26.89
C SER D 266 -61.44 -5.72 27.13
N LEU D 267 -60.62 -4.96 26.42
CA LEU D 267 -59.18 -5.06 26.55
C LEU D 267 -58.74 -4.65 27.97
N LEU D 268 -59.42 -3.65 28.52
CA LEU D 268 -59.11 -3.18 29.86
C LEU D 268 -59.47 -4.27 30.84
N LYS D 269 -60.57 -4.98 30.56
CA LYS D 269 -60.99 -6.08 31.41
C LYS D 269 -59.88 -7.14 31.43
N LYS D 270 -59.50 -7.60 30.24
CA LYS D 270 -58.45 -8.60 30.08
C LYS D 270 -57.17 -8.14 30.75
N ALA D 271 -56.84 -6.87 30.57
CA ALA D 271 -55.64 -6.34 31.18
C ALA D 271 -55.64 -6.64 32.68
N GLU D 272 -56.75 -6.33 33.35
CA GLU D 272 -56.89 -6.59 34.78
C GLU D 272 -56.70 -8.07 35.05
N ASP D 273 -57.44 -8.89 34.30
CA ASP D 273 -57.38 -10.33 34.45
C ASP D 273 -55.96 -10.89 34.26
N ARG D 274 -55.22 -10.29 33.32
CA ARG D 274 -53.87 -10.76 33.02
C ARG D 274 -52.82 -10.14 33.92
N LYS D 275 -53.28 -9.42 34.94
CA LYS D 275 -52.37 -8.77 35.87
C LYS D 275 -51.45 -7.72 35.18
N VAL D 276 -52.07 -6.83 34.41
CA VAL D 276 -51.38 -5.77 33.70
C VAL D 276 -51.95 -4.43 34.18
N GLN D 277 -51.10 -3.58 34.75
CA GLN D 277 -51.56 -2.29 35.23
C GLN D 277 -51.53 -1.34 34.05
N VAL D 278 -52.69 -1.10 33.48
CA VAL D 278 -52.80 -0.19 32.35
C VAL D 278 -52.95 1.21 32.92
N ILE D 279 -52.24 2.17 32.36
CA ILE D 279 -52.35 3.55 32.82
C ILE D 279 -52.61 4.43 31.60
N LEU D 280 -53.57 5.33 31.71
CA LEU D 280 -53.91 6.22 30.61
C LEU D 280 -53.64 7.63 31.06
N PRO D 281 -53.73 8.59 30.15
CA PRO D 281 -53.49 9.97 30.50
C PRO D 281 -54.39 10.45 31.61
N ILE D 282 -53.79 11.21 32.51
CA ILE D 282 -54.43 11.82 33.65
C ILE D 282 -54.86 13.23 33.23
N ASP D 283 -54.01 13.91 32.46
CA ASP D 283 -54.27 15.25 31.94
C ASP D 283 -53.78 15.29 30.50
N HIS D 284 -54.10 16.37 29.79
CA HIS D 284 -53.71 16.49 28.40
C HIS D 284 -53.22 17.89 28.07
N VAL D 285 -52.59 18.03 26.91
CA VAL D 285 -52.14 19.30 26.37
C VAL D 285 -53.06 19.37 25.13
N CYS D 286 -53.85 20.42 25.00
CA CYS D 286 -54.81 20.53 23.92
C CYS D 286 -54.78 21.84 23.23
N HIS D 287 -55.56 21.88 22.16
CA HIS D 287 -55.72 23.07 21.35
C HIS D 287 -56.94 22.91 20.49
N THR D 288 -57.47 24.05 20.05
CA THR D 288 -58.66 24.12 19.23
C THR D 288 -58.39 23.63 17.82
N GLU D 289 -57.13 23.58 17.44
CA GLU D 289 -56.76 23.13 16.10
C GLU D 289 -55.41 22.46 16.13
N PHE D 290 -55.17 21.60 15.14
CA PHE D 290 -53.93 20.86 15.00
C PHE D 290 -52.85 21.83 14.55
N LYS D 291 -52.52 22.78 15.42
CA LYS D 291 -51.51 23.77 15.15
C LYS D 291 -50.79 24.02 16.43
N ALA D 292 -49.48 24.22 16.32
CA ALA D 292 -48.67 24.47 17.49
C ALA D 292 -48.99 25.86 18.02
N VAL D 293 -48.87 26.03 19.32
CA VAL D 293 -49.13 27.32 19.92
C VAL D 293 -48.37 27.35 21.22
N ASP D 294 -47.61 28.41 21.43
CA ASP D 294 -46.86 28.53 22.66
C ASP D 294 -47.94 28.57 23.71
N SER D 295 -47.77 27.79 24.77
CA SER D 295 -48.76 27.77 25.84
C SER D 295 -50.19 27.35 25.41
N PRO D 296 -50.38 26.07 25.06
CA PRO D 296 -51.70 25.60 24.66
C PRO D 296 -52.49 25.23 25.94
N LEU D 297 -53.72 24.76 25.78
CA LEU D 297 -54.54 24.41 26.95
C LEU D 297 -54.10 23.12 27.60
N ILE D 298 -53.83 23.16 28.89
CA ILE D 298 -53.47 21.95 29.62
C ILE D 298 -54.59 21.64 30.65
N THR D 299 -55.29 20.53 30.44
CA THR D 299 -56.39 20.12 31.29
C THR D 299 -55.97 19.59 32.66
N GLU D 300 -56.95 19.44 33.55
CA GLU D 300 -56.73 18.93 34.89
C GLU D 300 -57.25 17.53 34.95
N ASP D 301 -58.28 17.27 34.15
CA ASP D 301 -58.94 15.98 34.08
C ASP D 301 -58.49 15.21 32.88
N GLN D 302 -59.09 14.04 32.74
CA GLN D 302 -58.86 13.16 31.62
C GLN D 302 -59.80 13.67 30.53
N ASN D 303 -60.74 14.53 30.94
CA ASN D 303 -61.75 15.10 30.05
C ASN D 303 -61.19 16.23 29.22
N ILE D 304 -61.56 16.25 27.95
CA ILE D 304 -61.08 17.24 27.00
C ILE D 304 -62.28 18.07 26.57
N PRO D 305 -62.16 19.41 26.63
CA PRO D 305 -63.23 20.35 26.24
C PRO D 305 -63.66 20.08 24.80
N GLU D 306 -64.97 20.09 24.57
CA GLU D 306 -65.59 19.83 23.25
C GLU D 306 -64.90 20.43 22.05
N GLY D 307 -64.47 21.68 22.20
CA GLY D 307 -63.82 22.35 21.09
C GLY D 307 -62.33 22.10 20.92
N HIS D 308 -61.75 21.33 21.83
CA HIS D 308 -60.34 21.03 21.80
C HIS D 308 -60.01 19.61 21.39
N MET D 309 -58.75 19.41 21.03
CA MET D 309 -58.23 18.10 20.66
C MET D 309 -56.93 17.98 21.45
N ALA D 310 -56.77 16.87 22.16
CA ALA D 310 -55.57 16.65 22.94
C ALA D 310 -54.45 16.26 21.96
N LEU D 311 -53.33 16.98 22.05
CA LEU D 311 -52.20 16.77 21.18
C LEU D 311 -50.93 16.21 21.86
N ASP D 312 -50.98 16.03 23.17
CA ASP D 312 -49.87 15.48 23.93
C ASP D 312 -50.37 15.14 25.32
N ILE D 313 -49.65 14.28 26.00
CA ILE D 313 -50.00 13.92 27.35
C ILE D 313 -49.61 15.13 28.23
N GLY D 314 -50.33 15.33 29.33
CA GLY D 314 -50.04 16.45 30.19
C GLY D 314 -48.94 16.18 31.21
N PRO D 315 -48.51 17.19 31.97
CA PRO D 315 -47.46 17.08 32.97
C PRO D 315 -47.67 16.00 34.02
N LYS D 316 -48.88 15.90 34.55
CA LYS D 316 -49.15 14.89 35.55
C LYS D 316 -49.01 13.50 34.96
N THR D 317 -49.38 13.36 33.70
CA THR D 317 -49.28 12.08 33.03
C THR D 317 -47.80 11.74 32.80
N ILE D 318 -47.04 12.74 32.39
CA ILE D 318 -45.63 12.55 32.15
C ILE D 318 -44.98 12.08 33.43
N GLU D 319 -45.38 12.67 34.55
CA GLU D 319 -44.83 12.29 35.84
C GLU D 319 -45.12 10.83 36.20
N LYS D 320 -46.37 10.41 36.05
CA LYS D 320 -46.72 9.04 36.36
C LYS D 320 -45.98 8.08 35.46
N TYR D 321 -46.03 8.32 34.14
CA TYR D 321 -45.36 7.47 33.16
C TYR D 321 -43.88 7.38 33.41
N VAL D 322 -43.23 8.51 33.64
CA VAL D 322 -41.81 8.49 33.93
C VAL D 322 -41.53 7.71 35.22
N GLN D 323 -42.36 7.94 36.23
CA GLN D 323 -42.26 7.28 37.52
C GLN D 323 -42.41 5.77 37.35
N THR D 324 -43.46 5.32 36.68
CA THR D 324 -43.62 3.90 36.50
C THR D 324 -42.49 3.27 35.67
N ILE D 325 -41.98 3.96 34.65
CA ILE D 325 -40.87 3.41 33.85
C ILE D 325 -39.68 3.21 34.79
N GLY D 326 -39.59 4.07 35.81
CA GLY D 326 -38.53 3.95 36.79
C GLY D 326 -38.72 2.71 37.65
N LYS D 327 -39.95 2.20 37.74
CA LYS D 327 -40.26 1.01 38.53
C LYS D 327 -39.98 -0.28 37.76
N CYS D 328 -39.59 -0.17 36.49
CA CYS D 328 -39.37 -1.37 35.68
C CYS D 328 -37.93 -1.74 35.40
N LYS D 329 -37.77 -2.94 34.87
CA LYS D 329 -36.47 -3.47 34.51
C LYS D 329 -36.39 -3.70 33.00
N SER D 330 -37.55 -3.61 32.35
CA SER D 330 -37.66 -3.75 30.90
C SER D 330 -38.70 -2.74 30.41
N ALA D 331 -38.42 -2.10 29.27
CA ALA D 331 -39.33 -1.13 28.72
C ALA D 331 -39.33 -1.25 27.22
N ILE D 332 -40.51 -1.39 26.65
CA ILE D 332 -40.66 -1.48 25.20
C ILE D 332 -41.59 -0.33 24.84
N TRP D 333 -41.12 0.58 24.00
CA TRP D 333 -41.88 1.75 23.57
C TRP D 333 -42.11 1.85 22.08
N ASN D 334 -43.36 2.13 21.71
CA ASN D 334 -43.73 2.32 20.33
C ASN D 334 -44.79 3.39 20.20
N GLY D 335 -44.44 4.48 19.51
CA GLY D 335 -45.39 5.56 19.27
C GLY D 335 -45.19 6.78 20.13
N PRO D 336 -45.05 7.97 19.52
CA PRO D 336 -44.87 9.21 20.26
C PRO D 336 -46.08 9.45 21.19
N MET D 337 -45.83 10.06 22.35
CA MET D 337 -46.90 10.32 23.28
C MET D 337 -47.79 11.46 22.83
N GLY D 338 -47.31 12.21 21.86
CA GLY D 338 -48.06 13.33 21.34
C GLY D 338 -47.52 13.72 19.97
N VAL D 339 -47.97 14.86 19.46
CA VAL D 339 -47.52 15.33 18.16
C VAL D 339 -46.16 16.00 18.37
N PHE D 340 -45.16 15.16 18.63
CA PHE D 340 -43.79 15.62 18.90
C PHE D 340 -43.17 16.53 17.85
N GLU D 341 -43.75 16.50 16.67
CA GLU D 341 -43.27 17.31 15.58
C GLU D 341 -43.45 18.78 15.91
N MET D 342 -44.39 19.09 16.79
CA MET D 342 -44.62 20.48 17.19
C MET D 342 -44.08 20.66 18.60
N VAL D 343 -43.21 21.65 18.78
CA VAL D 343 -42.60 21.91 20.08
C VAL D 343 -43.55 21.86 21.31
N PRO D 344 -44.68 22.58 21.26
CA PRO D 344 -45.57 22.54 22.42
C PRO D 344 -46.19 21.16 22.75
N TYR D 345 -46.22 20.26 21.76
CA TYR D 345 -46.78 18.94 21.97
C TYR D 345 -45.72 17.85 21.96
N SER D 346 -44.47 18.21 22.24
CA SER D 346 -43.40 17.22 22.21
C SER D 346 -42.94 16.76 23.58
N LYS D 347 -43.29 17.49 24.63
CA LYS D 347 -42.87 17.15 25.98
C LYS D 347 -43.07 15.71 26.43
N GLY D 348 -44.24 15.15 26.17
CA GLY D 348 -44.48 13.78 26.57
C GLY D 348 -43.54 12.76 25.93
N THR D 349 -43.36 12.89 24.63
CA THR D 349 -42.52 11.97 23.90
C THR D 349 -41.08 12.02 24.33
N PHE D 350 -40.56 13.22 24.50
CA PHE D 350 -39.19 13.37 24.91
C PHE D 350 -39.00 12.95 26.35
N ALA D 351 -40.04 13.08 27.16
CA ALA D 351 -39.97 12.70 28.57
C ALA D 351 -39.78 11.22 28.69
N ILE D 352 -40.57 10.48 27.94
CA ILE D 352 -40.47 9.04 27.92
C ILE D 352 -39.09 8.64 27.37
N ALA D 353 -38.67 9.30 26.30
CA ALA D 353 -37.38 9.00 25.71
C ALA D 353 -36.28 9.18 26.76
N LYS D 354 -36.33 10.31 27.44
CA LYS D 354 -35.35 10.63 28.46
C LYS D 354 -35.29 9.62 29.58
N ALA D 355 -36.46 9.20 30.05
CA ALA D 355 -36.53 8.24 31.14
C ALA D 355 -35.99 6.88 30.73
N MET D 356 -36.31 6.44 29.52
CA MET D 356 -35.85 5.15 29.04
C MET D 356 -34.34 5.18 28.88
N GLY D 357 -33.82 6.32 28.45
CA GLY D 357 -32.38 6.43 28.29
C GLY D 357 -31.71 6.48 29.65
N ARG D 358 -32.13 7.42 30.47
CA ARG D 358 -31.57 7.55 31.80
C ARG D 358 -31.59 6.19 32.51
N GLY D 359 -32.72 5.50 32.42
CA GLY D 359 -32.88 4.20 33.06
C GLY D 359 -31.85 3.17 32.69
N THR D 360 -31.65 2.97 31.39
CA THR D 360 -30.67 2.01 30.91
C THR D 360 -29.32 2.49 31.36
N HIS D 361 -29.07 3.76 31.13
CA HIS D 361 -27.81 4.34 31.49
C HIS D 361 -27.52 4.21 32.98
N GLU D 362 -28.34 4.87 33.77
CA GLU D 362 -28.19 4.87 35.20
C GLU D 362 -28.42 3.57 35.92
N HIS D 363 -29.54 2.92 35.63
CA HIS D 363 -29.93 1.69 36.34
C HIS D 363 -29.98 0.36 35.58
N GLY D 364 -29.39 0.29 34.40
CA GLY D 364 -29.41 -0.96 33.66
C GLY D 364 -30.69 -1.42 32.97
N LEU D 365 -31.74 -0.60 33.00
CA LEU D 365 -32.99 -0.97 32.36
C LEU D 365 -32.78 -1.48 30.93
N MET D 366 -33.53 -2.50 30.53
CA MET D 366 -33.42 -3.02 29.17
C MET D 366 -34.45 -2.22 28.37
N SER D 367 -34.00 -1.17 27.71
CA SER D 367 -34.88 -0.31 26.95
C SER D 367 -34.89 -0.69 25.49
N ILE D 368 -36.08 -0.76 24.90
CA ILE D 368 -36.26 -1.12 23.50
C ILE D 368 -37.26 -0.16 22.89
N ILE D 369 -36.89 0.42 21.75
CA ILE D 369 -37.74 1.37 21.05
C ILE D 369 -38.03 0.86 19.64
N GLY D 370 -39.19 1.19 19.10
CA GLY D 370 -39.54 0.76 17.76
C GLY D 370 -40.45 1.80 17.14
N GLY D 371 -40.50 1.86 15.81
CA GLY D 371 -41.34 2.84 15.15
C GLY D 371 -40.54 3.97 14.52
N GLY D 372 -40.81 4.24 13.24
CA GLY D 372 -40.10 5.28 12.53
C GLY D 372 -40.11 6.64 13.18
N ASP D 373 -41.29 7.09 13.59
CA ASP D 373 -41.40 8.39 14.23
C ASP D 373 -40.79 8.38 15.62
N SER D 374 -40.90 7.24 16.30
CA SER D 374 -40.37 7.07 17.64
C SER D 374 -38.86 7.13 17.58
N ALA D 375 -38.30 6.47 16.59
CA ALA D 375 -36.86 6.48 16.41
C ALA D 375 -36.47 7.93 16.11
N SER D 376 -37.29 8.65 15.35
CA SER D 376 -37.05 10.05 14.99
C SER D 376 -36.93 10.89 16.23
N ALA D 377 -37.86 10.65 17.16
CA ALA D 377 -37.89 11.40 18.42
C ALA D 377 -36.70 11.05 19.26
N ALA D 378 -36.33 9.78 19.29
CA ALA D 378 -35.21 9.33 20.08
C ALA D 378 -33.90 9.97 19.62
N GLU D 379 -33.69 10.03 18.32
CA GLU D 379 -32.48 10.62 17.73
C GLU D 379 -32.45 12.12 17.89
N LEU D 380 -33.60 12.75 17.77
CA LEU D 380 -33.72 14.19 17.95
C LEU D 380 -33.27 14.59 19.37
N SER D 381 -33.56 13.77 20.38
CA SER D 381 -33.20 14.07 21.75
C SER D 381 -31.92 13.42 22.22
N GLY D 382 -31.25 12.73 21.32
CA GLY D 382 -30.01 12.06 21.68
C GLY D 382 -30.15 10.82 22.56
N GLU D 383 -31.38 10.29 22.66
CA GLU D 383 -31.64 9.10 23.47
C GLU D 383 -31.56 7.76 22.77
N ALA D 384 -31.67 7.75 21.45
CA ALA D 384 -31.65 6.51 20.71
C ALA D 384 -30.46 5.71 21.13
N LYS D 385 -29.30 6.38 21.13
CA LYS D 385 -28.01 5.77 21.45
C LYS D 385 -27.92 5.26 22.88
N ARG D 386 -28.77 5.78 23.76
CA ARG D 386 -28.77 5.35 25.14
C ARG D 386 -29.70 4.18 25.39
N MET D 387 -30.52 3.84 24.39
CA MET D 387 -31.47 2.72 24.45
C MET D 387 -30.76 1.39 24.29
N SER D 388 -31.25 0.34 24.94
CA SER D 388 -30.60 -0.96 24.80
C SER D 388 -30.61 -1.34 23.33
N HIS D 389 -31.70 -1.00 22.65
CA HIS D 389 -31.81 -1.33 21.24
C HIS D 389 -32.99 -0.59 20.66
N VAL D 390 -32.82 -0.05 19.46
CA VAL D 390 -33.93 0.61 18.83
C VAL D 390 -34.18 -0.18 17.56
N SER D 391 -35.28 -0.91 17.59
CA SER D 391 -35.70 -1.75 16.50
C SER D 391 -36.07 -0.93 15.28
N THR D 392 -36.00 -1.55 14.11
CA THR D 392 -36.40 -0.87 12.92
C THR D 392 -37.84 -1.33 12.67
N GLY D 393 -38.39 -2.06 13.62
CA GLY D 393 -39.77 -2.47 13.47
C GLY D 393 -40.68 -1.59 14.33
N GLY D 394 -41.83 -1.22 13.78
CA GLY D 394 -42.82 -0.43 14.52
C GLY D 394 -43.73 -1.49 15.15
N GLY D 395 -44.96 -1.62 14.65
CA GLY D 395 -45.87 -2.66 15.14
C GLY D 395 -45.44 -4.10 14.76
N ALA D 396 -44.15 -4.33 14.61
CA ALA D 396 -43.66 -5.64 14.29
C ALA D 396 -43.52 -6.13 15.68
N SER D 397 -42.56 -5.53 16.39
CA SER D 397 -42.28 -5.88 17.79
C SER D 397 -43.60 -5.97 18.58
N LEU D 398 -44.61 -5.18 18.18
CA LEU D 398 -45.87 -5.25 18.90
C LEU D 398 -46.49 -6.60 18.63
N GLU D 399 -46.61 -6.97 17.37
CA GLU D 399 -47.22 -8.27 17.09
C GLU D 399 -46.30 -9.44 17.50
N LEU D 400 -44.99 -9.24 17.42
CA LEU D 400 -44.07 -10.27 17.80
C LEU D 400 -44.34 -10.64 19.25
N LEU D 401 -44.54 -9.61 20.07
CA LEU D 401 -44.82 -9.75 21.50
C LEU D 401 -45.84 -10.84 21.84
N GLU D 402 -46.67 -11.18 20.86
CA GLU D 402 -47.68 -12.21 21.05
C GLU D 402 -47.02 -13.51 21.39
N GLY D 403 -45.98 -13.83 20.62
CA GLY D 403 -45.26 -15.05 20.87
C GLY D 403 -45.13 -15.87 19.61
N LYS D 404 -46.05 -15.64 18.67
CA LYS D 404 -46.03 -16.36 17.40
C LYS D 404 -44.68 -16.17 16.65
N THR D 405 -44.30 -17.17 15.87
CA THR D 405 -43.05 -17.09 15.10
C THR D 405 -43.31 -16.30 13.82
N LEU D 406 -42.27 -15.58 13.39
CA LEU D 406 -42.33 -14.75 12.19
C LEU D 406 -42.21 -15.52 10.87
N PRO D 407 -43.27 -15.50 10.03
CA PRO D 407 -43.21 -16.22 8.75
C PRO D 407 -42.00 -15.84 7.90
N GLY D 408 -41.65 -14.56 7.90
CA GLY D 408 -40.52 -14.08 7.14
C GLY D 408 -39.25 -14.70 7.67
N VAL D 409 -39.22 -14.95 8.96
CA VAL D 409 -38.04 -15.55 9.53
C VAL D 409 -38.11 -17.02 9.22
N THR D 410 -39.24 -17.61 9.54
CA THR D 410 -39.45 -19.02 9.32
C THR D 410 -39.04 -19.50 7.91
N VAL D 411 -39.50 -18.77 6.90
CA VAL D 411 -39.24 -19.14 5.51
C VAL D 411 -37.76 -19.25 5.19
N LEU D 412 -36.91 -18.64 6.00
CA LEU D 412 -35.48 -18.67 5.77
C LEU D 412 -34.87 -20.05 6.05
N ASP D 413 -33.85 -20.41 5.27
CA ASP D 413 -33.17 -21.69 5.41
C ASP D 413 -32.53 -21.73 6.78
N ASP D 414 -33.13 -22.50 7.68
CA ASP D 414 -32.60 -22.58 9.03
C ASP D 414 -31.40 -23.52 9.11
N LYS D 415 -30.20 -22.98 8.90
CA LYS D 415 -28.99 -23.80 8.96
C LYS D 415 -27.98 -23.26 9.97
#